data_9IRQ
#
_entry.id   9IRQ
#
_cell.length_a   87.108
_cell.length_b   90.421
_cell.length_c   88.287
_cell.angle_alpha   90.00
_cell.angle_beta   110.01
_cell.angle_gamma   90.00
#
_symmetry.space_group_name_H-M   'P 1 21 1'
#
loop_
_entity.id
_entity.type
_entity.pdbx_description
1 polymer 'Alginate lyase AlgL17'
2 non-polymer 'ZINC ION'
3 water water
#
_entity_poly.entity_id   1
_entity_poly.type   'polypeptide(L)'
_entity_poly.pdbx_seq_one_letter_code
;HPNLVIDAADVDAMQGAVAKPGRFRSAFLASKSAVDHALQVPLAVPVPTDAGGGYTHEQHKKNYQLMYNAGVLYQITEDP
KYAERVRDMLLAYADLYPTLPLHPKRRPGAENPGKLFWQSLNEAVWLVYTIQAYDLIRPSLSNAEAEKIEQGALRPVAKF
LSVESPATFNKVHNHGTWLTAGVGMAGYVLDEPEWVEQALLDLDKSGKGGFLRQLNTLFSPDGYYNEGPYYQRYALMPFV
TFAKAIENNEPERGIFKYRDGIVMKAIDTTIQLSYNNLFFPINDAIKSKGIDTSELVLGVTIAYGESGNPQLLDIADRQH
QILLSGDGLKVAQGLDAGALQPYPFKSFAFRDGKDGDEGALVVLRQQTDGDQALVFKPAAQGMGHGHFDKLTWQFYDRGE
EIVTDYGAARFLNVEAKNGGRYLQENETWAKQTIAHNTVVVDETSHFDNNLKIANRNHPELLFFHADDQVKISAAEIDSA
YPGVSLKRTLALVNNPESGNSFAIDVFGVESSQKHQLDLPLHYNGQLVDTNFRLQGFTDSLKALGTNNGYQHLWLKARGK
PDSGLAQVTWLNDNGRFYTQSSLVDGKTELLFTELGANDPNFNLRSEKGFIARRNGARSHTFVSVLEPHGEYNPSKEFTL
EAESQVQALQHRQAGDLELIAIGIKNGATQLLAYNRSSNVPEELENIFEYDGRKYQFTGRAKLFQIT
;
_entity_poly.pdbx_strand_id   A,B
#
# COMPACT_ATOMS: atom_id res chain seq x y z
N HIS A 1 -35.93 27.28 -12.89
CA HIS A 1 -34.99 28.40 -12.70
C HIS A 1 -33.56 27.96 -12.89
N PRO A 2 -33.12 26.69 -12.77
CA PRO A 2 -31.71 26.41 -12.83
C PRO A 2 -31.14 26.96 -14.14
N ASN A 3 -30.15 27.85 -14.06
CA ASN A 3 -29.46 28.27 -15.30
C ASN A 3 -27.96 28.51 -15.05
N LEU A 4 -27.25 27.50 -14.56
CA LEU A 4 -25.79 27.63 -14.38
C LEU A 4 -25.13 26.44 -15.05
N VAL A 5 -24.51 25.54 -14.29
CA VAL A 5 -24.00 24.30 -14.89
C VAL A 5 -25.22 23.51 -15.33
N ILE A 6 -26.24 23.51 -14.47
CA ILE A 6 -27.52 22.79 -14.76
C ILE A 6 -28.55 23.81 -15.23
N ASP A 7 -29.21 23.52 -16.35
CA ASP A 7 -30.31 24.34 -16.85
C ASP A 7 -31.56 23.47 -16.93
N ALA A 8 -32.67 24.06 -17.35
CA ALA A 8 -33.93 23.33 -17.31
C ALA A 8 -33.92 22.17 -18.29
N ALA A 9 -33.24 22.35 -19.44
CA ALA A 9 -33.06 21.27 -20.39
C ALA A 9 -32.42 20.06 -19.73
N ASP A 10 -31.35 20.28 -18.98
CA ASP A 10 -30.72 19.20 -18.23
C ASP A 10 -31.73 18.53 -17.31
N VAL A 11 -32.49 19.33 -16.55
CA VAL A 11 -33.41 18.78 -15.56
C VAL A 11 -34.42 17.85 -16.21
N ASP A 12 -34.99 18.28 -17.33
CA ASP A 12 -35.96 17.48 -18.06
C ASP A 12 -35.35 16.14 -18.50
N ALA A 13 -34.17 16.18 -19.12
CA ALA A 13 -33.52 14.95 -19.55
C ALA A 13 -33.26 14.03 -18.38
N MET A 14 -32.78 14.58 -17.26
CA MET A 14 -32.58 13.73 -16.08
C MET A 14 -33.87 13.07 -15.63
N GLN A 15 -34.99 13.81 -15.64
CA GLN A 15 -36.24 13.27 -15.11
C GLN A 15 -36.68 12.01 -15.87
N GLY A 16 -36.55 12.02 -17.19
CA GLY A 16 -36.91 10.84 -17.96
C GLY A 16 -35.92 9.69 -17.80
N ALA A 17 -34.65 10.02 -17.56
CA ALA A 17 -33.64 8.98 -17.42
C ALA A 17 -33.67 8.28 -16.07
N VAL A 18 -34.20 8.92 -15.02
CA VAL A 18 -34.20 8.25 -13.72
C VAL A 18 -35.21 7.12 -13.65
N ALA A 19 -36.17 7.05 -14.56
CA ALA A 19 -37.06 5.90 -14.57
C ALA A 19 -36.40 4.69 -15.22
N LYS A 20 -35.73 4.89 -16.36
CA LYS A 20 -35.10 3.77 -17.07
C LYS A 20 -33.91 3.25 -16.28
N PRO A 21 -33.72 1.93 -16.23
CA PRO A 21 -32.55 1.38 -15.53
C PRO A 21 -31.25 1.67 -16.27
N GLY A 22 -30.17 1.71 -15.50
CA GLY A 22 -28.88 2.08 -16.05
C GLY A 22 -28.07 2.88 -15.04
N ARG A 23 -26.90 3.35 -15.51
CA ARG A 23 -25.92 3.97 -14.61
C ARG A 23 -26.48 5.24 -13.96
N PHE A 24 -27.24 6.02 -14.70
CA PHE A 24 -27.79 7.25 -14.13
C PHE A 24 -28.76 6.94 -13.01
N ARG A 25 -29.73 6.06 -13.27
CA ARG A 25 -30.74 5.74 -12.26
C ARG A 25 -30.09 5.24 -10.98
N SER A 26 -29.06 4.40 -11.12
CA SER A 26 -28.36 3.88 -9.95
C SER A 26 -27.67 5.00 -9.16
N ALA A 27 -27.10 5.99 -9.87
CA ALA A 27 -26.46 7.14 -9.22
C ALA A 27 -27.50 8.00 -8.52
N PHE A 28 -28.57 8.34 -9.22
CA PHE A 28 -29.71 9.02 -8.62
C PHE A 28 -30.16 8.33 -7.33
N LEU A 29 -30.46 7.03 -7.41
CA LEU A 29 -30.94 6.33 -6.23
C LEU A 29 -29.93 6.41 -5.08
N ALA A 30 -28.64 6.28 -5.39
CA ALA A 30 -27.62 6.36 -4.34
C ALA A 30 -27.54 7.76 -3.74
N SER A 31 -27.71 8.79 -4.56
CA SER A 31 -27.72 10.14 -4.03
C SER A 31 -28.97 10.39 -3.20
N LYS A 32 -30.15 10.04 -3.75
CA LYS A 32 -31.39 10.21 -3.01
C LYS A 32 -31.32 9.52 -1.65
N SER A 33 -30.68 8.35 -1.61
CA SER A 33 -30.57 7.63 -0.35
C SER A 33 -29.68 8.37 0.65
N ALA A 34 -28.57 8.93 0.18
CA ALA A 34 -27.65 9.63 1.08
C ALA A 34 -28.28 10.91 1.60
N VAL A 35 -28.98 11.64 0.74
CA VAL A 35 -29.59 12.90 1.15
C VAL A 35 -30.77 12.65 2.09
N ASP A 36 -31.66 11.73 1.72
CA ASP A 36 -32.78 11.40 2.61
C ASP A 36 -32.27 11.09 4.00
N HIS A 37 -31.19 10.31 4.09
CA HIS A 37 -30.61 10.05 5.39
C HIS A 37 -30.11 11.33 6.04
N ALA A 38 -29.51 12.22 5.25
CA ALA A 38 -29.04 13.50 5.80
C ALA A 38 -30.20 14.34 6.33
N LEU A 39 -31.36 14.29 5.66
CA LEU A 39 -32.51 15.10 6.06
C LEU A 39 -33.07 14.70 7.42
N GLN A 40 -32.75 13.50 7.94
CA GLN A 40 -33.30 13.11 9.23
C GLN A 40 -32.45 13.65 10.38
N VAL A 41 -31.29 14.22 10.07
CA VAL A 41 -30.48 14.94 11.04
C VAL A 41 -30.87 16.42 10.96
N PRO A 42 -31.07 17.10 12.08
CA PRO A 42 -31.40 18.53 11.99
C PRO A 42 -30.22 19.34 11.46
N LEU A 43 -30.54 20.46 10.81
CA LEU A 43 -29.48 21.28 10.24
C LEU A 43 -28.56 21.77 11.34
N ALA A 44 -27.31 22.00 10.95
CA ALA A 44 -26.28 22.50 11.86
C ALA A 44 -25.56 23.60 11.09
N VAL A 45 -25.84 24.85 11.45
CA VAL A 45 -25.14 26.00 10.89
C VAL A 45 -24.43 26.66 12.05
N PRO A 46 -23.27 26.16 12.45
CA PRO A 46 -22.65 26.63 13.69
C PRO A 46 -21.85 27.92 13.51
N VAL A 47 -21.72 28.65 14.60
CA VAL A 47 -20.80 29.79 14.62
C VAL A 47 -19.39 29.28 14.34
N PRO A 48 -18.67 29.86 13.37
CA PRO A 48 -17.38 29.28 12.95
C PRO A 48 -16.30 29.46 14.00
N THR A 49 -15.76 28.34 14.50
CA THR A 49 -14.69 28.42 15.50
C THR A 49 -13.42 27.63 15.17
N ASP A 50 -13.45 26.66 14.26
CA ASP A 50 -12.32 25.74 14.07
C ASP A 50 -11.59 26.00 12.76
N ALA A 51 -10.32 25.61 12.73
CA ALA A 51 -9.50 25.70 11.52
C ALA A 51 -9.76 24.47 10.64
N GLY A 52 -8.96 24.32 9.59
CA GLY A 52 -9.17 23.27 8.61
C GLY A 52 -9.14 21.91 9.25
N GLY A 53 -10.08 21.03 8.88
CA GLY A 53 -10.22 19.74 9.49
C GLY A 53 -11.02 19.72 10.78
N GLY A 54 -11.30 20.88 11.40
CA GLY A 54 -12.10 20.93 12.62
C GLY A 54 -13.60 20.92 12.36
N TYR A 55 -14.36 20.85 13.46
CA TYR A 55 -15.79 20.57 13.38
C TYR A 55 -16.53 21.58 12.51
N THR A 56 -16.41 22.88 12.82
CA THR A 56 -17.24 23.85 12.10
C THR A 56 -16.78 24.01 10.66
N HIS A 57 -15.47 23.97 10.44
CA HIS A 57 -14.93 23.95 9.08
C HIS A 57 -15.53 22.81 8.28
N GLU A 58 -15.47 21.58 8.80
CA GLU A 58 -15.99 20.44 8.06
C GLU A 58 -17.50 20.41 8.02
N GLN A 59 -18.16 21.06 8.97
CA GLN A 59 -19.62 21.11 8.95
C GLN A 59 -20.11 22.08 7.88
N HIS A 60 -19.47 23.25 7.77
CA HIS A 60 -19.85 24.21 6.74
C HIS A 60 -19.53 23.68 5.35
N LYS A 61 -18.50 22.85 5.22
CA LYS A 61 -18.26 22.12 3.97
C LYS A 61 -19.35 21.11 3.68
N LYS A 62 -19.74 20.31 4.70
CA LYS A 62 -20.84 19.37 4.52
C LYS A 62 -22.08 20.11 4.06
N ASN A 63 -22.30 21.31 4.60
CA ASN A 63 -23.52 22.06 4.33
C ASN A 63 -23.60 22.45 2.86
N TYR A 64 -22.53 23.01 2.29
CA TYR A 64 -22.64 23.39 0.88
C TYR A 64 -22.79 22.16 -0.01
N GLN A 65 -22.09 21.08 0.32
CA GLN A 65 -22.27 19.85 -0.45
C GLN A 65 -23.73 19.40 -0.40
N LEU A 66 -24.33 19.41 0.80
CA LEU A 66 -25.70 18.94 0.95
C LEU A 66 -26.69 19.87 0.29
N MET A 67 -26.47 21.18 0.42
CA MET A 67 -27.35 22.13 -0.25
C MET A 67 -27.36 21.88 -1.76
N TYR A 68 -26.19 21.67 -2.35
CA TYR A 68 -26.15 21.40 -3.79
C TYR A 68 -26.87 20.09 -4.12
N ASN A 69 -26.53 19.00 -3.43
CA ASN A 69 -27.13 17.70 -3.75
C ASN A 69 -28.64 17.71 -3.49
N ALA A 70 -29.08 18.31 -2.38
CA ALA A 70 -30.52 18.39 -2.14
C ALA A 70 -31.21 19.25 -3.19
N GLY A 71 -30.54 20.30 -3.66
CA GLY A 71 -31.11 21.11 -4.72
C GLY A 71 -31.31 20.34 -6.01
N VAL A 72 -30.31 19.54 -6.42
CA VAL A 72 -30.48 18.73 -7.63
C VAL A 72 -31.65 17.77 -7.46
N LEU A 73 -31.74 17.15 -6.27
CA LEU A 73 -32.82 16.20 -6.05
C LEU A 73 -34.19 16.88 -6.07
N TYR A 74 -34.27 18.13 -5.61
CA TYR A 74 -35.50 18.90 -5.75
C TYR A 74 -35.94 18.95 -7.20
N GLN A 75 -35.02 19.36 -8.08
CA GLN A 75 -35.37 19.53 -9.48
C GLN A 75 -35.80 18.22 -10.13
N ILE A 76 -35.14 17.12 -9.79
CA ILE A 76 -35.49 15.85 -10.42
C ILE A 76 -36.80 15.29 -9.86
N THR A 77 -36.94 15.28 -8.54
CA THR A 77 -38.12 14.69 -7.93
C THR A 77 -39.29 15.66 -7.79
N GLU A 78 -39.04 16.96 -7.92
CA GLU A 78 -40.05 17.99 -7.65
C GLU A 78 -40.68 17.84 -6.26
N ASP A 79 -39.94 17.24 -5.33
CA ASP A 79 -40.43 16.97 -3.98
C ASP A 79 -39.94 18.07 -3.04
N PRO A 80 -40.82 18.93 -2.52
CA PRO A 80 -40.35 20.12 -1.78
C PRO A 80 -39.60 19.81 -0.49
N LYS A 81 -39.58 18.56 -0.02
CA LYS A 81 -38.79 18.29 1.18
C LYS A 81 -37.32 18.65 0.98
N TYR A 82 -36.81 18.51 -0.25
CA TYR A 82 -35.41 18.82 -0.55
C TYR A 82 -35.17 20.32 -0.57
N ALA A 83 -36.04 21.06 -1.25
CA ALA A 83 -35.91 22.51 -1.31
C ALA A 83 -36.14 23.13 0.07
N GLU A 84 -37.02 22.54 0.88
CA GLU A 84 -37.29 23.12 2.21
C GLU A 84 -36.09 22.98 3.13
N ARG A 85 -35.34 21.88 3.02
CA ARG A 85 -34.11 21.76 3.80
C ARG A 85 -33.08 22.79 3.34
N VAL A 86 -32.93 22.94 2.04
CA VAL A 86 -31.99 23.95 1.54
C VAL A 86 -32.42 25.35 1.99
N ARG A 87 -33.70 25.66 1.81
CA ARG A 87 -34.22 26.96 2.24
C ARG A 87 -33.91 27.22 3.71
N ASP A 88 -34.15 26.22 4.56
CA ASP A 88 -33.96 26.44 5.99
C ASP A 88 -32.49 26.62 6.35
N MET A 89 -31.59 25.93 5.65
CA MET A 89 -30.16 26.17 5.91
C MET A 89 -29.75 27.57 5.48
N LEU A 90 -30.22 28.02 4.32
CA LEU A 90 -29.83 29.34 3.84
C LEU A 90 -30.41 30.44 4.71
N LEU A 91 -31.63 30.23 5.25
CA LEU A 91 -32.17 31.22 6.19
C LEU A 91 -31.33 31.28 7.46
N ALA A 92 -30.82 30.14 7.92
CA ALA A 92 -29.92 30.18 9.06
C ALA A 92 -28.62 30.89 8.69
N TYR A 93 -28.13 30.67 7.46
CA TYR A 93 -26.96 31.45 7.03
C TYR A 93 -27.29 32.93 6.92
N ALA A 94 -28.48 33.25 6.41
CA ALA A 94 -28.88 34.66 6.32
C ALA A 94 -28.87 35.32 7.68
N ASP A 95 -29.29 34.61 8.74
CA ASP A 95 -29.28 35.23 10.06
C ASP A 95 -27.88 35.28 10.66
N LEU A 96 -27.03 34.29 10.37
CA LEU A 96 -25.73 34.20 11.00
C LEU A 96 -24.69 35.11 10.33
N TYR A 97 -24.61 35.07 9.00
CA TYR A 97 -23.47 35.67 8.31
C TYR A 97 -23.24 37.14 8.60
N PRO A 98 -24.26 37.99 8.78
CA PRO A 98 -23.96 39.41 9.03
C PRO A 98 -23.39 39.69 10.42
N THR A 99 -23.64 38.81 11.40
CA THR A 99 -23.10 38.96 12.75
C THR A 99 -21.65 38.51 12.88
N LEU A 100 -21.00 38.17 11.77
CA LEU A 100 -19.80 37.36 11.97
C LEU A 100 -18.56 38.22 11.91
N PRO A 101 -17.63 38.04 12.85
CA PRO A 101 -16.31 38.65 12.74
C PRO A 101 -15.51 37.88 11.70
N LEU A 102 -14.25 38.29 11.53
CA LEU A 102 -13.29 37.41 10.89
C LEU A 102 -13.11 36.14 11.71
N HIS A 103 -12.70 35.07 11.03
CA HIS A 103 -12.62 33.77 11.68
C HIS A 103 -11.64 33.84 12.84
N PRO A 104 -12.01 33.35 14.03
CA PRO A 104 -11.08 33.41 15.17
C PRO A 104 -9.81 32.59 14.99
N LYS A 105 -9.80 31.55 14.16
CA LYS A 105 -8.57 30.80 13.88
C LYS A 105 -7.99 31.18 12.53
N ARG A 106 -8.25 32.41 12.09
CA ARG A 106 -7.61 32.96 10.92
C ARG A 106 -6.10 32.97 11.08
N ARG A 107 -5.38 32.75 9.97
CA ARG A 107 -3.92 32.81 9.93
C ARG A 107 -3.55 33.59 8.68
N PRO A 108 -3.56 34.93 8.77
CA PRO A 108 -3.46 35.74 7.54
C PRO A 108 -2.12 35.66 6.85
N GLY A 109 -1.07 35.19 7.54
CA GLY A 109 0.20 34.97 6.88
C GLY A 109 0.11 33.88 5.82
N ALA A 110 -0.65 32.81 6.11
CA ALA A 110 -0.79 31.71 5.17
C ALA A 110 -1.76 32.04 4.06
N GLU A 111 -3.00 32.40 4.40
CA GLU A 111 -4.02 32.73 3.40
C GLU A 111 -4.92 33.82 3.94
N ASN A 112 -5.63 34.48 3.02
CA ASN A 112 -6.55 35.54 3.41
C ASN A 112 -7.69 34.97 4.26
N PRO A 113 -8.16 35.72 5.25
CA PRO A 113 -9.19 35.18 6.14
C PRO A 113 -10.56 35.11 5.48
N GLY A 114 -11.39 34.23 6.03
CA GLY A 114 -12.79 34.24 5.69
C GLY A 114 -13.60 34.53 6.93
N LYS A 115 -14.92 34.45 6.83
CA LYS A 115 -15.74 34.47 8.03
C LYS A 115 -16.31 33.09 8.35
N LEU A 116 -16.95 32.45 7.36
CA LEU A 116 -17.39 31.07 7.54
C LEU A 116 -16.21 30.15 7.79
N PHE A 117 -15.06 30.47 7.21
CA PHE A 117 -13.89 29.62 7.27
C PHE A 117 -12.67 30.43 7.67
N TRP A 118 -11.62 29.73 8.12
CA TRP A 118 -10.37 30.39 8.52
C TRP A 118 -9.71 31.09 7.34
N GLN A 119 -9.99 30.67 6.12
CA GLN A 119 -9.43 31.26 4.92
C GLN A 119 -10.54 31.51 3.91
N SER A 120 -10.36 32.56 3.09
CA SER A 120 -11.43 32.89 2.15
C SER A 120 -11.53 31.89 1.03
N LEU A 121 -10.52 31.04 0.86
CA LEU A 121 -10.56 30.04 -0.21
C LEU A 121 -11.77 29.12 -0.06
N ASN A 122 -12.00 28.63 1.16
CA ASN A 122 -13.15 27.78 1.42
C ASN A 122 -14.45 28.54 1.31
N GLU A 123 -14.45 29.83 1.64
CA GLU A 123 -15.63 30.66 1.44
C GLU A 123 -16.00 30.74 -0.04
N ALA A 124 -14.99 30.75 -0.91
CA ALA A 124 -15.26 30.80 -2.35
C ALA A 124 -15.86 29.49 -2.84
N VAL A 125 -15.36 28.35 -2.33
CA VAL A 125 -15.95 27.08 -2.72
C VAL A 125 -17.40 27.01 -2.24
N TRP A 126 -17.63 27.40 -0.98
CA TRP A 126 -18.97 27.47 -0.42
C TRP A 126 -19.91 28.24 -1.33
N LEU A 127 -19.45 29.38 -1.84
CA LEU A 127 -20.28 30.18 -2.74
C LEU A 127 -20.53 29.47 -4.07
N VAL A 128 -19.49 28.88 -4.65
CA VAL A 128 -19.67 28.17 -5.92
C VAL A 128 -20.74 27.10 -5.78
N TYR A 129 -20.67 26.31 -4.70
CA TYR A 129 -21.67 25.27 -4.51
C TYR A 129 -23.03 25.87 -4.13
N THR A 130 -23.03 26.88 -3.27
CA THR A 130 -24.29 27.33 -2.70
C THR A 130 -25.09 28.19 -3.67
N ILE A 131 -24.40 28.96 -4.51
CA ILE A 131 -25.15 29.72 -5.52
C ILE A 131 -25.88 28.77 -6.45
N GLN A 132 -25.28 27.63 -6.76
CA GLN A 132 -25.97 26.64 -7.59
C GLN A 132 -27.13 26.01 -6.85
N ALA A 133 -26.97 25.73 -5.56
CA ALA A 133 -28.08 25.21 -4.76
C ALA A 133 -29.23 26.21 -4.73
N TYR A 134 -28.92 27.47 -4.48
CA TYR A 134 -29.96 28.50 -4.44
C TYR A 134 -30.67 28.61 -5.77
N ASP A 135 -29.90 28.57 -6.86
CA ASP A 135 -30.47 28.58 -8.21
C ASP A 135 -31.40 27.40 -8.41
N LEU A 136 -31.02 26.23 -7.89
CA LEU A 136 -31.84 25.04 -8.09
C LEU A 136 -33.16 25.11 -7.32
N ILE A 137 -33.18 25.77 -6.16
CA ILE A 137 -34.38 25.75 -5.32
C ILE A 137 -35.16 27.05 -5.37
N ARG A 138 -34.66 28.07 -6.07
CA ARG A 138 -35.33 29.38 -6.09
C ARG A 138 -36.83 29.30 -6.42
N PRO A 139 -37.28 28.58 -7.44
CA PRO A 139 -38.74 28.56 -7.73
C PRO A 139 -39.59 28.07 -6.58
N SER A 140 -39.00 27.42 -5.59
CA SER A 140 -39.76 26.95 -4.45
C SER A 140 -39.99 28.04 -3.41
N LEU A 141 -39.36 29.20 -3.55
CA LEU A 141 -39.32 30.13 -2.44
C LEU A 141 -40.43 31.18 -2.53
N SER A 142 -40.81 31.71 -1.38
CA SER A 142 -41.58 32.95 -1.35
C SER A 142 -40.63 34.14 -1.52
N ASN A 143 -41.19 35.28 -1.95
CA ASN A 143 -40.33 36.42 -2.28
C ASN A 143 -39.57 36.91 -1.05
N ALA A 144 -40.20 36.85 0.14
CA ALA A 144 -39.53 37.32 1.36
C ALA A 144 -38.42 36.37 1.79
N GLU A 145 -38.61 35.07 1.60
CA GLU A 145 -37.51 34.12 1.83
C GLU A 145 -36.35 34.41 0.88
N ALA A 146 -36.65 34.61 -0.40
CA ALA A 146 -35.60 34.91 -1.37
C ALA A 146 -34.86 36.19 -1.00
N GLU A 147 -35.60 37.23 -0.58
CA GLU A 147 -34.95 38.49 -0.25
C GLU A 147 -34.03 38.33 0.96
N LYS A 148 -34.52 37.64 2.00
CA LYS A 148 -33.70 37.42 3.20
C LYS A 148 -32.45 36.61 2.88
N ILE A 149 -32.59 35.56 2.07
CA ILE A 149 -31.44 34.73 1.72
C ILE A 149 -30.44 35.55 0.92
N GLU A 150 -30.92 36.34 -0.02
CA GLU A 150 -30.01 37.10 -0.86
C GLU A 150 -29.37 38.24 -0.08
N GLN A 151 -30.14 38.89 0.81
CA GLN A 151 -29.63 40.06 1.52
C GLN A 151 -28.69 39.68 2.65
N GLY A 152 -28.94 38.57 3.32
CA GLY A 152 -28.17 38.19 4.50
C GLY A 152 -27.02 37.24 4.23
N ALA A 153 -27.12 36.40 3.21
CA ALA A 153 -26.06 35.41 2.98
C ALA A 153 -25.38 35.59 1.63
N LEU A 154 -26.12 35.53 0.53
CA LEU A 154 -25.48 35.44 -0.78
C LEU A 154 -24.76 36.74 -1.14
N ARG A 155 -25.44 37.90 -0.98
CA ARG A 155 -24.79 39.16 -1.33
C ARG A 155 -23.65 39.52 -0.39
N PRO A 156 -23.78 39.35 0.92
CA PRO A 156 -22.61 39.63 1.77
C PRO A 156 -21.41 38.73 1.46
N VAL A 157 -21.64 37.46 1.15
CA VAL A 157 -20.53 36.57 0.82
C VAL A 157 -19.84 37.05 -0.44
N ALA A 158 -20.62 37.32 -1.50
CA ALA A 158 -20.05 37.76 -2.75
C ALA A 158 -19.30 39.07 -2.58
N LYS A 159 -19.83 39.98 -1.77
CA LYS A 159 -19.17 41.26 -1.56
C LYS A 159 -17.88 41.07 -0.76
N PHE A 160 -17.93 40.24 0.29
CA PHE A 160 -16.74 39.95 1.07
C PHE A 160 -15.63 39.37 0.20
N LEU A 161 -16.01 38.53 -0.77
CA LEU A 161 -15.08 37.85 -1.65
C LEU A 161 -14.58 38.73 -2.81
N SER A 162 -15.22 39.86 -3.07
CA SER A 162 -14.74 40.70 -4.17
C SER A 162 -14.25 42.06 -3.67
N VAL A 163 -15.15 43.00 -3.41
CA VAL A 163 -14.74 44.37 -3.13
C VAL A 163 -14.00 44.51 -1.80
N GLU A 164 -14.26 43.63 -0.83
CA GLU A 164 -13.62 43.76 0.48
C GLU A 164 -12.28 43.07 0.57
N SER A 165 -12.00 42.11 -0.31
CA SER A 165 -10.68 41.52 -0.49
C SER A 165 -10.30 41.70 -1.96
N PRO A 166 -10.00 42.95 -2.38
CA PRO A 166 -9.86 43.23 -3.82
C PRO A 166 -8.54 42.72 -4.40
N ALA A 167 -7.46 42.75 -3.63
CA ALA A 167 -6.18 42.26 -4.11
C ALA A 167 -6.29 40.82 -4.58
N THR A 168 -6.70 39.93 -3.66
CA THR A 168 -6.87 38.53 -4.01
C THR A 168 -7.87 38.36 -5.14
N PHE A 169 -8.95 39.15 -5.14
CA PHE A 169 -9.96 38.95 -6.17
C PHE A 169 -9.42 39.26 -7.56
N ASN A 170 -8.58 40.27 -7.69
CA ASN A 170 -7.98 40.62 -8.98
C ASN A 170 -6.75 39.77 -9.30
N LYS A 171 -6.26 38.95 -8.36
CA LYS A 171 -5.05 38.14 -8.54
C LYS A 171 -5.26 37.09 -9.62
N VAL A 172 -4.21 36.82 -10.38
CA VAL A 172 -4.23 35.74 -11.35
C VAL A 172 -3.58 34.50 -10.72
N HIS A 173 -4.36 33.74 -9.94
CA HIS A 173 -3.95 32.43 -9.43
C HIS A 173 -5.20 31.66 -9.01
N ASN A 174 -5.00 30.44 -8.51
CA ASN A 174 -6.13 29.54 -8.28
C ASN A 174 -7.11 30.12 -7.26
N HIS A 175 -6.59 30.75 -6.20
CA HIS A 175 -7.45 31.50 -5.30
C HIS A 175 -8.33 32.47 -6.09
N GLY A 176 -7.74 33.14 -7.09
CA GLY A 176 -8.51 34.07 -7.90
C GLY A 176 -9.63 33.38 -8.67
N THR A 177 -9.34 32.24 -9.29
CA THR A 177 -10.35 31.56 -10.11
C THR A 177 -11.59 31.18 -9.29
N TRP A 178 -11.37 30.64 -8.08
CA TRP A 178 -12.51 30.27 -7.24
C TRP A 178 -13.36 31.49 -6.90
N LEU A 179 -12.73 32.60 -6.50
CA LEU A 179 -13.48 33.81 -6.17
C LEU A 179 -14.25 34.33 -7.38
N THR A 180 -13.59 34.48 -8.53
CA THR A 180 -14.27 35.05 -9.68
C THR A 180 -15.40 34.14 -10.17
N ALA A 181 -15.23 32.80 -10.06
CA ALA A 181 -16.29 31.89 -10.50
C ALA A 181 -17.55 32.06 -9.65
N GLY A 182 -17.39 32.13 -8.33
CA GLY A 182 -18.56 32.27 -7.48
C GLY A 182 -19.27 33.60 -7.68
N VAL A 183 -18.49 34.68 -7.83
CA VAL A 183 -19.10 36.00 -7.95
C VAL A 183 -19.78 36.14 -9.31
N GLY A 184 -19.14 35.67 -10.37
CA GLY A 184 -19.76 35.72 -11.68
C GLY A 184 -21.05 34.92 -11.77
N MET A 185 -21.06 33.73 -11.17
CA MET A 185 -22.30 32.95 -11.15
C MET A 185 -23.38 33.62 -10.31
N ALA A 186 -22.98 34.26 -9.20
CA ALA A 186 -23.94 35.05 -8.44
C ALA A 186 -24.51 36.17 -9.30
N GLY A 187 -23.68 36.76 -10.17
CA GLY A 187 -24.14 37.81 -11.06
C GLY A 187 -25.25 37.34 -11.98
N TYR A 188 -25.13 36.12 -12.51
CA TYR A 188 -26.20 35.55 -13.32
C TYR A 188 -27.45 35.27 -12.50
N VAL A 189 -27.28 34.74 -11.28
CA VAL A 189 -28.44 34.28 -10.53
C VAL A 189 -29.18 35.45 -9.90
N LEU A 190 -28.44 36.45 -9.40
CA LEU A 190 -29.03 37.60 -8.73
C LEU A 190 -29.21 38.79 -9.67
N ASP A 191 -29.02 38.60 -10.97
CA ASP A 191 -29.10 39.65 -12.01
C ASP A 191 -28.33 40.90 -11.60
N GLU A 192 -27.02 40.70 -11.43
CA GLU A 192 -26.07 41.79 -11.27
C GLU A 192 -25.07 41.61 -12.40
N PRO A 193 -25.35 42.17 -13.58
CA PRO A 193 -24.42 41.98 -14.72
C PRO A 193 -23.07 42.65 -14.49
N GLU A 194 -23.02 43.74 -13.72
CA GLU A 194 -21.73 44.31 -13.36
C GLU A 194 -20.83 43.27 -12.70
N TRP A 195 -21.42 42.40 -11.86
CA TRP A 195 -20.64 41.36 -11.21
C TRP A 195 -20.10 40.36 -12.23
N VAL A 196 -20.91 39.98 -13.20
CA VAL A 196 -20.44 39.10 -14.26
C VAL A 196 -19.28 39.74 -15.01
N GLU A 197 -19.41 41.04 -15.33
CA GLU A 197 -18.33 41.71 -16.06
C GLU A 197 -17.10 41.86 -15.18
N GLN A 198 -17.29 42.13 -13.90
CA GLN A 198 -16.12 42.18 -13.00
C GLN A 198 -15.47 40.81 -12.91
N ALA A 199 -16.28 39.75 -12.96
CA ALA A 199 -15.72 38.39 -12.88
C ALA A 199 -14.84 38.13 -14.10
N LEU A 200 -15.32 38.51 -15.27
CA LEU A 200 -14.57 38.32 -16.54
C LEU A 200 -13.37 39.27 -16.66
N LEU A 201 -13.48 40.51 -16.17
CA LEU A 201 -12.44 41.53 -16.47
C LEU A 201 -11.82 42.22 -15.26
N ASP A 202 -12.06 41.76 -14.02
CA ASP A 202 -11.55 42.36 -12.76
C ASP A 202 -12.50 43.43 -12.19
N LEU A 203 -12.23 43.88 -10.97
CA LEU A 203 -13.15 44.83 -10.29
C LEU A 203 -13.13 46.19 -11.00
N ASP A 204 -11.93 46.71 -11.31
CA ASP A 204 -11.82 47.98 -12.07
C ASP A 204 -12.12 47.67 -13.53
N LYS A 205 -12.29 46.39 -13.82
CA LYS A 205 -12.57 45.94 -15.19
C LYS A 205 -11.50 46.39 -16.17
N SER A 206 -10.27 46.55 -15.68
CA SER A 206 -9.16 46.93 -16.57
C SER A 206 -8.81 45.77 -17.52
N GLY A 207 -8.87 44.54 -17.03
CA GLY A 207 -8.41 43.38 -17.78
C GLY A 207 -7.06 42.89 -17.32
N LYS A 208 -6.45 43.55 -16.33
CA LYS A 208 -5.23 43.06 -15.70
C LYS A 208 -5.50 41.79 -14.91
N GLY A 209 -6.61 41.76 -14.17
CA GLY A 209 -7.07 40.56 -13.49
C GLY A 209 -8.30 39.98 -14.16
N GLY A 210 -8.95 39.06 -13.45
CA GLY A 210 -10.22 38.53 -13.90
C GLY A 210 -10.08 37.22 -14.67
N PHE A 211 -11.26 36.68 -15.01
CA PHE A 211 -11.38 35.31 -15.51
C PHE A 211 -10.77 35.14 -16.90
N LEU A 212 -10.94 36.14 -17.77
CA LEU A 212 -10.36 36.01 -19.11
C LEU A 212 -8.83 36.09 -19.05
N ARG A 213 -8.29 37.02 -18.26
CA ARG A 213 -6.85 37.04 -18.03
C ARG A 213 -6.35 35.71 -17.47
N GLN A 214 -7.10 35.11 -16.53
CA GLN A 214 -6.69 33.83 -15.97
C GLN A 214 -6.60 32.76 -17.06
N LEU A 215 -7.61 32.66 -17.92
CA LEU A 215 -7.57 31.68 -19.00
C LEU A 215 -6.44 31.99 -19.98
N ASN A 216 -6.08 33.26 -20.12
CA ASN A 216 -5.04 33.67 -21.08
C ASN A 216 -3.63 33.57 -20.51
N THR A 217 -3.50 33.48 -19.18
CA THR A 217 -2.21 33.58 -18.51
C THR A 217 -1.79 32.33 -17.76
N LEU A 218 -2.71 31.70 -17.04
CA LEU A 218 -2.35 30.59 -16.17
C LEU A 218 -2.22 29.27 -16.91
N PHE A 219 -2.70 29.20 -18.15
CA PHE A 219 -2.51 28.04 -19.00
C PHE A 219 -1.57 28.39 -20.15
N SER A 220 -0.71 27.42 -20.46
CA SER A 220 0.05 27.42 -21.69
C SER A 220 -0.86 27.03 -22.85
N PRO A 221 -0.40 27.19 -24.09
CA PRO A 221 -1.21 26.73 -25.23
C PRO A 221 -1.43 25.23 -25.24
N ASP A 222 -0.66 24.47 -24.47
CA ASP A 222 -0.92 23.04 -24.34
C ASP A 222 -1.89 22.73 -23.20
N GLY A 223 -2.48 23.76 -22.59
CA GLY A 223 -3.43 23.55 -21.51
C GLY A 223 -2.81 23.16 -20.19
N TYR A 224 -1.52 23.45 -20.00
CA TYR A 224 -0.81 23.13 -18.78
C TYR A 224 -0.91 24.31 -17.83
N TYR A 225 -1.45 24.07 -16.64
CA TYR A 225 -1.64 25.09 -15.61
C TYR A 225 -0.35 25.35 -14.85
N ASN A 226 -0.04 26.64 -14.65
CA ASN A 226 1.32 27.01 -14.26
C ASN A 226 1.70 26.46 -12.89
N GLU A 227 0.74 26.32 -11.99
CA GLU A 227 1.08 25.92 -10.62
C GLU A 227 1.39 24.44 -10.47
N GLY A 228 1.05 23.61 -11.46
CA GLY A 228 1.31 22.18 -11.36
C GLY A 228 0.03 21.37 -11.38
N PRO A 229 0.18 20.07 -11.60
CA PRO A 229 -1.01 19.19 -11.72
C PRO A 229 -1.93 19.22 -10.52
N TYR A 230 -1.40 19.31 -9.31
CA TYR A 230 -2.29 19.24 -8.15
C TYR A 230 -3.15 20.49 -8.03
N TYR A 231 -2.60 21.66 -8.34
CA TYR A 231 -3.45 22.85 -8.36
C TYR A 231 -4.19 23.01 -9.68
N GLN A 232 -3.74 22.36 -10.76
CA GLN A 232 -4.50 22.38 -12.00
C GLN A 232 -5.89 21.79 -11.79
N ARG A 233 -5.96 20.59 -11.23
CA ARG A 233 -7.27 20.02 -10.96
C ARG A 233 -8.07 20.86 -9.98
N TYR A 234 -7.41 21.55 -9.04
CA TYR A 234 -8.15 22.41 -8.11
C TYR A 234 -8.86 23.53 -8.86
N ALA A 235 -8.10 24.30 -9.64
CA ALA A 235 -8.65 25.41 -10.41
C ALA A 235 -9.57 24.93 -11.53
N LEU A 236 -9.40 23.69 -11.99
CA LEU A 236 -10.23 23.21 -13.08
C LEU A 236 -11.71 23.35 -12.75
N MET A 237 -12.10 23.06 -11.50
CA MET A 237 -13.52 23.13 -11.16
C MET A 237 -14.10 24.52 -11.37
N PRO A 238 -13.58 25.58 -10.75
CA PRO A 238 -14.19 26.90 -11.04
C PRO A 238 -14.07 27.28 -12.52
N PHE A 239 -12.97 26.93 -13.19
CA PHE A 239 -12.83 27.20 -14.62
C PHE A 239 -13.98 26.58 -15.41
N VAL A 240 -14.19 25.27 -15.28
CA VAL A 240 -15.23 24.64 -16.11
C VAL A 240 -16.62 25.01 -15.62
N THR A 241 -16.78 25.27 -14.32
CA THR A 241 -18.09 25.64 -13.77
C THR A 241 -18.56 26.98 -14.30
N PHE A 242 -17.72 28.01 -14.15
CA PHE A 242 -18.03 29.31 -14.72
C PHE A 242 -18.18 29.23 -16.24
N ALA A 243 -17.30 28.50 -16.92
CA ALA A 243 -17.42 28.40 -18.37
C ALA A 243 -18.77 27.83 -18.77
N LYS A 244 -19.22 26.79 -18.07
CA LYS A 244 -20.49 26.17 -18.43
C LYS A 244 -21.65 27.13 -18.16
N ALA A 245 -21.56 27.92 -17.08
CA ALA A 245 -22.61 28.89 -16.80
C ALA A 245 -22.60 30.02 -17.81
N ILE A 246 -21.40 30.48 -18.21
CA ILE A 246 -21.28 31.51 -19.24
C ILE A 246 -21.91 31.01 -20.55
N GLU A 247 -21.66 29.77 -20.92
CA GLU A 247 -22.24 29.22 -22.14
C GLU A 247 -23.77 29.10 -22.05
N ASN A 248 -24.30 28.85 -20.84
CA ASN A 248 -25.74 28.72 -20.70
C ASN A 248 -26.44 30.06 -20.57
N ASN A 249 -25.70 31.12 -20.27
CA ASN A 249 -26.32 32.44 -20.11
C ASN A 249 -25.91 33.44 -21.18
N GLU A 250 -24.66 33.44 -21.60
CA GLU A 250 -24.17 34.36 -22.63
C GLU A 250 -23.39 33.59 -23.68
N PRO A 251 -24.06 32.71 -24.43
CA PRO A 251 -23.35 31.88 -25.41
C PRO A 251 -22.79 32.68 -26.58
N GLU A 252 -23.10 33.98 -26.67
CA GLU A 252 -22.46 34.84 -27.64
C GLU A 252 -20.97 35.00 -27.35
N ARG A 253 -20.55 34.85 -26.09
CA ARG A 253 -19.13 34.99 -25.76
C ARG A 253 -18.29 33.82 -26.30
N GLY A 254 -18.93 32.72 -26.71
CA GLY A 254 -18.23 31.55 -27.22
C GLY A 254 -17.10 31.03 -26.34
N ILE A 255 -17.36 30.88 -25.04
CA ILE A 255 -16.30 30.65 -24.07
C ILE A 255 -15.55 29.34 -24.34
N PHE A 256 -16.23 28.33 -24.87
CA PHE A 256 -15.57 27.07 -25.17
C PHE A 256 -14.74 27.13 -26.44
N LYS A 257 -14.80 28.26 -27.17
CA LYS A 257 -13.91 28.52 -28.28
C LYS A 257 -12.83 29.54 -27.93
N TYR A 258 -13.05 30.35 -26.90
CA TYR A 258 -12.07 31.35 -26.48
C TYR A 258 -10.66 30.75 -26.43
N ARG A 259 -9.69 31.52 -26.91
CA ARG A 259 -8.26 31.15 -26.95
C ARG A 259 -8.04 29.72 -27.47
N ASP A 260 -8.51 29.45 -28.70
CA ASP A 260 -8.28 28.17 -29.37
C ASP A 260 -8.75 27.00 -28.52
N GLY A 261 -9.88 27.18 -27.82
CA GLY A 261 -10.42 26.12 -26.99
C GLY A 261 -9.61 25.79 -25.75
N ILE A 262 -9.13 26.80 -25.03
CA ILE A 262 -8.24 26.55 -23.90
C ILE A 262 -8.94 25.72 -22.82
N VAL A 263 -10.23 25.96 -22.57
CA VAL A 263 -10.92 25.25 -21.50
C VAL A 263 -10.92 23.75 -21.78
N MET A 264 -11.27 23.34 -23.00
CA MET A 264 -11.25 21.91 -23.33
C MET A 264 -9.84 21.35 -23.26
N LYS A 265 -8.85 22.13 -23.74
CA LYS A 265 -7.46 21.69 -23.62
C LYS A 265 -7.06 21.53 -22.18
N ALA A 266 -7.47 22.49 -21.33
CA ALA A 266 -7.16 22.46 -19.90
C ALA A 266 -7.71 21.20 -19.25
N ILE A 267 -8.93 20.79 -19.63
CA ILE A 267 -9.47 19.55 -19.08
C ILE A 267 -8.64 18.37 -19.53
N ASP A 268 -8.28 18.33 -20.81
CA ASP A 268 -7.60 17.15 -21.32
C ASP A 268 -6.21 17.02 -20.71
N THR A 269 -5.52 18.15 -20.51
CA THR A 269 -4.17 18.07 -19.97
C THR A 269 -4.19 17.68 -18.49
N THR A 270 -5.25 18.05 -17.75
CA THR A 270 -5.39 17.57 -16.38
C THR A 270 -5.43 16.05 -16.33
N ILE A 271 -6.18 15.43 -17.24
CA ILE A 271 -6.19 13.96 -17.32
C ILE A 271 -4.80 13.42 -17.58
N GLN A 272 -4.03 14.10 -18.46
CA GLN A 272 -2.74 13.57 -18.91
C GLN A 272 -1.70 13.55 -17.80
N LEU A 273 -1.83 14.45 -16.83
CA LEU A 273 -0.76 14.61 -15.83
C LEU A 273 -0.94 13.64 -14.66
N SER A 274 -1.18 12.38 -14.98
CA SER A 274 -1.38 11.36 -13.96
C SER A 274 -0.76 10.04 -14.42
N TYR A 275 -0.53 9.17 -13.44
CA TYR A 275 -0.07 7.80 -13.65
C TYR A 275 -0.84 6.92 -12.69
N ASN A 276 -1.36 5.81 -13.20
CA ASN A 276 -2.18 4.89 -12.41
C ASN A 276 -3.16 5.68 -11.53
N ASN A 277 -3.85 6.61 -12.17
CA ASN A 277 -4.95 7.40 -11.66
C ASN A 277 -4.56 8.52 -10.70
N LEU A 278 -3.28 8.69 -10.34
CA LEU A 278 -2.86 9.72 -9.39
C LEU A 278 -2.13 10.84 -10.10
N PHE A 279 -2.35 12.10 -9.68
CA PHE A 279 -1.64 13.20 -10.30
C PHE A 279 -0.17 13.18 -9.92
N PHE A 280 0.71 13.55 -10.87
CA PHE A 280 2.12 13.71 -10.55
C PHE A 280 2.28 14.67 -9.37
N PRO A 281 2.93 14.21 -8.25
CA PRO A 281 3.10 15.02 -7.04
C PRO A 281 4.21 16.08 -7.12
N ILE A 282 4.13 16.93 -8.13
CA ILE A 282 5.15 17.98 -8.32
C ILE A 282 4.64 19.30 -7.76
N ASN A 283 5.56 20.09 -7.23
CA ASN A 283 5.18 21.36 -6.57
C ASN A 283 4.39 20.99 -5.29
N ASP A 284 3.72 21.95 -4.68
CA ASP A 284 2.92 21.63 -3.49
C ASP A 284 1.88 20.63 -3.96
N ALA A 285 1.84 19.49 -3.30
CA ALA A 285 0.95 18.43 -3.76
C ALA A 285 0.70 17.37 -2.68
N ILE A 286 -0.53 16.89 -2.63
CA ILE A 286 -0.87 15.77 -1.76
C ILE A 286 -0.88 14.51 -2.61
N LYS A 287 -0.10 13.51 -2.20
CA LYS A 287 0.18 12.39 -3.08
C LYS A 287 -1.05 11.54 -3.38
N SER A 288 -2.04 11.53 -2.48
CA SER A 288 -3.23 10.70 -2.63
C SER A 288 -4.23 11.25 -3.64
N LYS A 289 -4.01 12.43 -4.21
CA LYS A 289 -5.03 13.04 -5.06
C LYS A 289 -5.00 12.40 -6.45
N GLY A 290 -6.17 11.99 -6.95
CA GLY A 290 -6.23 11.27 -8.21
C GLY A 290 -7.39 11.74 -9.07
N ILE A 291 -7.53 11.09 -10.22
CA ILE A 291 -8.51 11.53 -11.22
C ILE A 291 -9.96 11.36 -10.76
N ASP A 292 -10.22 10.65 -9.66
CA ASP A 292 -11.60 10.60 -9.19
C ASP A 292 -11.99 11.84 -8.40
N THR A 293 -11.08 12.79 -8.25
CA THR A 293 -11.39 14.04 -7.58
C THR A 293 -12.57 14.74 -8.26
N SER A 294 -13.44 15.35 -7.45
CA SER A 294 -14.69 15.91 -7.98
C SER A 294 -14.45 16.92 -9.10
N GLU A 295 -13.39 17.72 -9.01
CA GLU A 295 -13.14 18.70 -10.06
C GLU A 295 -12.95 18.02 -11.41
N LEU A 296 -12.22 16.91 -11.45
CA LEU A 296 -12.00 16.28 -12.75
C LEU A 296 -13.17 15.39 -13.17
N VAL A 297 -13.91 14.82 -12.23
CA VAL A 297 -15.15 14.15 -12.61
C VAL A 297 -16.06 15.13 -13.35
N LEU A 298 -16.18 16.33 -12.79
CA LEU A 298 -17.00 17.35 -13.43
C LEU A 298 -16.44 17.77 -14.77
N GLY A 299 -15.13 18.06 -14.82
CA GLY A 299 -14.52 18.51 -16.07
C GLY A 299 -14.65 17.50 -17.20
N VAL A 300 -14.57 16.22 -16.87
CA VAL A 300 -14.73 15.17 -17.88
C VAL A 300 -16.17 15.12 -18.39
N THR A 301 -17.17 15.29 -17.52
CA THR A 301 -18.55 15.34 -18.04
C THR A 301 -18.77 16.56 -18.93
N ILE A 302 -18.15 17.69 -18.60
CA ILE A 302 -18.39 18.88 -19.39
C ILE A 302 -17.67 18.77 -20.73
N ALA A 303 -16.46 18.23 -20.75
CA ALA A 303 -15.77 18.02 -22.02
C ALA A 303 -16.50 17.00 -22.89
N TYR A 304 -17.06 15.96 -22.28
CA TYR A 304 -17.81 15.00 -23.08
C TYR A 304 -19.09 15.61 -23.64
N GLY A 305 -19.71 16.53 -22.89
CA GLY A 305 -20.91 17.18 -23.38
C GLY A 305 -20.63 18.15 -24.49
N GLU A 306 -19.41 18.71 -24.52
CA GLU A 306 -18.98 19.58 -25.61
C GLU A 306 -18.58 18.79 -26.84
N SER A 307 -17.69 17.80 -26.68
CA SER A 307 -17.04 17.17 -27.80
C SER A 307 -17.60 15.80 -28.15
N GLY A 308 -18.27 15.13 -27.21
CA GLY A 308 -18.71 13.76 -27.43
C GLY A 308 -17.60 12.73 -27.56
N ASN A 309 -16.35 13.10 -27.23
CA ASN A 309 -15.20 12.20 -27.43
C ASN A 309 -15.36 10.91 -26.64
N PRO A 310 -15.51 9.77 -27.33
CA PRO A 310 -15.71 8.49 -26.61
C PRO A 310 -14.52 8.09 -25.74
N GLN A 311 -13.34 8.69 -25.97
CA GLN A 311 -12.18 8.43 -25.13
C GLN A 311 -12.39 8.95 -23.72
N LEU A 312 -13.15 10.04 -23.57
CA LEU A 312 -13.45 10.56 -22.24
C LEU A 312 -14.25 9.58 -21.40
N LEU A 313 -15.01 8.68 -22.03
CA LEU A 313 -15.75 7.67 -21.30
C LEU A 313 -14.82 6.69 -20.60
N ASP A 314 -13.64 6.46 -21.17
CA ASP A 314 -12.63 5.66 -20.47
C ASP A 314 -12.29 6.29 -19.13
N ILE A 315 -12.03 7.59 -19.13
CA ILE A 315 -11.70 8.27 -17.88
C ILE A 315 -12.89 8.19 -16.91
N ALA A 316 -14.08 8.57 -17.38
CA ALA A 316 -15.30 8.48 -16.59
C ALA A 316 -15.43 7.11 -15.94
N ASP A 317 -15.28 6.04 -16.73
CA ASP A 317 -15.39 4.68 -16.20
C ASP A 317 -14.41 4.45 -15.07
N ARG A 318 -13.17 4.90 -15.25
CA ARG A 318 -12.15 4.77 -14.21
C ARG A 318 -12.47 5.61 -12.99
N GLN A 319 -13.19 6.73 -13.16
CA GLN A 319 -13.55 7.58 -12.02
C GLN A 319 -14.64 6.96 -11.16
N HIS A 320 -15.54 6.14 -11.74
CA HIS A 320 -16.56 5.41 -10.98
C HIS A 320 -17.53 6.34 -10.24
N GLN A 321 -17.84 7.49 -10.87
CA GLN A 321 -18.72 8.47 -10.21
C GLN A 321 -19.55 9.19 -11.27
N ILE A 322 -20.80 8.78 -11.40
CA ILE A 322 -21.73 9.45 -12.29
C ILE A 322 -22.27 10.69 -11.60
N LEU A 323 -22.38 11.78 -12.35
CA LEU A 323 -22.87 13.05 -11.82
C LEU A 323 -24.31 13.26 -12.26
N LEU A 324 -25.12 13.77 -11.32
CA LEU A 324 -26.52 14.10 -11.59
C LEU A 324 -26.58 15.46 -12.27
N SER A 325 -26.22 15.46 -13.54
CA SER A 325 -26.32 16.65 -14.37
C SER A 325 -26.67 16.21 -15.78
N GLY A 326 -26.90 17.19 -16.66
CA GLY A 326 -27.18 16.87 -18.04
C GLY A 326 -25.98 16.23 -18.73
N ASP A 327 -24.80 16.84 -18.55
CA ASP A 327 -23.57 16.24 -19.07
C ASP A 327 -23.31 14.89 -18.44
N GLY A 328 -23.52 14.77 -17.14
CA GLY A 328 -23.28 13.50 -16.47
C GLY A 328 -24.22 12.40 -16.94
N LEU A 329 -25.45 12.78 -17.34
CA LEU A 329 -26.35 11.84 -17.99
C LEU A 329 -25.78 11.38 -19.34
N LYS A 330 -25.33 12.33 -20.17
CA LYS A 330 -24.76 11.97 -21.47
C LYS A 330 -23.58 11.01 -21.29
N VAL A 331 -22.78 11.22 -20.25
CA VAL A 331 -21.68 10.31 -19.95
C VAL A 331 -22.22 8.93 -19.59
N ALA A 332 -23.22 8.89 -18.71
CA ALA A 332 -23.81 7.61 -18.30
C ALA A 332 -24.47 6.89 -19.48
N GLN A 333 -25.08 7.64 -20.39
CA GLN A 333 -25.69 7.03 -21.56
C GLN A 333 -24.64 6.43 -22.49
N GLY A 334 -23.61 7.21 -22.82
CA GLY A 334 -22.52 6.67 -23.63
C GLY A 334 -21.88 5.43 -23.04
N LEU A 335 -21.65 5.45 -21.73
CA LEU A 335 -21.15 4.26 -21.06
C LEU A 335 -22.13 3.10 -21.21
N ASP A 336 -23.41 3.36 -20.99
CA ASP A 336 -24.42 2.31 -21.14
C ASP A 336 -24.48 1.81 -22.58
N ALA A 337 -24.33 2.71 -23.56
CA ALA A 337 -24.32 2.38 -24.98
C ALA A 337 -23.05 1.67 -25.42
N GLY A 338 -22.09 1.47 -24.51
CA GLY A 338 -20.85 0.78 -24.81
C GLY A 338 -19.93 1.49 -25.77
N ALA A 339 -20.02 2.83 -25.85
CA ALA A 339 -19.23 3.62 -26.78
C ALA A 339 -17.82 3.93 -26.28
N LEU A 340 -17.43 3.35 -25.15
CA LEU A 340 -16.13 3.63 -24.54
C LEU A 340 -14.97 3.28 -25.47
N GLN A 341 -14.07 4.25 -25.67
CA GLN A 341 -12.82 4.02 -26.37
C GLN A 341 -11.65 4.30 -25.44
N PRO A 342 -10.58 3.51 -25.52
CA PRO A 342 -9.43 3.73 -24.63
C PRO A 342 -8.90 5.17 -24.69
N TYR A 343 -8.64 5.76 -23.52
CA TYR A 343 -8.09 7.10 -23.48
C TYR A 343 -6.59 7.07 -23.71
N PRO A 344 -6.05 7.98 -24.54
CA PRO A 344 -4.63 7.92 -24.91
C PRO A 344 -3.70 8.78 -24.07
N PHE A 345 -3.01 8.16 -23.12
CA PHE A 345 -1.97 8.84 -22.35
C PHE A 345 -0.71 8.94 -23.20
N LYS A 346 -0.25 10.16 -23.48
CA LYS A 346 0.78 10.37 -24.49
C LYS A 346 2.11 10.73 -23.86
N SER A 347 3.20 10.39 -24.56
CA SER A 347 4.47 11.05 -24.34
C SER A 347 4.38 12.45 -24.91
N PHE A 348 4.71 13.45 -24.11
CA PHE A 348 4.44 14.80 -24.55
C PHE A 348 5.26 15.77 -23.71
N ALA A 349 5.66 16.87 -24.32
CA ALA A 349 6.22 17.99 -23.59
C ALA A 349 5.12 19.03 -23.46
N PHE A 350 4.58 19.16 -22.25
CA PHE A 350 3.60 20.18 -21.94
C PHE A 350 4.33 21.49 -21.68
N ARG A 351 4.21 22.43 -22.61
CA ARG A 351 4.93 23.68 -22.47
C ARG A 351 4.39 24.48 -21.30
N ASP A 352 5.27 25.25 -20.67
CA ASP A 352 4.95 26.11 -19.54
C ASP A 352 5.04 27.57 -19.97
N GLY A 353 4.35 28.42 -19.24
CA GLY A 353 4.30 29.83 -19.61
C GLY A 353 3.08 30.16 -20.44
N LYS A 354 2.60 31.40 -20.29
CA LYS A 354 1.47 31.90 -21.05
C LYS A 354 1.61 31.53 -22.52
N ASP A 355 2.78 31.78 -23.09
CA ASP A 355 3.02 31.54 -24.50
C ASP A 355 3.81 30.27 -24.77
N GLY A 356 3.96 29.41 -23.76
CA GLY A 356 4.62 28.13 -23.99
C GLY A 356 6.11 28.19 -24.15
N ASP A 357 6.76 29.25 -23.64
CA ASP A 357 8.19 29.43 -23.80
C ASP A 357 8.97 29.32 -22.50
N GLU A 358 8.32 28.98 -21.39
CA GLU A 358 9.01 29.02 -20.10
C GLU A 358 9.32 27.61 -19.63
N GLY A 359 10.00 26.84 -20.44
CA GLY A 359 10.25 25.45 -20.11
C GLY A 359 9.04 24.58 -20.37
N ALA A 360 8.95 23.49 -19.62
CA ALA A 360 7.96 22.48 -19.97
C ALA A 360 7.88 21.46 -18.86
N LEU A 361 6.76 20.74 -18.84
CA LEU A 361 6.62 19.51 -18.06
C LEU A 361 6.60 18.37 -19.07
N VAL A 362 7.61 17.52 -19.03
CA VAL A 362 7.81 16.49 -20.05
C VAL A 362 7.45 15.13 -19.47
N VAL A 363 6.56 14.42 -20.13
CA VAL A 363 6.17 13.08 -19.71
C VAL A 363 6.57 12.11 -20.82
N LEU A 364 7.40 11.12 -20.47
CA LEU A 364 7.75 10.04 -21.37
C LEU A 364 7.07 8.77 -20.87
N ARG A 365 6.31 8.12 -21.74
CA ARG A 365 5.61 6.89 -21.40
C ARG A 365 5.99 5.77 -22.37
N GLN A 366 5.97 4.54 -21.86
CA GLN A 366 5.98 3.36 -22.71
C GLN A 366 5.17 2.26 -22.04
N GLN A 367 4.80 1.27 -22.85
CA GLN A 367 3.95 0.17 -22.43
C GLN A 367 4.54 -1.20 -22.72
N THR A 368 5.72 -1.26 -23.33
CA THR A 368 6.30 -2.53 -23.75
C THR A 368 6.63 -3.42 -22.56
N ASP A 369 7.05 -2.82 -21.47
CA ASP A 369 7.51 -3.51 -20.26
C ASP A 369 6.56 -3.20 -19.10
N GLY A 370 5.26 -3.15 -19.40
CA GLY A 370 4.29 -2.65 -18.43
C GLY A 370 4.11 -1.15 -18.56
N ASP A 371 3.24 -0.61 -17.71
CA ASP A 371 2.94 0.81 -17.73
C ASP A 371 4.09 1.59 -17.11
N GLN A 372 4.74 2.48 -17.87
CA GLN A 372 5.89 3.21 -17.38
C GLN A 372 5.80 4.69 -17.74
N ALA A 373 6.23 5.54 -16.83
CA ALA A 373 6.23 6.98 -17.06
C ALA A 373 7.51 7.55 -16.49
N LEU A 374 8.20 8.37 -17.28
CA LEU A 374 9.31 9.19 -16.82
C LEU A 374 8.83 10.63 -16.91
N VAL A 375 8.72 11.30 -15.76
CA VAL A 375 8.30 12.69 -15.66
C VAL A 375 9.54 13.56 -15.45
N PHE A 376 9.78 14.49 -16.36
CA PHE A 376 10.94 15.37 -16.35
C PHE A 376 10.41 16.79 -16.20
N LYS A 377 11.00 17.58 -15.30
CA LYS A 377 10.42 18.87 -14.92
C LYS A 377 11.38 20.03 -15.18
N PRO A 378 11.64 20.36 -16.45
CA PRO A 378 12.33 21.63 -16.78
C PRO A 378 11.32 22.78 -16.90
N ALA A 379 10.63 23.05 -15.81
CA ALA A 379 9.44 23.88 -15.84
C ALA A 379 9.73 25.24 -15.24
N ALA A 380 8.77 26.15 -15.40
CA ALA A 380 8.81 27.45 -14.74
C ALA A 380 8.61 27.25 -13.24
N GLN A 381 8.69 28.36 -12.48
CA GLN A 381 8.68 28.21 -11.03
C GLN A 381 7.32 27.73 -10.53
N GLY A 382 6.24 28.22 -11.13
CA GLY A 382 4.91 27.91 -10.62
C GLY A 382 4.50 28.73 -9.41
N MET A 383 5.15 29.87 -9.18
CA MET A 383 4.78 30.86 -8.16
C MET A 383 4.96 30.26 -6.76
N GLY A 384 4.12 30.62 -5.77
CA GLY A 384 4.46 30.34 -4.38
C GLY A 384 4.40 28.86 -3.99
N HIS A 385 3.61 28.07 -4.71
CA HIS A 385 3.59 26.62 -4.49
C HIS A 385 4.66 25.89 -5.27
N GLY A 386 5.44 26.61 -6.08
CA GLY A 386 6.47 25.96 -6.84
C GLY A 386 7.57 25.43 -5.94
N HIS A 387 8.17 24.32 -6.38
CA HIS A 387 9.33 23.77 -5.69
C HIS A 387 10.62 24.15 -6.42
N PHE A 388 11.73 24.19 -5.67
CA PHE A 388 13.01 24.63 -6.24
C PHE A 388 13.75 23.41 -6.80
N ASP A 389 13.32 23.00 -8.00
CA ASP A 389 13.54 21.62 -8.42
C ASP A 389 13.86 21.53 -9.92
N LYS A 390 14.55 22.52 -10.47
CA LYS A 390 14.75 22.56 -11.92
C LYS A 390 15.43 21.28 -12.39
N LEU A 391 14.88 20.71 -13.46
CA LEU A 391 15.36 19.50 -14.12
C LEU A 391 15.13 18.23 -13.30
N THR A 392 14.35 18.27 -12.23
CA THR A 392 14.11 17.06 -11.47
C THR A 392 13.34 16.02 -12.30
N TRP A 393 13.39 14.78 -11.84
CA TRP A 393 12.63 13.74 -12.53
C TRP A 393 12.03 12.74 -11.54
N GLN A 394 11.02 12.02 -12.04
CA GLN A 394 10.44 10.88 -11.36
C GLN A 394 10.39 9.70 -12.31
N PHE A 395 10.25 8.52 -11.73
CA PHE A 395 10.05 7.30 -12.52
C PHE A 395 8.90 6.49 -11.93
N TYR A 396 7.96 6.10 -12.79
CA TYR A 396 6.83 5.24 -12.41
C TYR A 396 6.88 3.95 -13.21
N ASP A 397 6.55 2.85 -12.55
CA ASP A 397 6.61 1.52 -13.15
C ASP A 397 5.66 0.59 -12.42
N ARG A 398 4.92 -0.22 -13.19
CA ARG A 398 4.00 -1.23 -12.66
C ARG A 398 3.14 -0.70 -11.52
N GLY A 399 2.55 0.48 -11.70
CA GLY A 399 1.59 0.99 -10.76
C GLY A 399 2.15 1.83 -9.62
N GLU A 400 3.47 1.88 -9.45
CA GLU A 400 4.06 2.55 -8.29
C GLU A 400 5.02 3.66 -8.71
N GLU A 401 5.17 4.62 -7.80
CA GLU A 401 6.19 5.65 -7.87
C GLU A 401 7.52 5.05 -7.42
N ILE A 402 8.51 5.00 -8.30
CA ILE A 402 9.77 4.32 -7.99
C ILE A 402 10.86 5.32 -7.61
N VAL A 403 11.02 6.38 -8.40
CA VAL A 403 11.93 7.49 -8.09
C VAL A 403 11.01 8.67 -7.80
N THR A 404 11.15 9.26 -6.61
CA THR A 404 10.02 9.98 -6.02
C THR A 404 10.23 11.49 -5.91
N ASP A 405 9.09 12.17 -5.87
CA ASP A 405 8.96 13.58 -5.47
C ASP A 405 8.18 13.61 -4.16
N TYR A 406 8.68 14.36 -3.17
CA TYR A 406 8.03 14.36 -1.86
C TYR A 406 6.61 14.91 -1.90
N GLY A 407 6.31 15.83 -2.83
CA GLY A 407 5.06 16.53 -2.61
C GLY A 407 5.19 17.52 -1.45
N ALA A 408 4.05 17.92 -0.91
CA ALA A 408 4.04 18.90 0.16
C ALA A 408 4.15 18.23 1.53
N ALA A 409 4.73 18.98 2.50
CA ALA A 409 4.64 18.61 3.91
C ALA A 409 3.38 19.27 4.44
N ARG A 410 2.28 18.51 4.44
CA ARG A 410 0.97 18.99 4.85
C ARG A 410 0.06 17.79 5.02
N PHE A 411 -0.84 17.87 5.99
CA PHE A 411 -1.79 16.81 6.29
C PHE A 411 -3.17 17.41 6.07
N LEU A 412 -3.66 17.26 4.84
CA LEU A 412 -4.88 17.91 4.42
C LEU A 412 -6.01 17.63 5.38
N ASN A 413 -6.64 18.70 5.88
CA ASN A 413 -7.85 18.60 6.68
C ASN A 413 -7.63 17.73 7.93
N VAL A 414 -6.42 17.76 8.50
CA VAL A 414 -6.14 17.18 9.81
C VAL A 414 -5.87 18.35 10.76
N GLU A 415 -6.85 18.68 11.61
CA GLU A 415 -6.78 19.91 12.41
C GLU A 415 -5.63 19.87 13.40
N ALA A 416 -5.32 18.69 13.95
CA ALA A 416 -4.23 18.60 14.91
C ALA A 416 -2.88 18.82 14.26
N LYS A 417 -2.79 18.75 12.93
CA LYS A 417 -1.57 19.08 12.20
C LYS A 417 -1.69 20.49 11.61
N ASN A 418 -1.64 21.47 12.50
CA ASN A 418 -1.57 22.88 12.11
C ASN A 418 -2.77 23.27 11.24
N GLY A 419 -3.94 22.71 11.54
CA GLY A 419 -5.15 23.07 10.82
C GLY A 419 -5.14 22.64 9.37
N GLY A 420 -4.49 21.52 9.07
CA GLY A 420 -4.35 21.09 7.69
C GLY A 420 -3.56 22.04 6.81
N ARG A 421 -2.84 23.00 7.41
CA ARG A 421 -2.10 24.00 6.64
C ARG A 421 -0.75 23.44 6.22
N TYR A 422 -0.15 24.07 5.18
CA TYR A 422 1.24 23.79 4.89
C TYR A 422 2.06 24.03 6.13
N LEU A 423 2.93 23.08 6.44
CA LEU A 423 3.69 23.05 7.68
C LEU A 423 5.02 23.77 7.48
N GLN A 424 5.73 23.98 8.60
CA GLN A 424 7.01 24.67 8.51
C GLN A 424 7.97 23.91 7.59
N GLU A 425 7.96 22.57 7.70
CA GLU A 425 8.84 21.73 6.89
C GLU A 425 8.45 21.68 5.43
N ASN A 426 7.30 22.24 5.03
CA ASN A 426 7.09 22.41 3.60
C ASN A 426 8.09 23.41 3.04
N GLU A 427 8.38 24.45 3.81
CA GLU A 427 9.38 25.42 3.38
C GLU A 427 10.79 24.87 3.56
N THR A 428 11.08 24.29 4.73
CA THR A 428 12.45 23.92 5.06
C THR A 428 12.87 22.55 4.52
N TRP A 429 11.92 21.72 4.07
CA TRP A 429 12.26 20.47 3.40
C TRP A 429 11.65 20.38 2.00
N ALA A 430 10.32 20.40 1.89
CA ALA A 430 9.67 19.88 0.68
C ALA A 430 9.94 20.75 -0.54
N LYS A 431 10.11 22.06 -0.34
CA LYS A 431 10.42 22.96 -1.44
C LYS A 431 11.89 22.95 -1.83
N GLN A 432 12.74 22.39 -0.97
CA GLN A 432 14.18 22.52 -1.16
C GLN A 432 14.67 21.55 -2.22
N THR A 433 15.76 21.95 -2.88
CA THR A 433 16.28 21.20 -4.01
C THR A 433 16.77 19.82 -3.60
N ILE A 434 17.38 19.72 -2.41
CA ILE A 434 17.87 18.42 -1.96
C ILE A 434 16.73 17.43 -1.80
N ALA A 435 15.50 17.92 -1.61
CA ALA A 435 14.39 16.97 -1.54
C ALA A 435 14.01 16.40 -2.90
N HIS A 436 14.71 16.74 -3.98
CA HIS A 436 14.34 16.33 -5.33
C HIS A 436 15.50 15.60 -5.98
N ASN A 437 15.27 15.09 -7.20
CA ASN A 437 16.25 14.29 -7.92
C ASN A 437 16.94 15.16 -8.98
N THR A 438 17.68 16.13 -8.51
CA THR A 438 18.35 17.06 -9.41
C THR A 438 19.56 17.60 -8.67
N VAL A 439 20.42 18.29 -9.41
CA VAL A 439 21.74 18.63 -8.87
C VAL A 439 21.61 19.76 -7.87
N VAL A 440 22.28 19.60 -6.75
CA VAL A 440 22.39 20.63 -5.73
C VAL A 440 23.84 21.05 -5.66
N VAL A 441 24.10 22.34 -5.84
CA VAL A 441 25.45 22.90 -5.86
C VAL A 441 25.70 23.54 -4.51
N ASP A 442 26.77 23.09 -3.83
CA ASP A 442 27.23 23.68 -2.58
C ASP A 442 26.14 23.71 -1.50
N GLU A 443 25.36 22.63 -1.41
CA GLU A 443 24.28 22.51 -0.41
C GLU A 443 23.37 23.74 -0.40
N THR A 444 23.09 24.27 -1.59
CA THR A 444 22.27 25.46 -1.80
C THR A 444 21.19 25.09 -2.80
N SER A 445 19.97 25.55 -2.56
CA SER A 445 18.87 25.28 -3.47
C SER A 445 18.95 26.17 -4.69
N HIS A 446 18.33 25.70 -5.79
CA HIS A 446 18.20 26.49 -7.00
C HIS A 446 17.68 27.89 -6.67
N PHE A 447 18.25 28.89 -7.33
CA PHE A 447 17.91 30.28 -7.05
C PHE A 447 18.10 30.66 -5.59
N ASP A 448 18.78 29.81 -4.80
CA ASP A 448 19.00 30.04 -3.36
C ASP A 448 17.71 30.40 -2.63
N ASN A 449 16.61 29.72 -2.99
CA ASN A 449 15.33 29.90 -2.30
C ASN A 449 14.76 31.32 -2.46
N ASN A 450 15.23 32.09 -3.44
CA ASN A 450 14.77 33.46 -3.67
C ASN A 450 13.62 33.44 -4.67
N LEU A 451 12.41 33.66 -4.18
CA LEU A 451 11.23 33.43 -5.01
C LEU A 451 11.15 34.44 -6.16
N LYS A 452 11.62 35.68 -5.93
CA LYS A 452 11.57 36.66 -7.00
C LYS A 452 12.50 36.27 -8.15
N ILE A 453 13.71 35.81 -7.84
CA ILE A 453 14.60 35.35 -8.89
C ILE A 453 14.04 34.11 -9.57
N ALA A 454 13.47 33.19 -8.79
CA ALA A 454 12.94 31.95 -9.36
C ALA A 454 11.78 32.22 -10.31
N ASN A 455 10.90 33.16 -9.94
CA ASN A 455 9.76 33.49 -10.80
C ASN A 455 10.20 34.11 -12.11
N ARG A 456 11.40 34.68 -12.17
CA ARG A 456 11.88 35.32 -13.38
C ARG A 456 12.77 34.40 -14.22
N ASN A 457 13.05 33.17 -13.78
CA ASN A 457 13.95 32.28 -14.53
C ASN A 457 13.31 30.92 -14.76
N HIS A 458 13.70 30.28 -15.87
CA HIS A 458 13.12 29.00 -16.26
C HIS A 458 14.10 28.25 -17.15
N PRO A 459 14.08 26.94 -17.13
CA PRO A 459 14.93 26.18 -18.06
C PRO A 459 14.46 26.36 -19.49
N GLU A 460 15.35 26.07 -20.42
CA GLU A 460 15.00 26.00 -21.83
C GLU A 460 14.90 24.53 -22.21
N LEU A 461 13.74 24.14 -22.75
CA LEU A 461 13.61 22.80 -23.31
C LEU A 461 14.40 22.74 -24.61
N LEU A 462 15.35 21.82 -24.68
CA LEU A 462 16.22 21.74 -25.86
C LEU A 462 15.57 20.93 -26.97
N PHE A 463 15.10 19.72 -26.66
CA PHE A 463 14.38 18.92 -27.63
C PHE A 463 13.51 17.93 -26.89
N PHE A 464 12.58 17.35 -27.63
CA PHE A 464 11.72 16.28 -27.12
C PHE A 464 11.38 15.41 -28.30
N HIS A 465 11.54 14.11 -28.14
CA HIS A 465 11.22 13.20 -29.23
C HIS A 465 10.75 11.90 -28.64
N ALA A 466 9.66 11.37 -29.19
CA ALA A 466 9.14 10.09 -28.75
C ALA A 466 8.86 9.21 -29.97
N ASP A 467 9.48 8.05 -30.01
CA ASP A 467 9.02 7.00 -30.91
C ASP A 467 8.81 5.74 -30.10
N ASP A 468 8.48 4.62 -30.75
CA ASP A 468 8.10 3.42 -30.02
C ASP A 468 9.25 2.86 -29.20
N GLN A 469 10.50 3.07 -29.61
CA GLN A 469 11.63 2.51 -28.89
C GLN A 469 12.35 3.50 -27.99
N VAL A 470 12.44 4.77 -28.39
CA VAL A 470 13.15 5.80 -27.62
C VAL A 470 12.21 6.98 -27.40
N LYS A 471 12.11 7.42 -26.14
CA LYS A 471 11.53 8.71 -25.77
C LYS A 471 12.64 9.50 -25.10
N ILE A 472 12.86 10.74 -25.51
CA ILE A 472 14.07 11.43 -25.06
C ILE A 472 13.80 12.92 -25.03
N SER A 473 14.32 13.58 -24.00
CA SER A 473 14.14 15.02 -23.86
C SER A 473 15.35 15.57 -23.12
N ALA A 474 15.66 16.83 -23.40
CA ALA A 474 16.78 17.52 -22.80
C ALA A 474 16.40 18.95 -22.50
N ALA A 475 16.99 19.50 -21.45
CA ALA A 475 16.75 20.90 -21.15
C ALA A 475 17.94 21.40 -20.36
N GLU A 476 17.97 22.72 -20.15
CA GLU A 476 19.15 23.36 -19.59
C GLU A 476 18.75 24.62 -18.85
N ILE A 477 19.52 24.99 -17.83
CA ILE A 477 19.30 26.25 -17.14
C ILE A 477 20.64 26.75 -16.61
N ASP A 478 20.92 28.03 -16.82
CA ASP A 478 22.18 28.64 -16.44
C ASP A 478 22.03 29.66 -15.32
N SER A 479 20.81 29.83 -14.79
CA SER A 479 20.49 30.84 -13.80
C SER A 479 20.14 30.27 -12.43
N ALA A 480 20.29 28.94 -12.23
CA ALA A 480 19.96 28.36 -10.92
C ALA A 480 21.03 28.70 -9.91
N TYR A 481 22.25 28.93 -10.38
CA TYR A 481 23.39 29.24 -9.56
C TYR A 481 24.25 30.15 -10.42
N PRO A 482 24.79 31.23 -9.85
CA PRO A 482 25.62 32.13 -10.64
C PRO A 482 26.85 31.42 -11.17
N GLY A 483 27.02 31.47 -12.48
CA GLY A 483 28.20 30.91 -13.11
C GLY A 483 28.21 29.41 -13.27
N VAL A 484 27.08 28.75 -13.03
CA VAL A 484 26.93 27.31 -13.22
C VAL A 484 25.84 27.04 -14.25
N SER A 485 26.16 26.20 -15.23
CA SER A 485 25.18 25.74 -16.19
C SER A 485 24.80 24.31 -15.86
N LEU A 486 23.51 24.00 -15.97
CA LEU A 486 22.96 22.69 -15.68
C LEU A 486 22.23 22.21 -16.91
N LYS A 487 22.58 21.02 -17.37
CA LYS A 487 21.96 20.44 -18.55
C LYS A 487 21.66 18.99 -18.24
N ARG A 488 20.44 18.56 -18.57
CA ARG A 488 20.07 17.17 -18.35
C ARG A 488 19.33 16.65 -19.57
N THR A 489 19.67 15.42 -19.97
CA THR A 489 18.83 14.71 -20.90
C THR A 489 18.48 13.37 -20.28
N LEU A 490 17.22 12.99 -20.47
CA LEU A 490 16.64 11.79 -19.90
C LEU A 490 15.98 11.01 -21.00
N ALA A 491 16.25 9.71 -21.04
CA ALA A 491 15.68 8.86 -22.07
C ALA A 491 14.98 7.69 -21.41
N LEU A 492 13.83 7.34 -21.97
CA LEU A 492 13.13 6.09 -21.67
C LEU A 492 13.18 5.23 -22.93
N VAL A 493 13.77 4.06 -22.78
CA VAL A 493 14.03 3.16 -23.92
C VAL A 493 13.50 1.76 -23.65
N ASN A 494 13.17 1.03 -24.71
CA ASN A 494 12.76 -0.39 -24.58
C ASN A 494 13.45 -1.24 -25.64
N ASN A 495 13.80 -2.47 -25.29
CA ASN A 495 14.36 -3.41 -26.30
C ASN A 495 13.28 -4.44 -26.60
N PRO A 496 12.86 -4.57 -27.86
CA PRO A 496 11.90 -5.60 -28.23
C PRO A 496 12.41 -7.03 -28.03
N GLU A 497 13.68 -7.28 -28.32
CA GLU A 497 14.22 -8.66 -28.29
C GLU A 497 14.06 -9.22 -26.88
N SER A 498 14.43 -8.44 -25.88
CA SER A 498 14.21 -8.83 -24.47
C SER A 498 12.95 -8.09 -24.05
N GLY A 499 12.46 -8.28 -22.85
CA GLY A 499 11.33 -7.43 -22.43
C GLY A 499 11.88 -6.23 -21.71
N ASN A 500 13.19 -6.03 -21.76
CA ASN A 500 13.87 -5.00 -20.94
C ASN A 500 13.62 -3.54 -21.30
N SER A 501 13.75 -2.68 -20.28
CA SER A 501 13.55 -1.24 -20.42
C SER A 501 14.60 -0.55 -19.57
N PHE A 502 14.91 0.70 -19.92
CA PHE A 502 15.89 1.46 -19.17
C PHE A 502 15.49 2.92 -19.18
N ALA A 503 15.77 3.60 -18.08
CA ALA A 503 15.72 5.06 -18.00
C ALA A 503 17.17 5.54 -17.96
N ILE A 504 17.55 6.38 -18.91
CA ILE A 504 18.94 6.79 -19.07
C ILE A 504 19.06 8.28 -18.73
N ASP A 505 20.01 8.62 -17.87
CA ASP A 505 20.17 9.96 -17.33
C ASP A 505 21.60 10.45 -17.56
N VAL A 506 21.73 11.60 -18.21
CA VAL A 506 23.02 12.26 -18.43
C VAL A 506 22.88 13.69 -17.93
N PHE A 507 23.54 14.01 -16.82
CA PHE A 507 23.38 15.29 -16.14
C PHE A 507 24.71 16.03 -16.14
N GLY A 508 24.82 17.04 -17.01
CA GLY A 508 26.06 17.77 -17.18
C GLY A 508 26.04 19.05 -16.37
N VAL A 509 27.14 19.30 -15.67
CA VAL A 509 27.37 20.52 -14.89
C VAL A 509 28.62 21.22 -15.42
N GLU A 510 28.49 22.51 -15.74
CA GLU A 510 29.62 23.29 -16.24
C GLU A 510 29.75 24.59 -15.46
N SER A 511 30.96 24.87 -14.99
CA SER A 511 31.24 26.06 -14.21
C SER A 511 32.73 26.37 -14.33
N SER A 512 33.09 27.66 -14.21
CA SER A 512 34.51 27.99 -14.20
C SER A 512 35.13 27.89 -12.81
N GLN A 513 34.31 27.70 -11.78
CA GLN A 513 34.73 27.59 -10.38
C GLN A 513 34.40 26.20 -9.85
N LYS A 514 35.16 25.79 -8.84
CA LYS A 514 34.91 24.51 -8.22
C LYS A 514 33.72 24.58 -7.28
N HIS A 515 32.94 23.50 -7.25
CA HIS A 515 31.76 23.39 -6.39
C HIS A 515 31.60 21.97 -5.90
N GLN A 516 30.89 21.81 -4.78
CA GLN A 516 30.40 20.50 -4.37
C GLN A 516 29.09 20.21 -5.09
N LEU A 517 28.99 19.04 -5.71
CA LEU A 517 27.83 18.68 -6.54
C LEU A 517 27.14 17.45 -5.96
N ASP A 518 25.86 17.59 -5.61
CA ASP A 518 25.02 16.50 -5.09
C ASP A 518 23.93 16.15 -6.09
N LEU A 519 23.81 14.87 -6.42
CA LEU A 519 22.68 14.40 -7.21
C LEU A 519 21.94 13.36 -6.39
N PRO A 520 20.83 13.72 -5.72
CA PRO A 520 20.08 12.74 -4.95
C PRO A 520 19.29 11.80 -5.85
N LEU A 521 19.02 10.61 -5.33
CA LEU A 521 18.04 9.70 -5.92
C LEU A 521 17.15 9.25 -4.77
N HIS A 522 15.93 9.77 -4.70
CA HIS A 522 14.95 9.39 -3.69
C HIS A 522 14.12 8.24 -4.25
N TYR A 523 14.04 7.14 -3.50
CA TYR A 523 13.46 5.91 -4.05
C TYR A 523 12.41 5.35 -3.10
N ASN A 524 11.49 4.58 -3.68
CA ASN A 524 10.47 3.85 -2.96
C ASN A 524 10.79 2.37 -3.06
N GLY A 525 11.00 1.73 -1.92
CA GLY A 525 11.32 0.32 -1.92
C GLY A 525 12.36 -0.02 -0.88
N GLN A 526 12.82 -1.27 -0.89
CA GLN A 526 13.73 -1.78 0.12
C GLN A 526 15.13 -1.95 -0.49
N LEU A 527 16.13 -1.33 0.13
CA LEU A 527 17.49 -1.50 -0.37
C LEU A 527 17.94 -2.95 -0.18
N VAL A 528 18.43 -3.57 -1.24
CA VAL A 528 18.80 -4.98 -1.14
C VAL A 528 20.24 -5.25 -1.56
N ASP A 529 20.90 -4.38 -2.33
CA ASP A 529 22.26 -4.68 -2.70
C ASP A 529 22.99 -3.43 -3.18
N THR A 530 24.32 -3.48 -3.04
CA THR A 530 25.26 -2.53 -3.65
C THR A 530 26.45 -3.33 -4.13
N ASN A 531 27.16 -2.83 -5.15
CA ASN A 531 28.40 -3.49 -5.58
C ASN A 531 29.63 -2.83 -4.99
N PHE A 532 29.48 -2.18 -3.84
CA PHE A 532 30.55 -1.53 -3.12
C PHE A 532 30.23 -1.63 -1.63
N ARG A 533 31.27 -1.55 -0.80
CA ARG A 533 31.09 -1.73 0.64
C ARG A 533 30.22 -0.62 1.22
N LEU A 534 29.21 -1.03 2.00
CA LEU A 534 28.30 -0.08 2.64
C LEU A 534 27.84 -0.70 3.95
N GLN A 535 28.18 -0.08 5.07
CA GLN A 535 27.68 -0.47 6.38
C GLN A 535 27.03 0.76 7.01
N GLY A 536 25.78 0.60 7.47
CA GLY A 536 25.07 1.72 8.07
C GLY A 536 25.64 2.10 9.41
N PHE A 537 25.57 3.40 9.74
CA PHE A 537 25.93 3.82 11.08
C PHE A 537 25.00 3.14 12.09
N THR A 538 25.56 2.72 13.20
CA THR A 538 24.87 1.73 14.02
C THR A 538 24.37 2.27 15.36
N ASP A 539 25.08 3.19 16.00
CA ASP A 539 24.78 3.59 17.37
C ASP A 539 24.19 4.98 17.50
N SER A 540 24.30 5.82 16.47
CA SER A 540 23.66 7.11 16.51
C SER A 540 23.49 7.59 15.08
N LEU A 541 22.59 8.55 14.91
CA LEU A 541 22.38 9.20 13.64
C LEU A 541 22.52 10.70 13.83
N LYS A 542 23.01 11.37 12.80
CA LYS A 542 23.09 12.82 12.81
C LYS A 542 22.71 13.36 11.44
N ALA A 543 22.23 14.59 11.42
CA ALA A 543 21.81 15.21 10.17
C ALA A 543 22.97 15.34 9.19
N LEU A 544 22.64 15.25 7.90
CA LEU A 544 23.65 15.36 6.85
C LEU A 544 24.25 16.76 6.78
N GLY A 545 23.46 17.79 7.11
CA GLY A 545 23.88 19.16 6.95
C GLY A 545 23.14 20.11 7.88
N THR A 546 23.20 21.41 7.59
CA THR A 546 22.66 22.42 8.47
C THR A 546 21.61 23.31 7.84
N ASN A 547 21.47 23.34 6.51
CA ASN A 547 20.54 24.28 5.91
C ASN A 547 19.96 23.72 4.62
N ASN A 548 18.99 24.46 4.08
CA ASN A 548 18.44 24.20 2.74
C ASN A 548 17.95 22.77 2.60
N GLY A 549 17.44 22.20 3.70
CA GLY A 549 16.88 20.86 3.72
C GLY A 549 17.83 19.79 4.21
N TYR A 550 19.14 20.02 4.15
CA TYR A 550 20.08 19.00 4.60
C TYR A 550 19.94 18.72 6.10
N GLN A 551 19.39 19.67 6.85
CA GLN A 551 19.18 19.48 8.29
C GLN A 551 18.07 18.49 8.59
N HIS A 552 17.29 18.08 7.59
CA HIS A 552 16.20 17.13 7.81
C HIS A 552 16.57 15.68 7.44
N LEU A 553 17.74 15.45 6.83
CA LEU A 553 18.16 14.10 6.43
C LEU A 553 19.09 13.52 7.48
N TRP A 554 18.74 12.34 8.00
CA TRP A 554 19.71 11.52 8.73
C TRP A 554 20.66 10.89 7.72
N LEU A 555 21.96 10.91 8.02
CA LEU A 555 22.92 10.16 7.22
C LEU A 555 23.01 8.75 7.81
N LYS A 556 22.46 7.77 7.11
CA LYS A 556 22.47 6.41 7.62
C LYS A 556 23.74 5.64 7.22
N ALA A 557 24.38 6.01 6.11
CA ALA A 557 25.55 5.27 5.66
C ALA A 557 26.27 6.08 4.60
N ARG A 558 27.57 5.80 4.49
CA ARG A 558 28.43 6.45 3.51
C ARG A 558 29.21 5.37 2.76
N GLY A 559 29.27 5.49 1.45
CA GLY A 559 30.10 4.64 0.63
C GLY A 559 30.89 5.45 -0.36
N LYS A 560 32.06 4.93 -0.73
CA LYS A 560 32.91 5.55 -1.75
C LYS A 560 33.34 4.46 -2.72
N PRO A 561 32.53 4.20 -3.75
CA PRO A 561 32.87 3.12 -4.68
C PRO A 561 34.10 3.45 -5.50
N ASP A 562 34.79 2.39 -5.91
CA ASP A 562 35.96 2.52 -6.76
C ASP A 562 35.55 3.03 -8.14
N SER A 563 36.50 3.64 -8.83
CA SER A 563 36.28 4.08 -10.20
C SER A 563 35.66 2.95 -11.01
N GLY A 564 34.71 3.32 -11.88
CA GLY A 564 34.02 2.33 -12.69
C GLY A 564 32.51 2.36 -12.53
N LEU A 565 31.90 1.20 -12.33
CA LEU A 565 30.45 1.03 -12.29
C LEU A 565 29.98 0.87 -10.86
N ALA A 566 29.14 1.80 -10.39
CA ALA A 566 28.47 1.69 -9.11
C ALA A 566 27.03 1.23 -9.36
N GLN A 567 26.56 0.30 -8.51
CA GLN A 567 25.24 -0.28 -8.69
C GLN A 567 24.52 -0.33 -7.36
N VAL A 568 23.32 0.24 -7.33
CA VAL A 568 22.46 0.23 -6.14
C VAL A 568 21.15 -0.44 -6.54
N THR A 569 20.75 -1.46 -5.79
CA THR A 569 19.57 -2.26 -6.13
C THR A 569 18.58 -2.21 -4.99
N TRP A 570 17.34 -1.88 -5.30
CA TRP A 570 16.29 -1.94 -4.30
C TRP A 570 15.12 -2.72 -4.86
N LEU A 571 14.27 -3.18 -3.96
CA LEU A 571 13.10 -3.99 -4.28
C LEU A 571 11.83 -3.23 -3.92
N ASN A 572 10.90 -3.14 -4.86
CA ASN A 572 9.65 -2.41 -4.64
C ASN A 572 8.48 -3.38 -4.47
N ASP A 573 7.44 -2.92 -3.76
CA ASP A 573 6.27 -3.77 -3.53
C ASP A 573 5.57 -4.18 -4.80
N ASN A 574 5.79 -3.46 -5.90
CA ASN A 574 5.17 -3.91 -7.14
C ASN A 574 5.78 -5.20 -7.69
N GLY A 575 6.76 -5.78 -7.00
CA GLY A 575 7.34 -7.04 -7.45
C GLY A 575 8.50 -6.91 -8.40
N ARG A 576 9.06 -5.70 -8.59
CA ARG A 576 10.18 -5.51 -9.49
C ARG A 576 11.39 -4.98 -8.75
N PHE A 577 12.54 -5.42 -9.19
CA PHE A 577 13.81 -4.89 -8.69
C PHE A 577 14.22 -3.72 -9.56
N TYR A 578 14.92 -2.79 -8.95
CA TYR A 578 15.45 -1.63 -9.65
C TYR A 578 16.91 -1.51 -9.31
N THR A 579 17.75 -1.36 -10.33
CA THR A 579 19.17 -1.13 -10.12
C THR A 579 19.53 0.16 -10.84
N GLN A 580 20.04 1.13 -10.08
CA GLN A 580 20.72 2.27 -10.68
C GLN A 580 22.19 1.90 -10.88
N SER A 581 22.61 1.85 -12.13
CA SER A 581 24.02 1.72 -12.48
C SER A 581 24.55 3.10 -12.87
N SER A 582 25.62 3.55 -12.22
CA SER A 582 26.14 4.87 -12.47
C SER A 582 27.64 4.81 -12.70
N LEU A 583 28.14 5.71 -13.56
CA LEU A 583 29.57 5.86 -13.76
C LEU A 583 30.15 6.73 -12.63
N VAL A 584 31.16 6.21 -11.94
CA VAL A 584 31.81 6.93 -10.86
C VAL A 584 33.32 6.96 -11.10
N ASP A 585 33.96 7.96 -10.51
CA ASP A 585 35.36 8.27 -10.83
C ASP A 585 36.29 8.00 -9.67
N GLY A 586 35.87 7.20 -8.69
CA GLY A 586 36.64 7.05 -7.47
C GLY A 586 36.60 8.23 -6.53
N LYS A 587 36.15 9.40 -6.99
CA LYS A 587 36.05 10.58 -6.15
C LYS A 587 34.62 10.90 -5.74
N THR A 588 33.65 10.06 -6.13
CA THR A 588 32.24 10.31 -5.86
C THR A 588 31.81 9.48 -4.65
N GLU A 589 31.29 10.16 -3.64
CA GLU A 589 30.69 9.56 -2.47
C GLU A 589 29.22 9.25 -2.75
N LEU A 590 28.73 8.16 -2.18
CA LEU A 590 27.31 7.89 -2.20
C LEU A 590 26.81 7.83 -0.78
N LEU A 591 25.88 8.72 -0.47
CA LEU A 591 25.39 8.92 0.88
C LEU A 591 23.95 8.44 0.95
N PHE A 592 23.67 7.58 1.92
CA PHE A 592 22.37 6.97 2.07
C PHE A 592 21.67 7.69 3.21
N THR A 593 20.47 8.20 2.93
CA THR A 593 19.79 9.09 3.85
C THR A 593 18.45 8.51 4.27
N GLU A 594 17.95 9.00 5.40
CA GLU A 594 16.56 8.78 5.81
C GLU A 594 16.02 10.12 6.30
N LEU A 595 14.90 10.56 5.77
CA LEU A 595 14.26 11.83 6.23
C LEU A 595 13.78 11.69 7.68
N GLY A 596 13.90 12.75 8.48
CA GLY A 596 13.40 12.73 9.86
C GLY A 596 14.16 13.57 10.87
N ALA A 597 15.28 14.15 10.48
CA ALA A 597 16.01 15.03 11.40
C ALA A 597 15.31 16.37 11.56
N ASN A 598 15.59 17.05 12.67
CA ASN A 598 15.00 18.36 12.93
C ASN A 598 13.51 18.38 12.63
N ASP A 599 12.81 17.37 13.15
CA ASP A 599 11.39 17.18 12.87
C ASP A 599 10.65 16.96 14.18
N PRO A 600 10.62 17.96 15.05
CA PRO A 600 10.14 17.73 16.43
C PRO A 600 8.65 17.42 16.53
N ASN A 601 7.84 17.80 15.54
CA ASN A 601 6.41 17.53 15.57
C ASN A 601 6.00 16.32 14.72
N PHE A 602 6.96 15.46 14.36
CA PHE A 602 6.69 14.24 13.58
C PHE A 602 5.96 14.58 12.29
N ASN A 603 6.48 15.58 11.58
CA ASN A 603 5.79 16.08 10.39
C ASN A 603 6.28 15.44 9.10
N LEU A 604 7.40 14.73 9.09
CA LEU A 604 7.98 14.20 7.87
C LEU A 604 7.87 12.69 7.84
N ARG A 605 7.67 12.13 6.64
CA ARG A 605 7.76 10.68 6.47
C ARG A 605 9.22 10.24 6.45
N SER A 606 9.45 8.97 6.80
CA SER A 606 10.79 8.40 6.83
C SER A 606 11.28 7.97 5.44
N GLU A 607 11.25 8.86 4.46
CA GLU A 607 11.63 8.51 3.11
C GLU A 607 13.13 8.26 2.99
N LYS A 608 13.49 7.39 2.04
CA LYS A 608 14.88 6.97 1.85
C LYS A 608 15.42 7.49 0.52
N GLY A 609 16.75 7.61 0.46
CA GLY A 609 17.40 8.06 -0.77
C GLY A 609 18.89 7.79 -0.70
N PHE A 610 19.55 8.01 -1.82
CA PHE A 610 21.01 8.06 -1.81
C PHE A 610 21.45 9.21 -2.70
N ILE A 611 22.59 9.79 -2.34
CA ILE A 611 23.10 11.01 -2.95
C ILE A 611 24.50 10.72 -3.46
N ALA A 612 24.71 10.93 -4.76
CA ALA A 612 26.06 10.96 -5.31
C ALA A 612 26.66 12.34 -5.05
N ARG A 613 27.75 12.39 -4.29
CA ARG A 613 28.41 13.65 -3.97
C ARG A 613 29.80 13.70 -4.59
N ARG A 614 30.07 14.78 -5.31
CA ARG A 614 31.38 15.02 -5.92
C ARG A 614 31.87 16.40 -5.52
N ASN A 615 33.01 16.47 -4.85
CA ASN A 615 33.61 17.71 -4.39
C ASN A 615 34.70 18.23 -5.34
N GLY A 616 34.87 19.54 -5.35
CA GLY A 616 35.97 20.14 -6.09
C GLY A 616 35.91 19.98 -7.59
N ALA A 617 34.72 19.93 -8.17
CA ALA A 617 34.57 19.77 -9.61
C ALA A 617 34.18 21.11 -10.21
N ARG A 618 34.76 21.44 -11.35
CA ARG A 618 34.26 22.58 -12.12
C ARG A 618 33.22 22.10 -13.11
N SER A 619 33.60 21.12 -13.91
CA SER A 619 32.70 20.50 -14.85
C SER A 619 32.66 19.02 -14.53
N HIS A 620 31.47 18.44 -14.61
CA HIS A 620 31.24 17.06 -14.23
C HIS A 620 29.96 16.61 -14.90
N THR A 621 29.92 15.34 -15.29
CA THR A 621 28.75 14.75 -15.89
C THR A 621 28.35 13.52 -15.08
N PHE A 622 27.11 13.51 -14.60
CA PHE A 622 26.55 12.33 -13.93
C PHE A 622 25.86 11.48 -14.98
N VAL A 623 26.35 10.26 -15.16
CA VAL A 623 25.79 9.30 -16.10
C VAL A 623 25.27 8.11 -15.31
N SER A 624 24.01 7.76 -15.54
CA SER A 624 23.44 6.62 -14.85
C SER A 624 22.34 6.01 -15.70
N VAL A 625 22.02 4.76 -15.39
CA VAL A 625 20.94 4.03 -16.04
C VAL A 625 20.10 3.39 -14.93
N LEU A 626 18.79 3.57 -15.01
CA LEU A 626 17.87 2.93 -14.06
C LEU A 626 17.25 1.73 -14.76
N GLU A 627 17.46 0.56 -14.20
CA GLU A 627 17.05 -0.70 -14.84
C GLU A 627 15.99 -1.39 -14.02
N PRO A 628 14.73 -1.40 -14.46
CA PRO A 628 13.74 -2.32 -13.87
C PRO A 628 13.99 -3.73 -14.38
N HIS A 629 14.09 -4.68 -13.45
CA HIS A 629 14.41 -6.03 -13.86
C HIS A 629 13.82 -7.03 -12.88
N GLY A 630 13.56 -8.23 -13.39
CA GLY A 630 13.17 -9.34 -12.55
C GLY A 630 11.68 -9.38 -12.28
N GLU A 631 11.29 -10.48 -11.64
CA GLU A 631 9.96 -10.60 -11.06
C GLU A 631 10.12 -11.18 -9.68
N TYR A 632 9.44 -10.58 -8.72
CA TYR A 632 9.44 -11.04 -7.35
C TYR A 632 8.00 -11.36 -7.00
N ASN A 633 7.66 -12.63 -6.91
CA ASN A 633 6.29 -13.03 -6.60
C ASN A 633 6.31 -13.76 -5.26
N PRO A 634 5.99 -13.08 -4.16
CA PRO A 634 5.95 -13.77 -2.87
C PRO A 634 4.68 -14.57 -2.63
N SER A 635 3.68 -14.45 -3.51
CA SER A 635 2.50 -15.32 -3.41
C SER A 635 2.81 -16.71 -3.93
N LYS A 636 3.24 -16.82 -5.19
CA LYS A 636 3.70 -18.08 -5.75
C LYS A 636 5.08 -18.49 -5.27
N GLU A 637 5.84 -17.57 -4.67
CA GLU A 637 7.15 -17.81 -4.08
C GLU A 637 8.20 -18.13 -5.14
N PHE A 638 8.34 -17.25 -6.12
CA PHE A 638 9.48 -17.36 -7.03
C PHE A 638 10.10 -15.98 -7.21
N THR A 639 11.36 -15.99 -7.62
CA THR A 639 12.12 -14.80 -7.97
C THR A 639 12.81 -15.09 -9.29
N LEU A 640 12.75 -14.14 -10.21
CA LEU A 640 13.50 -14.25 -11.46
C LEU A 640 14.36 -13.01 -11.61
N GLU A 641 15.61 -13.19 -12.00
CA GLU A 641 16.49 -12.09 -12.40
C GLU A 641 16.58 -11.00 -11.34
N ALA A 642 16.85 -11.41 -10.10
CA ALA A 642 16.96 -10.43 -9.01
C ALA A 642 18.23 -9.61 -9.15
N GLU A 643 19.27 -10.19 -9.72
CA GLU A 643 20.51 -9.49 -9.92
C GLU A 643 20.39 -8.58 -11.15
N SER A 644 20.99 -7.40 -11.06
CA SER A 644 21.06 -6.53 -12.21
C SER A 644 21.62 -7.28 -13.40
N GLN A 645 21.16 -6.92 -14.59
CA GLN A 645 21.68 -7.49 -15.82
C GLN A 645 22.66 -6.56 -16.51
N VAL A 646 22.94 -5.40 -15.92
CA VAL A 646 23.94 -4.49 -16.46
C VAL A 646 25.32 -4.94 -16.02
N GLN A 647 26.22 -5.13 -16.98
CA GLN A 647 27.60 -5.51 -16.71
C GLN A 647 28.57 -4.36 -16.85
N ALA A 648 28.28 -3.44 -17.77
CA ALA A 648 29.19 -2.34 -18.03
C ALA A 648 28.37 -1.15 -18.51
N LEU A 649 29.00 0.02 -18.43
CA LEU A 649 28.40 1.24 -18.90
C LEU A 649 29.51 2.11 -19.48
N GLN A 650 29.25 2.70 -20.64
CA GLN A 650 30.19 3.64 -21.23
C GLN A 650 29.42 4.80 -21.81
N HIS A 651 30.02 5.98 -21.70
CA HIS A 651 29.49 7.22 -22.23
C HIS A 651 30.56 7.80 -23.14
N ARG A 652 30.19 8.13 -24.38
CA ARG A 652 31.12 8.73 -25.31
C ARG A 652 30.44 9.86 -26.06
N GLN A 653 31.25 10.82 -26.50
CA GLN A 653 30.83 11.84 -27.45
C GLN A 653 31.36 11.49 -28.82
N ALA A 654 30.53 11.66 -29.86
CA ALA A 654 30.96 11.39 -31.24
C ALA A 654 30.38 12.52 -32.10
N GLY A 655 31.09 13.65 -32.10
CA GLY A 655 30.63 14.80 -32.86
C GLY A 655 29.42 15.40 -32.19
N ASP A 656 28.34 15.54 -32.95
CA ASP A 656 27.08 16.03 -32.40
C ASP A 656 26.34 14.96 -31.60
N LEU A 657 26.87 13.74 -31.54
CA LEU A 657 26.18 12.61 -30.95
C LEU A 657 26.72 12.30 -29.56
N GLU A 658 25.82 11.85 -28.68
CA GLU A 658 26.18 11.18 -27.44
C GLU A 658 25.80 9.71 -27.54
N LEU A 659 26.67 8.87 -27.01
CA LEU A 659 26.50 7.42 -27.02
C LEU A 659 26.48 6.95 -25.59
N ILE A 660 25.49 6.13 -25.24
CA ILE A 660 25.50 5.40 -23.97
C ILE A 660 25.39 3.94 -24.29
N ALA A 661 26.41 3.17 -23.94
CA ALA A 661 26.46 1.75 -24.23
C ALA A 661 26.32 0.99 -22.92
N ILE A 662 25.28 0.16 -22.84
CA ILE A 662 24.98 -0.62 -21.62
C ILE A 662 25.28 -2.09 -21.87
N GLY A 663 26.32 -2.59 -21.22
CA GLY A 663 26.62 -4.02 -21.31
C GLY A 663 25.58 -4.85 -20.58
N ILE A 664 25.12 -5.91 -21.24
CA ILE A 664 24.09 -6.80 -20.64
C ILE A 664 24.71 -8.17 -20.42
N LYS A 665 24.38 -8.79 -19.30
CA LYS A 665 24.89 -10.15 -19.00
C LYS A 665 24.22 -11.13 -19.95
N ASN A 666 25.03 -11.94 -20.63
CA ASN A 666 24.47 -12.98 -21.51
C ASN A 666 23.50 -12.31 -22.47
N GLY A 667 23.94 -11.17 -23.00
CA GLY A 667 23.04 -10.41 -23.87
C GLY A 667 23.78 -9.41 -24.75
N ALA A 668 23.08 -8.93 -25.77
CA ALA A 668 23.61 -7.92 -26.68
C ALA A 668 23.66 -6.59 -25.94
N THR A 669 24.76 -5.87 -26.11
CA THR A 669 24.84 -4.56 -25.47
C THR A 669 23.78 -3.62 -26.04
N GLN A 670 23.19 -2.80 -25.18
CA GLN A 670 22.24 -1.79 -25.64
C GLN A 670 23.00 -0.49 -25.81
N LEU A 671 22.93 0.08 -27.00
CA LEU A 671 23.65 1.32 -27.31
C LEU A 671 22.63 2.36 -27.72
N LEU A 672 22.49 3.39 -26.88
CA LEU A 672 21.65 4.55 -27.16
C LEU A 672 22.52 5.62 -27.80
N ALA A 673 22.12 6.09 -28.97
CA ALA A 673 22.81 7.18 -29.64
C ALA A 673 21.80 8.28 -29.93
N TYR A 674 22.13 9.51 -29.57
CA TYR A 674 21.23 10.62 -29.86
C TYR A 674 22.00 11.86 -30.24
N ASN A 675 21.38 12.65 -31.12
CA ASN A 675 21.94 13.93 -31.54
C ASN A 675 21.56 15.01 -30.52
N ARG A 676 22.55 15.81 -30.13
CA ARG A 676 22.37 16.84 -29.10
C ARG A 676 21.91 18.19 -29.62
N SER A 677 21.88 18.41 -30.93
CA SER A 677 21.59 19.74 -31.42
C SER A 677 20.11 20.04 -31.31
N SER A 678 19.78 21.32 -31.09
CA SER A 678 18.38 21.68 -30.91
C SER A 678 17.54 21.28 -32.13
N ASN A 679 18.13 21.38 -33.32
CA ASN A 679 17.43 21.24 -34.61
C ASN A 679 17.83 19.90 -35.27
N VAL A 680 16.88 18.97 -35.39
CA VAL A 680 17.19 17.70 -36.03
C VAL A 680 16.03 17.21 -36.90
N PRO A 681 16.09 17.41 -38.22
CA PRO A 681 15.01 16.93 -39.08
C PRO A 681 14.86 15.41 -38.97
N GLU A 682 13.63 14.95 -39.22
CA GLU A 682 13.35 13.53 -39.04
C GLU A 682 14.14 12.65 -40.01
N GLU A 683 14.48 13.19 -41.19
CA GLU A 683 15.22 12.43 -42.17
C GLU A 683 16.72 12.76 -42.17
N LEU A 684 17.19 13.48 -41.14
CA LEU A 684 18.62 13.74 -40.98
C LEU A 684 19.36 12.43 -40.72
N GLU A 685 20.56 12.31 -41.29
CA GLU A 685 21.37 11.10 -41.19
C GLU A 685 22.48 11.29 -40.17
N ASN A 686 22.66 10.30 -39.29
CA ASN A 686 23.70 10.30 -38.28
C ASN A 686 24.56 9.06 -38.45
N ILE A 687 25.86 9.20 -38.20
CA ILE A 687 26.81 8.11 -38.42
C ILE A 687 27.85 8.16 -37.31
N PHE A 688 28.22 7.00 -36.79
CA PHE A 688 29.27 6.95 -35.79
C PHE A 688 29.88 5.56 -35.81
N GLU A 689 31.03 5.45 -35.16
CA GLU A 689 31.75 4.20 -35.01
C GLU A 689 31.81 3.84 -33.54
N TYR A 690 31.52 2.57 -33.25
CA TYR A 690 31.62 2.04 -31.90
C TYR A 690 32.20 0.63 -31.99
N ASP A 691 33.37 0.43 -31.38
CA ASP A 691 34.02 -0.87 -31.31
C ASP A 691 34.25 -1.46 -32.70
N GLY A 692 34.79 -0.65 -33.60
CA GLY A 692 35.17 -1.11 -34.92
C GLY A 692 34.06 -1.09 -35.95
N ARG A 693 32.80 -1.04 -35.54
CA ARG A 693 31.68 -1.07 -36.48
C ARG A 693 31.12 0.33 -36.69
N LYS A 694 30.54 0.55 -37.86
CA LYS A 694 29.90 1.81 -38.17
C LYS A 694 28.39 1.65 -38.07
N TYR A 695 27.75 2.66 -37.49
CA TYR A 695 26.32 2.65 -37.26
C TYR A 695 25.72 3.92 -37.82
N GLN A 696 24.49 3.82 -38.31
CA GLN A 696 23.78 4.97 -38.83
C GLN A 696 22.34 4.95 -38.35
N PHE A 697 21.77 6.15 -38.17
CA PHE A 697 20.36 6.24 -37.85
C PHE A 697 19.81 7.56 -38.38
N THR A 698 18.50 7.56 -38.66
CA THR A 698 17.79 8.75 -39.08
C THR A 698 17.20 9.45 -37.86
N GLY A 699 17.38 10.77 -37.80
CA GLY A 699 16.66 11.57 -36.85
C GLY A 699 17.30 11.73 -35.49
N ARG A 700 16.46 11.85 -34.46
CA ARG A 700 16.89 12.33 -33.17
C ARG A 700 17.73 11.29 -32.41
N ALA A 701 17.29 10.04 -32.40
CA ALA A 701 17.87 9.04 -31.52
C ALA A 701 17.55 7.64 -32.02
N LYS A 702 18.37 6.70 -31.61
CA LYS A 702 18.13 5.30 -31.94
C LYS A 702 18.81 4.43 -30.90
N LEU A 703 18.14 3.33 -30.55
CA LEU A 703 18.69 2.31 -29.67
C LEU A 703 19.16 1.12 -30.50
N PHE A 704 20.44 0.78 -30.40
CA PHE A 704 21.04 -0.29 -31.19
C PHE A 704 21.25 -1.53 -30.34
N GLN A 705 21.05 -2.70 -30.95
CA GLN A 705 21.43 -3.97 -30.35
C GLN A 705 22.78 -4.41 -30.92
N ILE A 706 23.77 -4.63 -30.06
CA ILE A 706 25.12 -5.00 -30.49
C ILE A 706 25.45 -6.36 -29.91
N THR A 707 25.36 -7.39 -30.75
CA THR A 707 25.60 -8.76 -30.30
C THR A 707 27.07 -9.10 -30.42
N HIS B 1 -1.20 -44.60 -14.95
CA HIS B 1 -0.41 -44.86 -13.72
C HIS B 1 -0.63 -43.78 -12.70
N PRO B 2 -1.42 -42.69 -12.89
CA PRO B 2 -1.44 -41.69 -11.86
C PRO B 2 -2.12 -42.37 -10.66
N ASN B 3 -1.49 -42.34 -9.48
CA ASN B 3 -2.13 -42.85 -8.23
C ASN B 3 -1.53 -42.21 -6.98
N LEU B 4 -1.43 -40.89 -6.97
CA LEU B 4 -0.94 -40.19 -5.77
C LEU B 4 -2.04 -39.21 -5.32
N VAL B 5 -1.91 -37.93 -5.67
CA VAL B 5 -3.01 -36.97 -5.41
C VAL B 5 -4.01 -37.21 -6.53
N ILE B 6 -3.50 -37.33 -7.75
CA ILE B 6 -4.36 -37.60 -8.93
C ILE B 6 -4.34 -39.09 -9.23
N ASP B 7 -5.51 -39.64 -9.49
CA ASP B 7 -5.65 -41.07 -9.89
C ASP B 7 -6.27 -41.11 -11.29
N ALA B 8 -6.35 -42.30 -11.88
CA ALA B 8 -6.88 -42.46 -13.26
C ALA B 8 -8.31 -41.95 -13.36
N ALA B 9 -9.08 -42.15 -12.31
CA ALA B 9 -10.49 -41.70 -12.27
C ALA B 9 -10.53 -40.18 -12.41
N ASP B 10 -9.62 -39.49 -11.73
CA ASP B 10 -9.55 -38.02 -11.83
C ASP B 10 -9.21 -37.64 -13.27
N VAL B 11 -8.30 -38.36 -13.92
CA VAL B 11 -7.88 -38.02 -15.32
C VAL B 11 -9.08 -38.16 -16.26
N ASP B 12 -9.84 -39.24 -16.12
CA ASP B 12 -11.00 -39.50 -16.99
C ASP B 12 -12.04 -38.39 -16.78
N ALA B 13 -12.26 -38.00 -15.53
CA ALA B 13 -13.21 -36.92 -15.23
C ALA B 13 -12.72 -35.62 -15.86
N MET B 14 -11.42 -35.36 -15.75
CA MET B 14 -10.83 -34.13 -16.30
C MET B 14 -10.96 -34.12 -17.82
N GLN B 15 -10.76 -35.28 -18.45
CA GLN B 15 -10.80 -35.37 -19.93
C GLN B 15 -12.19 -34.97 -20.44
N GLY B 16 -13.23 -35.44 -19.76
CA GLY B 16 -14.60 -35.06 -20.16
C GLY B 16 -14.89 -33.59 -19.93
N ALA B 17 -14.44 -33.06 -18.81
CA ALA B 17 -14.71 -31.64 -18.44
C ALA B 17 -13.98 -30.64 -19.33
N VAL B 18 -12.82 -31.00 -19.85
CA VAL B 18 -11.96 -30.05 -20.62
C VAL B 18 -12.64 -29.51 -21.87
N ALA B 19 -13.57 -30.25 -22.45
CA ALA B 19 -14.21 -29.84 -23.72
C ALA B 19 -15.62 -29.31 -23.49
N LYS B 20 -15.86 -28.66 -22.36
CA LYS B 20 -17.15 -27.99 -22.11
C LYS B 20 -16.83 -26.60 -21.55
N PRO B 21 -17.45 -25.51 -22.04
CA PRO B 21 -17.14 -24.21 -21.51
C PRO B 21 -17.39 -24.15 -20.00
N GLY B 22 -16.46 -23.52 -19.29
CA GLY B 22 -16.54 -23.45 -17.82
C GLY B 22 -15.20 -23.02 -17.27
N ARG B 23 -15.11 -22.91 -15.95
CA ARG B 23 -13.83 -22.56 -15.32
C ARG B 23 -12.77 -23.63 -15.62
N PHE B 24 -13.14 -24.91 -15.57
CA PHE B 24 -12.10 -25.96 -15.72
C PHE B 24 -11.45 -25.87 -17.09
N ARG B 25 -12.27 -25.73 -18.11
CA ARG B 25 -11.73 -25.68 -19.48
C ARG B 25 -10.80 -24.48 -19.62
N SER B 26 -11.23 -23.34 -19.10
CA SER B 26 -10.43 -22.10 -19.24
C SER B 26 -9.09 -22.25 -18.49
N ALA B 27 -9.10 -22.86 -17.31
CA ALA B 27 -7.85 -23.11 -16.59
C ALA B 27 -6.98 -24.07 -17.40
N PHE B 28 -7.59 -25.07 -18.02
CA PHE B 28 -6.85 -26.06 -18.83
C PHE B 28 -6.16 -25.36 -20.01
N LEU B 29 -6.90 -24.50 -20.70
CA LEU B 29 -6.34 -23.80 -21.88
C LEU B 29 -5.19 -22.88 -21.44
N ALA B 30 -5.36 -22.22 -20.31
CA ALA B 30 -4.30 -21.33 -19.78
C ALA B 30 -3.03 -22.13 -19.41
N SER B 31 -3.19 -23.28 -18.75
CA SER B 31 -2.02 -24.12 -18.41
C SER B 31 -1.39 -24.62 -19.70
N LYS B 32 -2.21 -25.06 -20.63
CA LYS B 32 -1.69 -25.60 -21.90
C LYS B 32 -0.91 -24.51 -22.65
N SER B 33 -1.44 -23.29 -22.68
CA SER B 33 -0.72 -22.22 -23.41
C SER B 33 0.63 -22.01 -22.75
N ALA B 34 0.64 -21.92 -21.44
CA ALA B 34 1.89 -21.64 -20.70
C ALA B 34 2.89 -22.77 -20.89
N VAL B 35 2.43 -24.00 -20.75
CA VAL B 35 3.34 -25.17 -20.90
C VAL B 35 3.85 -25.25 -22.34
N ASP B 36 2.98 -25.03 -23.33
CA ASP B 36 3.38 -25.07 -24.76
C ASP B 36 4.48 -24.05 -25.03
N HIS B 37 4.35 -22.86 -24.45
CA HIS B 37 5.38 -21.81 -24.62
C HIS B 37 6.67 -22.25 -23.96
N ALA B 38 6.57 -22.81 -22.76
CA ALA B 38 7.75 -23.25 -22.01
C ALA B 38 8.46 -24.37 -22.77
N LEU B 39 7.70 -25.21 -23.46
CA LEU B 39 8.31 -26.30 -24.25
C LEU B 39 9.19 -25.75 -25.37
N GLN B 40 8.96 -24.52 -25.82
CA GLN B 40 9.79 -23.88 -26.87
C GLN B 40 11.21 -23.60 -26.37
N VAL B 41 11.38 -23.46 -25.07
CA VAL B 41 12.71 -23.09 -24.51
C VAL B 41 13.49 -24.37 -24.22
N PRO B 42 14.79 -24.44 -24.49
CA PRO B 42 15.56 -25.59 -24.09
C PRO B 42 15.58 -25.86 -22.57
N LEU B 43 15.68 -27.14 -22.21
CA LEU B 43 15.74 -27.54 -20.80
C LEU B 43 16.96 -26.93 -20.12
N ALA B 44 16.77 -26.56 -18.86
CA ALA B 44 17.88 -26.02 -18.07
C ALA B 44 17.91 -26.79 -16.75
N VAL B 45 18.89 -27.67 -16.61
CA VAL B 45 19.09 -28.47 -15.37
C VAL B 45 20.51 -28.12 -14.98
N PRO B 46 20.71 -26.92 -14.39
CA PRO B 46 22.04 -26.46 -14.08
C PRO B 46 22.79 -27.06 -12.89
N VAL B 47 24.12 -27.03 -12.94
CA VAL B 47 24.90 -27.49 -11.77
C VAL B 47 24.53 -26.51 -10.66
N PRO B 48 24.16 -26.99 -9.47
CA PRO B 48 23.70 -26.08 -8.43
C PRO B 48 24.81 -25.19 -7.84
N THR B 49 24.67 -23.87 -7.98
CA THR B 49 25.70 -22.93 -7.47
C THR B 49 25.12 -21.75 -6.67
N ASP B 50 23.82 -21.56 -6.68
CA ASP B 50 23.24 -20.35 -6.06
C ASP B 50 22.38 -20.68 -4.84
N ALA B 51 22.30 -19.73 -3.92
CA ALA B 51 21.46 -19.88 -2.72
C ALA B 51 20.05 -19.38 -2.99
N GLY B 52 19.27 -19.22 -1.93
CA GLY B 52 17.86 -18.87 -2.10
C GLY B 52 17.66 -17.62 -2.94
N GLY B 53 16.79 -17.69 -3.94
CA GLY B 53 16.51 -16.57 -4.84
C GLY B 53 17.49 -16.44 -5.98
N GLY B 54 18.53 -17.25 -5.96
CA GLY B 54 19.53 -17.28 -7.05
C GLY B 54 19.07 -18.05 -8.26
N TYR B 55 19.79 -17.94 -9.37
CA TYR B 55 19.30 -18.57 -10.64
C TYR B 55 19.13 -20.09 -10.54
N THR B 56 20.12 -20.82 -10.04
CA THR B 56 20.06 -22.31 -10.00
C THR B 56 18.93 -22.78 -9.09
N HIS B 57 18.74 -22.12 -7.96
CA HIS B 57 17.65 -22.48 -7.02
C HIS B 57 16.29 -22.24 -7.67
N GLU B 58 16.09 -21.08 -8.26
CA GLU B 58 14.80 -20.72 -8.89
C GLU B 58 14.53 -21.56 -10.15
N GLN B 59 15.58 -21.87 -10.92
CA GLN B 59 15.44 -22.73 -12.12
C GLN B 59 15.00 -24.13 -11.71
N HIS B 60 15.61 -24.68 -10.66
CA HIS B 60 15.27 -26.02 -10.14
C HIS B 60 13.83 -26.03 -9.63
N LYS B 61 13.42 -24.94 -8.99
CA LYS B 61 12.00 -24.79 -8.53
C LYS B 61 11.08 -24.73 -9.74
N LYS B 62 11.45 -23.97 -10.76
CA LYS B 62 10.65 -23.84 -11.99
C LYS B 62 10.56 -25.22 -12.65
N ASN B 63 11.64 -25.99 -12.58
CA ASN B 63 11.67 -27.33 -13.18
C ASN B 63 10.61 -28.25 -12.54
N TYR B 64 10.53 -28.27 -11.20
CA TYR B 64 9.56 -29.18 -10.54
C TYR B 64 8.14 -28.76 -10.92
N GLN B 65 7.92 -27.46 -10.95
CA GLN B 65 6.59 -26.95 -11.33
C GLN B 65 6.25 -27.32 -12.78
N LEU B 66 7.18 -27.13 -13.71
CA LEU B 66 6.92 -27.47 -15.12
C LEU B 66 6.72 -28.99 -15.29
N MET B 67 7.54 -29.77 -14.61
CA MET B 67 7.44 -31.23 -14.73
C MET B 67 6.06 -31.69 -14.24
N TYR B 68 5.60 -31.13 -13.12
CA TYR B 68 4.24 -31.47 -12.63
C TYR B 68 3.17 -31.03 -13.61
N ASN B 69 3.24 -29.79 -14.07
CA ASN B 69 2.20 -29.22 -14.96
C ASN B 69 2.13 -29.98 -16.29
N ALA B 70 3.28 -30.29 -16.87
CA ALA B 70 3.35 -31.02 -18.15
C ALA B 70 2.82 -32.45 -17.97
N GLY B 71 3.14 -33.08 -16.85
CA GLY B 71 2.63 -34.44 -16.59
C GLY B 71 1.11 -34.45 -16.53
N VAL B 72 0.54 -33.42 -15.92
CA VAL B 72 -0.94 -33.31 -15.85
C VAL B 72 -1.51 -33.18 -17.26
N LEU B 73 -0.90 -32.34 -18.07
CA LEU B 73 -1.36 -32.16 -19.47
C LEU B 73 -1.21 -33.47 -20.26
N TYR B 74 -0.13 -34.21 -20.02
CA TYR B 74 0.09 -35.47 -20.76
C TYR B 74 -1.07 -36.43 -20.47
N GLN B 75 -1.45 -36.52 -19.20
CA GLN B 75 -2.55 -37.43 -18.83
C GLN B 75 -3.85 -36.97 -19.47
N ILE B 76 -4.15 -35.68 -19.39
CA ILE B 76 -5.42 -35.14 -19.97
C ILE B 76 -5.42 -35.23 -21.50
N THR B 77 -4.38 -34.75 -22.15
CA THR B 77 -4.36 -34.65 -23.63
C THR B 77 -3.90 -35.94 -24.32
N GLU B 78 -3.09 -36.73 -23.64
CA GLU B 78 -2.50 -37.97 -24.22
C GLU B 78 -1.44 -37.55 -25.26
N ASP B 79 -1.04 -36.28 -25.25
CA ASP B 79 -0.05 -35.80 -26.22
C ASP B 79 1.34 -36.15 -25.68
N PRO B 80 2.12 -36.94 -26.45
CA PRO B 80 3.47 -37.34 -26.03
C PRO B 80 4.54 -36.25 -25.79
N LYS B 81 4.40 -35.08 -26.40
CA LYS B 81 5.39 -33.99 -26.23
C LYS B 81 5.53 -33.60 -24.76
N TYR B 82 4.44 -33.62 -24.00
CA TYR B 82 4.49 -33.28 -22.57
C TYR B 82 5.31 -34.30 -21.79
N ALA B 83 5.07 -35.58 -22.04
CA ALA B 83 5.84 -36.64 -21.36
C ALA B 83 7.32 -36.57 -21.78
N GLU B 84 7.59 -36.29 -23.05
CA GLU B 84 8.97 -36.26 -23.58
C GLU B 84 9.78 -35.16 -22.87
N ARG B 85 9.17 -34.00 -22.65
CA ARG B 85 9.84 -32.90 -21.91
C ARG B 85 10.14 -33.35 -20.48
N VAL B 86 9.16 -33.97 -19.83
CA VAL B 86 9.35 -34.42 -18.43
C VAL B 86 10.44 -35.49 -18.41
N ARG B 87 10.40 -36.40 -19.37
CA ARG B 87 11.42 -37.46 -19.46
C ARG B 87 12.81 -36.85 -19.69
N ASP B 88 12.92 -35.92 -20.62
CA ASP B 88 14.25 -35.35 -20.95
C ASP B 88 14.84 -34.66 -19.72
N MET B 89 14.00 -33.91 -19.00
CA MET B 89 14.49 -33.23 -17.79
C MET B 89 14.91 -34.26 -16.73
N LEU B 90 14.14 -35.30 -16.54
CA LEU B 90 14.47 -36.33 -15.53
C LEU B 90 15.76 -37.07 -15.90
N LEU B 91 15.96 -37.35 -17.18
CA LEU B 91 17.22 -37.98 -17.65
C LEU B 91 18.40 -37.04 -17.33
N ALA B 92 18.19 -35.75 -17.50
CA ALA B 92 19.24 -34.77 -17.13
C ALA B 92 19.52 -34.80 -15.63
N TYR B 93 18.47 -34.86 -14.83
CA TYR B 93 18.64 -34.95 -13.37
C TYR B 93 19.38 -36.26 -13.03
N ALA B 94 19.01 -37.34 -13.70
CA ALA B 94 19.62 -38.66 -13.44
C ALA B 94 21.12 -38.61 -13.71
N ASP B 95 21.54 -37.91 -14.74
CA ASP B 95 22.98 -37.74 -15.02
C ASP B 95 23.66 -36.78 -14.03
N LEU B 96 23.00 -35.70 -13.65
CA LEU B 96 23.59 -34.68 -12.74
C LEU B 96 23.67 -35.10 -11.27
N TYR B 97 22.60 -35.66 -10.74
CA TYR B 97 22.52 -35.87 -9.27
C TYR B 97 23.64 -36.74 -8.70
N PRO B 98 24.01 -37.90 -9.29
CA PRO B 98 25.05 -38.72 -8.68
C PRO B 98 26.40 -37.98 -8.55
N THR B 99 26.69 -37.08 -9.47
CA THR B 99 27.98 -36.33 -9.49
C THR B 99 27.99 -35.13 -8.54
N LEU B 100 26.87 -34.82 -7.91
CA LEU B 100 26.78 -33.58 -7.09
C LEU B 100 27.31 -33.73 -5.67
N PRO B 101 28.10 -32.74 -5.22
CA PRO B 101 28.49 -32.71 -3.83
C PRO B 101 27.39 -31.95 -3.06
N LEU B 102 27.61 -31.72 -1.76
CA LEU B 102 26.68 -30.88 -1.00
C LEU B 102 26.76 -29.47 -1.58
N HIS B 103 25.68 -28.71 -1.49
CA HIS B 103 25.62 -27.40 -2.16
C HIS B 103 26.77 -26.48 -1.76
N PRO B 104 27.42 -25.83 -2.74
CA PRO B 104 28.49 -24.89 -2.48
C PRO B 104 28.07 -23.71 -1.59
N LYS B 105 26.79 -23.33 -1.62
CA LYS B 105 26.28 -22.19 -0.81
C LYS B 105 25.47 -22.70 0.38
N ARG B 106 25.72 -23.95 0.80
CA ARG B 106 25.06 -24.47 2.01
C ARG B 106 25.47 -23.66 3.26
N ARG B 107 24.56 -23.53 4.21
CA ARG B 107 24.82 -22.82 5.48
C ARG B 107 24.23 -23.72 6.56
N PRO B 108 24.95 -24.76 7.03
CA PRO B 108 24.39 -25.75 7.97
C PRO B 108 24.00 -25.19 9.34
N GLY B 109 24.60 -24.07 9.75
CA GLY B 109 24.20 -23.43 11.00
C GLY B 109 22.73 -23.03 10.95
N ALA B 110 22.23 -22.76 9.75
CA ALA B 110 20.83 -22.33 9.59
C ALA B 110 19.91 -23.51 9.26
N GLU B 111 20.26 -24.30 8.26
CA GLU B 111 19.42 -25.44 7.83
C GLU B 111 20.28 -26.56 7.26
N ASN B 112 19.78 -27.78 7.27
CA ASN B 112 20.54 -28.95 6.79
C ASN B 112 20.83 -28.83 5.30
N PRO B 113 21.99 -29.32 4.82
CA PRO B 113 22.33 -29.19 3.43
C PRO B 113 21.53 -29.98 2.39
N GLY B 114 21.54 -29.48 1.15
CA GLY B 114 20.93 -30.23 0.05
C GLY B 114 21.95 -30.35 -1.06
N LYS B 115 21.65 -31.11 -2.11
CA LYS B 115 22.54 -31.18 -3.29
C LYS B 115 22.02 -30.26 -4.40
N LEU B 116 20.75 -30.39 -4.76
CA LEU B 116 20.11 -29.50 -5.76
C LEU B 116 20.00 -28.09 -5.16
N PHE B 117 19.74 -28.03 -3.87
CA PHE B 117 19.50 -26.73 -3.21
C PHE B 117 20.41 -26.53 -2.01
N TRP B 118 20.55 -25.29 -1.56
CA TRP B 118 21.41 -24.93 -0.42
C TRP B 118 20.93 -25.69 0.81
N GLN B 119 19.64 -25.94 0.88
CA GLN B 119 19.03 -26.61 2.04
C GLN B 119 18.19 -27.81 1.58
N SER B 120 18.01 -28.79 2.44
CA SER B 120 17.25 -30.02 2.13
C SER B 120 15.75 -29.76 1.94
N LEU B 121 15.22 -28.71 2.54
CA LEU B 121 13.76 -28.46 2.50
C LEU B 121 13.29 -28.27 1.06
N ASN B 122 14.03 -27.48 0.27
CA ASN B 122 13.68 -27.25 -1.15
C ASN B 122 13.75 -28.56 -1.93
N GLU B 123 14.73 -29.42 -1.62
CA GLU B 123 14.88 -30.75 -2.26
C GLU B 123 13.66 -31.59 -1.93
N ALA B 124 13.15 -31.47 -0.71
CA ALA B 124 11.92 -32.21 -0.32
C ALA B 124 10.71 -31.73 -1.14
N VAL B 125 10.58 -30.43 -1.32
CA VAL B 125 9.47 -29.88 -2.16
C VAL B 125 9.67 -30.39 -3.58
N TRP B 126 10.92 -30.42 -4.04
CA TRP B 126 11.22 -30.89 -5.41
C TRP B 126 10.74 -32.33 -5.57
N LEU B 127 11.06 -33.18 -4.59
CA LEU B 127 10.62 -34.59 -4.64
C LEU B 127 9.08 -34.70 -4.64
N VAL B 128 8.41 -33.89 -3.82
CA VAL B 128 6.92 -34.01 -3.72
C VAL B 128 6.28 -33.75 -5.09
N TYR B 129 6.72 -32.70 -5.77
CA TYR B 129 6.19 -32.40 -7.14
C TYR B 129 6.72 -33.37 -8.18
N THR B 130 8.02 -33.67 -8.13
CA THR B 130 8.68 -34.50 -9.17
C THR B 130 8.16 -35.93 -9.14
N ILE B 131 7.93 -36.47 -7.95
CA ILE B 131 7.42 -37.87 -7.84
C ILE B 131 6.08 -37.94 -8.54
N GLN B 132 5.25 -36.90 -8.36
CA GLN B 132 3.91 -36.83 -8.97
C GLN B 132 4.05 -36.74 -10.49
N ALA B 133 5.00 -35.93 -10.96
CA ALA B 133 5.23 -35.80 -12.42
C ALA B 133 5.66 -37.15 -13.01
N TYR B 134 6.57 -37.83 -12.34
CA TYR B 134 7.05 -39.14 -12.82
C TYR B 134 5.88 -40.12 -12.79
N ASP B 135 5.11 -40.10 -11.72
CA ASP B 135 3.90 -40.95 -11.60
C ASP B 135 2.95 -40.64 -12.76
N LEU B 136 2.91 -39.36 -13.14
CA LEU B 136 2.00 -38.99 -14.22
C LEU B 136 2.52 -39.40 -15.60
N ILE B 137 3.84 -39.40 -15.81
CA ILE B 137 4.37 -39.72 -17.14
C ILE B 137 4.93 -41.13 -17.21
N ARG B 138 4.91 -41.89 -16.11
CA ARG B 138 5.55 -43.21 -16.10
C ARG B 138 5.05 -44.13 -17.23
N PRO B 139 3.75 -44.22 -17.54
CA PRO B 139 3.33 -45.06 -18.67
C PRO B 139 3.96 -44.69 -20.00
N SER B 140 4.53 -43.50 -20.14
CA SER B 140 5.11 -43.13 -21.43
C SER B 140 6.53 -43.68 -21.64
N LEU B 141 7.17 -44.23 -20.60
CA LEU B 141 8.59 -44.50 -20.63
C LEU B 141 8.92 -45.93 -21.07
N SER B 142 10.10 -46.09 -21.66
CA SER B 142 10.66 -47.44 -21.75
C SER B 142 11.19 -47.88 -20.39
N ASN B 143 11.48 -49.17 -20.28
CA ASN B 143 11.99 -49.70 -19.01
C ASN B 143 13.37 -49.14 -18.66
N ALA B 144 14.26 -48.98 -19.67
CA ALA B 144 15.57 -48.42 -19.39
C ALA B 144 15.48 -46.95 -18.99
N GLU B 145 14.53 -46.21 -19.58
CA GLU B 145 14.35 -44.81 -19.18
C GLU B 145 13.86 -44.73 -17.74
N ALA B 146 12.85 -45.54 -17.39
CA ALA B 146 12.39 -45.60 -16.00
C ALA B 146 13.54 -45.96 -15.05
N GLU B 147 14.31 -46.99 -15.40
CA GLU B 147 15.36 -47.44 -14.49
C GLU B 147 16.44 -46.36 -14.32
N LYS B 148 16.80 -45.67 -15.40
CA LYS B 148 17.80 -44.61 -15.29
C LYS B 148 17.29 -43.45 -14.44
N ILE B 149 16.01 -43.08 -14.60
CA ILE B 149 15.47 -41.96 -13.83
C ILE B 149 15.37 -42.33 -12.36
N GLU B 150 14.95 -43.57 -12.07
CA GLU B 150 14.83 -44.03 -10.69
C GLU B 150 16.19 -44.20 -10.04
N GLN B 151 17.15 -44.77 -10.76
CA GLN B 151 18.45 -45.04 -10.16
C GLN B 151 19.33 -43.80 -10.10
N GLY B 152 19.12 -42.84 -10.99
CA GLY B 152 20.00 -41.68 -10.99
C GLY B 152 19.40 -40.48 -10.30
N ALA B 153 18.06 -40.38 -10.29
CA ALA B 153 17.43 -39.18 -9.77
C ALA B 153 16.56 -39.49 -8.55
N LEU B 154 15.52 -40.31 -8.70
CA LEU B 154 14.50 -40.39 -7.65
C LEU B 154 15.02 -41.10 -6.40
N ARG B 155 15.66 -42.27 -6.57
CA ARG B 155 16.12 -43.03 -5.40
C ARG B 155 17.27 -42.32 -4.70
N PRO B 156 18.26 -41.76 -5.41
CA PRO B 156 19.28 -40.96 -4.69
C PRO B 156 18.69 -39.77 -3.92
N VAL B 157 17.65 -39.12 -4.43
CA VAL B 157 17.06 -38.00 -3.70
C VAL B 157 16.28 -38.51 -2.50
N ALA B 158 15.45 -39.54 -2.69
CA ALA B 158 14.77 -40.18 -1.57
C ALA B 158 15.75 -40.63 -0.49
N LYS B 159 16.86 -41.25 -0.90
CA LYS B 159 17.86 -41.68 0.08
C LYS B 159 18.46 -40.48 0.81
N PHE B 160 18.88 -39.47 0.06
CA PHE B 160 19.47 -38.27 0.65
C PHE B 160 18.56 -37.67 1.71
N LEU B 161 17.24 -37.67 1.46
CA LEU B 161 16.32 -36.98 2.37
C LEU B 161 15.94 -37.82 3.58
N SER B 162 16.22 -39.14 3.56
CA SER B 162 15.81 -40.02 4.65
C SER B 162 17.04 -40.64 5.30
N VAL B 163 17.44 -41.83 4.86
CA VAL B 163 18.49 -42.57 5.55
C VAL B 163 19.79 -41.78 5.67
N GLU B 164 20.03 -40.84 4.76
CA GLU B 164 21.29 -40.10 4.81
C GLU B 164 21.23 -38.88 5.73
N SER B 165 20.04 -38.34 6.01
CA SER B 165 19.86 -37.27 7.00
C SER B 165 18.71 -37.66 7.92
N PRO B 166 18.93 -38.63 8.81
CA PRO B 166 17.82 -39.25 9.53
C PRO B 166 17.27 -38.40 10.66
N ALA B 167 18.10 -37.53 11.24
CA ALA B 167 17.64 -36.70 12.35
C ALA B 167 16.48 -35.80 11.92
N THR B 168 16.61 -35.18 10.75
CA THR B 168 15.55 -34.29 10.26
C THR B 168 14.35 -35.08 9.77
N PHE B 169 14.57 -36.22 9.15
CA PHE B 169 13.44 -37.07 8.68
C PHE B 169 12.56 -37.50 9.84
N ASN B 170 13.16 -37.78 10.99
CA ASN B 170 12.44 -38.29 12.19
C ASN B 170 11.96 -37.13 13.06
N LYS B 171 12.29 -35.90 12.70
CA LYS B 171 11.88 -34.70 13.47
C LYS B 171 10.40 -34.41 13.31
N VAL B 172 9.80 -33.84 14.35
CA VAL B 172 8.35 -33.50 14.31
C VAL B 172 8.25 -31.99 14.08
N HIS B 173 8.34 -31.57 12.81
CA HIS B 173 8.29 -30.14 12.42
C HIS B 173 7.95 -30.10 10.94
N ASN B 174 7.70 -28.91 10.38
CA ASN B 174 7.24 -28.78 8.96
C ASN B 174 8.26 -29.41 8.02
N HIS B 175 9.54 -29.25 8.35
CA HIS B 175 10.63 -29.82 7.51
C HIS B 175 10.47 -31.34 7.49
N GLY B 176 10.16 -31.92 8.63
CA GLY B 176 9.91 -33.36 8.69
C GLY B 176 8.73 -33.75 7.84
N THR B 177 7.68 -32.95 7.85
CA THR B 177 6.46 -33.26 7.09
C THR B 177 6.79 -33.33 5.59
N TRP B 178 7.57 -32.37 5.10
CA TRP B 178 7.93 -32.37 3.67
C TRP B 178 8.74 -33.62 3.29
N LEU B 179 9.72 -33.97 4.12
CA LEU B 179 10.59 -35.14 3.84
C LEU B 179 9.78 -36.43 3.87
N THR B 180 8.94 -36.58 4.88
CA THR B 180 8.14 -37.82 5.04
C THR B 180 7.18 -37.94 3.86
N ALA B 181 6.58 -36.82 3.45
CA ALA B 181 5.59 -36.86 2.36
C ALA B 181 6.26 -37.29 1.06
N GLY B 182 7.43 -36.72 0.75
CA GLY B 182 8.11 -37.06 -0.51
C GLY B 182 8.56 -38.51 -0.57
N VAL B 183 9.22 -38.98 0.50
CA VAL B 183 9.73 -40.38 0.56
C VAL B 183 8.57 -41.37 0.59
N GLY B 184 7.49 -41.06 1.30
CA GLY B 184 6.31 -41.93 1.36
C GLY B 184 5.63 -42.10 0.02
N MET B 185 5.45 -40.99 -0.69
CA MET B 185 4.85 -41.07 -2.04
C MET B 185 5.78 -41.84 -2.98
N ALA B 186 7.08 -41.63 -2.84
CA ALA B 186 8.07 -42.40 -3.63
C ALA B 186 7.93 -43.88 -3.32
N GLY B 187 7.63 -44.20 -2.07
CA GLY B 187 7.40 -45.59 -1.67
C GLY B 187 6.26 -46.19 -2.46
N TYR B 188 5.20 -45.43 -2.65
CA TYR B 188 4.06 -45.91 -3.48
C TYR B 188 4.39 -46.06 -4.97
N VAL B 189 5.01 -45.04 -5.58
CA VAL B 189 5.27 -45.02 -7.06
C VAL B 189 6.31 -46.07 -7.45
N LEU B 190 7.32 -46.25 -6.61
CA LEU B 190 8.47 -47.12 -6.92
C LEU B 190 8.33 -48.49 -6.23
N ASP B 191 7.16 -48.80 -5.64
CA ASP B 191 6.91 -50.09 -4.95
C ASP B 191 7.94 -50.33 -3.85
N GLU B 192 8.12 -49.36 -2.96
CA GLU B 192 9.04 -49.53 -1.82
C GLU B 192 8.21 -49.36 -0.56
N PRO B 193 7.49 -50.42 -0.12
CA PRO B 193 6.56 -50.29 1.02
C PRO B 193 7.21 -49.87 2.34
N GLU B 194 8.46 -50.26 2.57
CA GLU B 194 9.17 -49.89 3.81
C GLU B 194 9.32 -48.38 3.87
N TRP B 195 9.48 -47.73 2.74
CA TRP B 195 9.60 -46.26 2.68
C TRP B 195 8.29 -45.64 3.19
N VAL B 196 7.16 -46.24 2.81
CA VAL B 196 5.84 -45.72 3.27
C VAL B 196 5.78 -45.85 4.80
N GLU B 197 6.20 -46.99 5.33
CA GLU B 197 6.18 -47.24 6.79
C GLU B 197 7.17 -46.29 7.49
N GLN B 198 8.34 -46.11 6.88
CA GLN B 198 9.34 -45.17 7.44
C GLN B 198 8.77 -43.74 7.44
N ALA B 199 8.04 -43.38 6.39
CA ALA B 199 7.38 -42.05 6.34
C ALA B 199 6.35 -41.94 7.47
N LEU B 200 5.55 -42.98 7.67
CA LEU B 200 4.45 -42.96 8.70
C LEU B 200 4.99 -43.02 10.13
N LEU B 201 6.02 -43.87 10.37
CA LEU B 201 6.53 -44.16 11.74
C LEU B 201 8.02 -43.87 12.00
N ASP B 202 8.72 -43.18 11.12
CA ASP B 202 10.16 -42.84 11.26
C ASP B 202 11.07 -43.93 10.69
N LEU B 203 12.35 -43.63 10.51
CA LEU B 203 13.28 -44.58 9.83
C LEU B 203 13.41 -45.89 10.60
N ASP B 204 13.43 -45.81 11.93
CA ASP B 204 13.47 -47.02 12.77
C ASP B 204 12.08 -47.66 12.84
N LYS B 205 11.06 -47.03 12.26
CA LYS B 205 9.65 -47.52 12.28
C LYS B 205 9.18 -47.61 13.73
N SER B 206 9.82 -46.87 14.62
CA SER B 206 9.48 -46.94 16.04
C SER B 206 8.09 -46.37 16.31
N GLY B 207 7.82 -45.17 15.80
CA GLY B 207 6.62 -44.41 16.12
C GLY B 207 6.92 -43.06 16.74
N LYS B 208 8.19 -42.81 17.11
CA LYS B 208 8.59 -41.58 17.78
C LYS B 208 8.52 -40.38 16.85
N GLY B 209 8.90 -40.56 15.59
CA GLY B 209 8.69 -39.56 14.56
C GLY B 209 7.80 -40.13 13.48
N GLY B 210 7.90 -39.58 12.27
CA GLY B 210 7.04 -39.99 11.19
C GLY B 210 5.76 -39.18 11.08
N PHE B 211 5.04 -39.46 9.99
CA PHE B 211 3.85 -38.69 9.61
C PHE B 211 2.77 -38.75 10.68
N LEU B 212 2.50 -39.94 11.22
CA LEU B 212 1.42 -40.08 12.20
C LEU B 212 1.73 -39.32 13.48
N ARG B 213 2.98 -39.41 13.96
CA ARG B 213 3.39 -38.61 15.11
C ARG B 213 3.17 -37.12 14.85
N GLN B 214 3.47 -36.65 13.62
CA GLN B 214 3.27 -35.25 13.29
C GLN B 214 1.80 -34.85 13.41
N LEU B 215 0.90 -35.68 12.89
CA LEU B 215 -0.53 -35.38 12.98
C LEU B 215 -1.02 -35.42 14.42
N ASN B 216 -0.42 -36.25 15.26
CA ASN B 216 -0.84 -36.37 16.64
C ASN B 216 -0.23 -35.32 17.55
N THR B 217 0.85 -34.65 17.13
CA THR B 217 1.57 -33.72 17.98
C THR B 217 1.43 -32.27 17.55
N LEU B 218 1.65 -31.99 16.25
CA LEU B 218 1.76 -30.60 15.79
C LEU B 218 0.42 -29.87 15.76
N PHE B 219 -0.69 -30.60 15.68
CA PHE B 219 -2.03 -30.01 15.65
C PHE B 219 -2.73 -30.18 17.00
N SER B 220 -3.45 -29.14 17.41
CA SER B 220 -4.37 -29.22 18.52
C SER B 220 -5.67 -29.84 18.06
N PRO B 221 -6.57 -30.21 19.00
CA PRO B 221 -7.89 -30.72 18.58
C PRO B 221 -8.69 -29.73 17.73
N ASP B 222 -8.33 -28.45 17.73
CA ASP B 222 -9.01 -27.47 16.90
C ASP B 222 -8.39 -27.34 15.53
N GLY B 223 -7.42 -28.20 15.21
CA GLY B 223 -6.73 -28.13 13.93
C GLY B 223 -5.68 -27.04 13.84
N TYR B 224 -5.23 -26.51 14.98
CA TYR B 224 -4.31 -25.39 14.98
C TYR B 224 -2.88 -25.92 15.08
N TYR B 225 -2.03 -25.51 14.13
CA TYR B 225 -0.68 -26.02 13.97
C TYR B 225 0.28 -25.23 14.85
N ASN B 226 1.13 -25.94 15.58
CA ASN B 226 1.84 -25.36 16.72
C ASN B 226 2.81 -24.27 16.30
N GLU B 227 3.34 -24.34 15.08
CA GLU B 227 4.30 -23.33 14.64
C GLU B 227 3.62 -22.02 14.23
N GLY B 228 2.30 -21.99 14.07
CA GLY B 228 1.62 -20.78 13.69
C GLY B 228 1.12 -20.77 12.26
N PRO B 229 0.28 -19.78 11.92
CA PRO B 229 -0.41 -19.81 10.62
C PRO B 229 0.51 -19.86 9.42
N TYR B 230 1.63 -19.11 9.45
CA TYR B 230 2.47 -19.05 8.25
C TYR B 230 3.12 -20.40 7.98
N TYR B 231 3.61 -21.07 9.01
CA TYR B 231 4.08 -22.44 8.78
C TYR B 231 2.94 -23.45 8.74
N GLN B 232 1.78 -23.14 9.33
CA GLN B 232 0.61 -23.99 9.15
C GLN B 232 0.32 -24.18 7.66
N ARG B 233 0.18 -23.08 6.91
CA ARG B 233 -0.17 -23.27 5.51
C ARG B 233 0.98 -23.95 4.76
N TYR B 234 2.22 -23.74 5.20
CA TYR B 234 3.36 -24.37 4.54
C TYR B 234 3.34 -25.88 4.71
N ALA B 235 3.19 -26.36 5.95
CA ALA B 235 3.11 -27.80 6.20
C ALA B 235 1.82 -28.41 5.67
N LEU B 236 0.78 -27.60 5.48
CA LEU B 236 -0.47 -28.12 4.97
C LEU B 236 -0.28 -28.89 3.67
N MET B 237 0.56 -28.38 2.74
CA MET B 237 0.64 -29.03 1.44
C MET B 237 1.14 -30.47 1.53
N PRO B 238 2.24 -30.78 2.19
CA PRO B 238 2.63 -32.20 2.33
C PRO B 238 1.65 -33.03 3.15
N PHE B 239 0.96 -32.42 4.15
CA PHE B 239 -0.05 -33.15 4.91
C PHE B 239 -1.16 -33.62 3.98
N VAL B 240 -1.82 -32.68 3.28
CA VAL B 240 -2.93 -33.08 2.43
C VAL B 240 -2.47 -33.83 1.20
N THR B 241 -1.21 -33.64 0.77
CA THR B 241 -0.72 -34.39 -0.38
C THR B 241 -0.53 -35.86 -0.02
N PHE B 242 0.28 -36.12 1.03
CA PHE B 242 0.49 -37.51 1.46
C PHE B 242 -0.81 -38.15 1.93
N ALA B 243 -1.71 -37.38 2.58
CA ALA B 243 -3.01 -37.94 2.97
C ALA B 243 -3.84 -38.35 1.76
N LYS B 244 -3.86 -37.52 0.71
CA LYS B 244 -4.55 -37.91 -0.51
C LYS B 244 -3.90 -39.14 -1.15
N ALA B 245 -2.57 -39.24 -1.07
CA ALA B 245 -1.89 -40.42 -1.63
C ALA B 245 -2.16 -41.66 -0.79
N ILE B 246 -2.23 -41.51 0.53
CA ILE B 246 -2.54 -42.64 1.41
C ILE B 246 -3.93 -43.17 1.11
N GLU B 247 -4.88 -42.28 0.88
CA GLU B 247 -6.27 -42.68 0.66
C GLU B 247 -6.45 -43.40 -0.67
N ASN B 248 -5.68 -43.00 -1.68
CA ASN B 248 -5.80 -43.62 -2.99
C ASN B 248 -5.07 -44.95 -3.09
N ASN B 249 -4.06 -45.17 -2.24
CA ASN B 249 -3.24 -46.37 -2.22
C ASN B 249 -3.63 -47.36 -1.11
N GLU B 250 -3.83 -46.87 0.11
CA GLU B 250 -4.22 -47.72 1.24
C GLU B 250 -5.43 -47.12 1.93
N PRO B 251 -6.61 -47.19 1.31
CA PRO B 251 -7.80 -46.58 1.92
C PRO B 251 -8.20 -47.23 3.24
N GLU B 252 -7.73 -48.45 3.50
CA GLU B 252 -8.01 -49.11 4.77
C GLU B 252 -7.36 -48.38 5.95
N ARG B 253 -6.37 -47.51 5.69
CA ARG B 253 -5.76 -46.75 6.77
C ARG B 253 -6.69 -45.69 7.35
N GLY B 254 -7.76 -45.34 6.64
CA GLY B 254 -8.72 -44.36 7.12
C GLY B 254 -8.10 -43.01 7.43
N ILE B 255 -7.25 -42.50 6.52
CA ILE B 255 -6.41 -41.34 6.82
C ILE B 255 -7.28 -40.10 7.08
N PHE B 256 -8.39 -39.97 6.36
CA PHE B 256 -9.22 -38.79 6.55
C PHE B 256 -10.14 -38.91 7.75
N LYS B 257 -10.17 -40.07 8.41
CA LYS B 257 -10.85 -40.19 9.69
C LYS B 257 -9.90 -40.20 10.87
N TYR B 258 -8.61 -40.41 10.62
CA TYR B 258 -7.60 -40.46 11.67
C TYR B 258 -7.70 -39.25 12.60
N ARG B 259 -7.51 -39.51 13.90
CA ARG B 259 -7.55 -38.49 14.96
C ARG B 259 -8.78 -37.59 14.84
N ASP B 260 -9.93 -38.22 14.58
CA ASP B 260 -11.22 -37.55 14.47
C ASP B 260 -11.21 -36.54 13.32
N GLY B 261 -10.67 -36.95 12.18
CA GLY B 261 -10.65 -36.07 11.01
C GLY B 261 -9.74 -34.87 11.14
N ILE B 262 -8.55 -35.06 11.72
CA ILE B 262 -7.68 -33.93 12.02
C ILE B 262 -7.20 -33.25 10.73
N VAL B 263 -7.07 -34.00 9.64
CA VAL B 263 -6.61 -33.40 8.38
C VAL B 263 -7.63 -32.39 7.87
N MET B 264 -8.92 -32.70 7.97
CA MET B 264 -9.95 -31.74 7.58
C MET B 264 -10.00 -30.55 8.52
N LYS B 265 -9.87 -30.78 9.84
CA LYS B 265 -9.86 -29.68 10.78
C LYS B 265 -8.69 -28.74 10.49
N ALA B 266 -7.54 -29.31 10.13
CA ALA B 266 -6.34 -28.51 9.86
C ALA B 266 -6.54 -27.60 8.67
N ILE B 267 -7.18 -28.11 7.62
CA ILE B 267 -7.45 -27.28 6.45
C ILE B 267 -8.33 -26.10 6.82
N ASP B 268 -9.40 -26.37 7.57
CA ASP B 268 -10.38 -25.34 7.88
C ASP B 268 -9.77 -24.28 8.75
N THR B 269 -9.00 -24.68 9.76
CA THR B 269 -8.37 -23.69 10.63
C THR B 269 -7.35 -22.84 9.86
N THR B 270 -6.65 -23.42 8.89
CA THR B 270 -5.74 -22.63 8.06
C THR B 270 -6.46 -21.44 7.43
N ILE B 271 -7.63 -21.68 6.84
CA ILE B 271 -8.46 -20.60 6.29
C ILE B 271 -8.79 -19.57 7.36
N GLN B 272 -9.13 -20.04 8.57
CA GLN B 272 -9.62 -19.13 9.62
C GLN B 272 -8.56 -18.16 10.09
N LEU B 273 -7.29 -18.56 10.05
CA LEU B 273 -6.21 -17.74 10.60
C LEU B 273 -5.80 -16.63 9.64
N SER B 274 -6.77 -15.87 9.13
CA SER B 274 -6.45 -14.83 8.19
C SER B 274 -7.40 -13.65 8.39
N TYR B 275 -6.98 -12.51 7.85
CA TYR B 275 -7.81 -11.30 7.80
C TYR B 275 -7.49 -10.60 6.48
N ASN B 276 -8.55 -10.15 5.80
CA ASN B 276 -8.42 -9.57 4.46
C ASN B 276 -7.48 -10.39 3.57
N ASN B 277 -7.58 -11.71 3.68
CA ASN B 277 -6.93 -12.73 2.87
C ASN B 277 -5.50 -13.06 3.28
N LEU B 278 -4.90 -12.36 4.25
CA LEU B 278 -3.51 -12.59 4.63
C LEU B 278 -3.46 -13.35 5.95
N PHE B 279 -2.53 -14.30 6.07
CA PHE B 279 -2.38 -15.03 7.32
C PHE B 279 -1.85 -14.08 8.39
N PHE B 280 -2.32 -14.26 9.62
CA PHE B 280 -1.81 -13.49 10.75
C PHE B 280 -0.30 -13.69 10.86
N PRO B 281 0.51 -12.60 10.85
CA PRO B 281 1.96 -12.72 10.84
C PRO B 281 2.56 -12.96 12.22
N ILE B 282 2.11 -14.02 12.88
CA ILE B 282 2.60 -14.36 14.25
C ILE B 282 3.74 -15.37 14.14
N ASN B 283 4.69 -15.29 15.06
CA ASN B 283 5.88 -16.15 14.98
C ASN B 283 6.66 -15.81 13.69
N ASP B 284 7.54 -16.68 13.25
CA ASP B 284 8.27 -16.44 11.98
C ASP B 284 7.21 -16.42 10.91
N ALA B 285 7.17 -15.34 10.14
CA ALA B 285 6.09 -15.17 9.15
C ALA B 285 6.42 -14.05 8.17
N ILE B 286 6.10 -14.27 6.92
CA ILE B 286 6.23 -13.25 5.88
C ILE B 286 4.86 -12.61 5.68
N LYS B 287 4.79 -11.30 5.83
CA LYS B 287 3.49 -10.66 5.93
C LYS B 287 2.68 -10.69 4.65
N SER B 288 3.31 -10.90 3.49
CA SER B 288 2.60 -10.95 2.21
C SER B 288 1.88 -12.26 1.96
N LYS B 289 2.11 -13.30 2.75
CA LYS B 289 1.53 -14.59 2.46
C LYS B 289 0.02 -14.58 2.69
N GLY B 290 -0.74 -15.02 1.69
CA GLY B 290 -2.18 -14.97 1.74
C GLY B 290 -2.83 -16.31 1.41
N ILE B 291 -4.17 -16.32 1.48
CA ILE B 291 -4.93 -17.55 1.26
C ILE B 291 -4.87 -18.04 -0.18
N ASP B 292 -4.39 -17.24 -1.12
CA ASP B 292 -4.22 -17.76 -2.47
C ASP B 292 -2.93 -18.55 -2.63
N THR B 293 -2.16 -18.72 -1.55
CA THR B 293 -0.96 -19.52 -1.60
C THR B 293 -1.29 -20.94 -2.06
N SER B 294 -0.39 -21.53 -2.82
CA SER B 294 -0.69 -22.80 -3.48
C SER B 294 -1.07 -23.92 -2.51
N GLU B 295 -0.50 -23.92 -1.30
CA GLU B 295 -0.85 -25.00 -0.37
C GLU B 295 -2.31 -24.94 0.05
N LEU B 296 -2.84 -23.73 0.27
CA LEU B 296 -4.25 -23.64 0.67
C LEU B 296 -5.20 -23.74 -0.51
N VAL B 297 -4.78 -23.36 -1.72
CA VAL B 297 -5.60 -23.64 -2.89
C VAL B 297 -5.80 -25.14 -3.02
N LEU B 298 -4.71 -25.89 -2.90
CA LEU B 298 -4.81 -27.35 -2.92
C LEU B 298 -5.65 -27.85 -1.75
N GLY B 299 -5.34 -27.41 -0.52
CA GLY B 299 -6.07 -27.88 0.65
C GLY B 299 -7.56 -27.71 0.52
N VAL B 300 -8.01 -26.56 0.00
CA VAL B 300 -9.44 -26.32 -0.19
C VAL B 300 -10.03 -27.33 -1.17
N THR B 301 -9.36 -27.59 -2.30
CA THR B 301 -9.89 -28.59 -3.25
C THR B 301 -10.02 -29.95 -2.59
N ILE B 302 -9.01 -30.37 -1.82
CA ILE B 302 -9.07 -31.68 -1.17
C ILE B 302 -10.22 -31.73 -0.16
N ALA B 303 -10.39 -30.66 0.64
CA ALA B 303 -11.46 -30.62 1.64
C ALA B 303 -12.83 -30.59 0.99
N TYR B 304 -12.98 -29.85 -0.13
CA TYR B 304 -14.25 -29.85 -0.85
C TYR B 304 -14.52 -31.21 -1.46
N GLY B 305 -13.49 -31.88 -1.95
CA GLY B 305 -13.68 -33.20 -2.51
C GLY B 305 -14.12 -34.20 -1.46
N GLU B 306 -13.65 -34.03 -0.23
CA GLU B 306 -14.01 -34.95 0.84
C GLU B 306 -15.41 -34.66 1.39
N SER B 307 -15.76 -33.37 1.54
CA SER B 307 -16.97 -32.96 2.25
C SER B 307 -18.07 -32.41 1.38
N GLY B 308 -17.75 -31.86 0.21
CA GLY B 308 -18.76 -31.17 -0.59
C GLY B 308 -19.35 -29.93 0.04
N ASN B 309 -18.72 -29.39 1.09
CA ASN B 309 -19.20 -28.18 1.77
C ASN B 309 -19.22 -26.98 0.82
N PRO B 310 -20.40 -26.44 0.49
CA PRO B 310 -20.44 -25.27 -0.40
C PRO B 310 -19.75 -24.05 0.15
N GLN B 311 -19.58 -23.95 1.48
CA GLN B 311 -18.87 -22.81 2.05
C GLN B 311 -17.44 -22.72 1.53
N LEU B 312 -16.84 -23.87 1.17
CA LEU B 312 -15.47 -23.86 0.66
C LEU B 312 -15.38 -23.26 -0.73
N LEU B 313 -16.48 -23.22 -1.49
CA LEU B 313 -16.44 -22.54 -2.77
C LEU B 313 -16.26 -21.04 -2.60
N ASP B 314 -16.72 -20.49 -1.47
CA ASP B 314 -16.47 -19.09 -1.20
C ASP B 314 -14.97 -18.83 -1.16
N ILE B 315 -14.25 -19.64 -0.41
CA ILE B 315 -12.79 -19.50 -0.32
C ILE B 315 -12.17 -19.71 -1.70
N ALA B 316 -12.60 -20.76 -2.40
CA ALA B 316 -12.00 -21.04 -3.71
C ALA B 316 -12.20 -19.88 -4.66
N ASP B 317 -13.39 -19.27 -4.62
CA ASP B 317 -13.67 -18.08 -5.42
C ASP B 317 -12.68 -16.97 -5.12
N ARG B 318 -12.43 -16.70 -3.84
CA ARG B 318 -11.46 -15.67 -3.47
C ARG B 318 -10.05 -16.04 -3.90
N GLN B 319 -9.74 -17.34 -4.01
CA GLN B 319 -8.38 -17.73 -4.38
C GLN B 319 -8.10 -17.49 -5.86
N HIS B 320 -9.13 -17.50 -6.72
CA HIS B 320 -8.99 -17.20 -8.15
C HIS B 320 -8.00 -18.14 -8.84
N GLN B 321 -8.06 -19.44 -8.51
CA GLN B 321 -7.09 -20.35 -9.13
C GLN B 321 -7.68 -21.75 -9.17
N ILE B 322 -8.09 -22.17 -10.36
CA ILE B 322 -8.59 -23.52 -10.56
C ILE B 322 -7.41 -24.46 -10.75
N LEU B 323 -7.43 -25.60 -10.03
CA LEU B 323 -6.40 -26.63 -10.14
C LEU B 323 -6.85 -27.75 -11.08
N LEU B 324 -5.92 -28.25 -11.89
CA LEU B 324 -6.22 -29.34 -12.82
C LEU B 324 -6.08 -30.67 -12.09
N SER B 325 -7.11 -30.98 -11.31
CA SER B 325 -7.18 -32.23 -10.58
C SER B 325 -8.63 -32.65 -10.54
N GLY B 326 -8.86 -33.88 -10.08
CA GLY B 326 -10.23 -34.33 -9.89
C GLY B 326 -10.95 -33.46 -8.87
N ASP B 327 -10.30 -33.22 -7.73
CA ASP B 327 -10.90 -32.35 -6.73
C ASP B 327 -10.95 -30.90 -7.22
N GLY B 328 -9.95 -30.48 -7.99
CA GLY B 328 -10.01 -29.13 -8.54
C GLY B 328 -11.16 -28.95 -9.49
N LEU B 329 -11.50 -30.03 -10.20
CA LEU B 329 -12.67 -30.04 -11.07
C LEU B 329 -13.96 -29.97 -10.27
N LYS B 330 -14.03 -30.71 -9.17
CA LYS B 330 -15.22 -30.64 -8.33
C LYS B 330 -15.45 -29.21 -7.87
N VAL B 331 -14.39 -28.50 -7.49
CA VAL B 331 -14.52 -27.11 -7.08
C VAL B 331 -15.02 -26.28 -8.24
N ALA B 332 -14.46 -26.50 -9.43
CA ALA B 332 -14.81 -25.68 -10.59
C ALA B 332 -16.27 -25.90 -10.97
N GLN B 333 -16.76 -27.14 -10.82
CA GLN B 333 -18.13 -27.48 -11.14
C GLN B 333 -19.11 -26.86 -10.14
N GLY B 334 -18.80 -26.93 -8.84
CA GLY B 334 -19.68 -26.31 -7.86
C GLY B 334 -19.78 -24.81 -8.03
N LEU B 335 -18.65 -24.16 -8.36
CA LEU B 335 -18.66 -22.74 -8.68
C LEU B 335 -19.52 -22.45 -9.90
N ASP B 336 -19.35 -23.23 -10.96
CA ASP B 336 -20.16 -23.03 -12.17
C ASP B 336 -21.64 -23.28 -11.88
N ALA B 337 -21.95 -24.16 -10.94
CA ALA B 337 -23.33 -24.49 -10.63
C ALA B 337 -24.00 -23.48 -9.70
N GLY B 338 -23.30 -22.42 -9.29
CA GLY B 338 -23.88 -21.46 -8.36
C GLY B 338 -24.03 -21.96 -6.93
N ALA B 339 -23.36 -23.04 -6.56
CA ALA B 339 -23.52 -23.66 -5.25
C ALA B 339 -22.82 -22.90 -4.12
N LEU B 340 -22.09 -21.83 -4.43
CA LEU B 340 -21.32 -21.09 -3.43
C LEU B 340 -22.22 -20.63 -2.28
N GLN B 341 -21.73 -20.83 -1.06
CA GLN B 341 -22.29 -20.27 0.17
C GLN B 341 -21.18 -19.56 0.92
N PRO B 342 -21.50 -18.50 1.67
CA PRO B 342 -20.46 -17.71 2.32
C PRO B 342 -19.67 -18.50 3.35
N TYR B 343 -18.40 -18.16 3.47
CA TYR B 343 -17.60 -18.90 4.45
C TYR B 343 -17.63 -18.19 5.79
N PRO B 344 -17.92 -18.90 6.89
CA PRO B 344 -18.00 -18.24 8.20
C PRO B 344 -16.66 -18.02 8.89
N PHE B 345 -16.14 -16.79 8.87
CA PHE B 345 -14.97 -16.45 9.68
C PHE B 345 -15.43 -16.18 11.10
N LYS B 346 -14.91 -16.93 12.06
CA LYS B 346 -15.42 -17.04 13.42
C LYS B 346 -14.58 -16.21 14.40
N SER B 347 -15.23 -15.71 15.44
CA SER B 347 -14.51 -15.46 16.68
C SER B 347 -14.29 -16.81 17.33
N PHE B 348 -13.07 -17.06 17.81
CA PHE B 348 -12.78 -18.42 18.24
C PHE B 348 -11.50 -18.45 19.04
N ALA B 349 -11.43 -19.35 20.03
CA ALA B 349 -10.17 -19.64 20.71
C ALA B 349 -9.66 -20.95 20.14
N PHE B 350 -8.66 -20.86 19.26
CA PHE B 350 -8.02 -22.04 18.68
C PHE B 350 -6.99 -22.55 19.68
N ARG B 351 -7.31 -23.65 20.35
CA ARG B 351 -6.45 -24.12 21.42
C ARG B 351 -5.12 -24.59 20.86
N ASP B 352 -4.08 -24.45 21.68
CA ASP B 352 -2.74 -24.83 21.33
C ASP B 352 -2.34 -26.05 22.15
N GLY B 353 -1.33 -26.76 21.66
CA GLY B 353 -0.92 -28.03 22.23
C GLY B 353 -1.68 -29.20 21.64
N LYS B 354 -1.03 -30.38 21.63
CA LYS B 354 -1.68 -31.56 21.06
C LYS B 354 -2.99 -31.89 21.78
N ASP B 355 -3.08 -31.59 23.07
CA ASP B 355 -4.26 -31.85 23.87
C ASP B 355 -5.14 -30.61 24.03
N GLY B 356 -4.72 -29.46 23.51
CA GLY B 356 -5.55 -28.27 23.60
C GLY B 356 -5.45 -27.54 24.91
N ASP B 357 -4.47 -27.84 25.74
CA ASP B 357 -4.36 -27.25 27.08
C ASP B 357 -3.08 -26.42 27.22
N GLU B 358 -2.44 -26.08 26.11
CA GLU B 358 -1.27 -25.21 26.21
C GLU B 358 -1.59 -23.82 25.66
N GLY B 359 -2.60 -23.17 26.24
CA GLY B 359 -3.02 -21.86 25.76
C GLY B 359 -3.85 -21.93 24.49
N ALA B 360 -3.78 -20.86 23.70
CA ALA B 360 -4.64 -20.76 22.53
C ALA B 360 -4.22 -19.57 21.70
N LEU B 361 -4.63 -19.58 20.44
CA LEU B 361 -4.60 -18.41 19.56
C LEU B 361 -6.03 -17.92 19.46
N VAL B 362 -6.32 -16.74 20.00
CA VAL B 362 -7.68 -16.22 20.09
C VAL B 362 -7.90 -15.20 18.99
N VAL B 363 -8.97 -15.37 18.22
CA VAL B 363 -9.36 -14.42 17.18
C VAL B 363 -10.73 -13.86 17.56
N LEU B 364 -10.79 -12.54 17.77
CA LEU B 364 -12.06 -11.86 17.98
C LEU B 364 -12.43 -11.06 16.75
N ARG B 365 -13.64 -11.27 16.23
CA ARG B 365 -14.08 -10.59 15.01
C ARG B 365 -15.42 -9.90 15.22
N GLN B 366 -15.64 -8.82 14.48
CA GLN B 366 -16.95 -8.19 14.41
C GLN B 366 -17.00 -7.37 13.13
N GLN B 367 -18.22 -7.17 12.62
CA GLN B 367 -18.45 -6.50 11.35
C GLN B 367 -19.25 -5.21 11.47
N THR B 368 -19.74 -4.88 12.67
CA THR B 368 -20.66 -3.74 12.82
C THR B 368 -20.02 -2.44 12.37
N ASP B 369 -18.72 -2.29 12.58
CA ASP B 369 -17.97 -1.11 12.21
C ASP B 369 -17.00 -1.38 11.07
N GLY B 370 -17.36 -2.31 10.18
CA GLY B 370 -16.44 -2.81 9.18
C GLY B 370 -15.77 -4.09 9.66
N ASP B 371 -14.93 -4.63 8.78
CA ASP B 371 -14.22 -5.87 9.08
C ASP B 371 -13.15 -5.60 10.13
N GLN B 372 -13.30 -6.21 11.30
CA GLN B 372 -12.36 -6.01 12.41
C GLN B 372 -11.93 -7.35 12.97
N ALA B 373 -10.66 -7.48 13.31
CA ALA B 373 -10.16 -8.67 13.97
C ALA B 373 -9.19 -8.23 15.06
N LEU B 374 -9.41 -8.71 16.28
CA LEU B 374 -8.45 -8.59 17.37
C LEU B 374 -7.85 -9.97 17.57
N VAL B 375 -6.53 -10.08 17.39
CA VAL B 375 -5.81 -11.35 17.52
C VAL B 375 -4.98 -11.31 18.79
N PHE B 376 -5.26 -12.26 19.69
CA PHE B 376 -4.68 -12.34 21.02
C PHE B 376 -3.89 -13.64 21.07
N LYS B 377 -2.64 -13.60 21.53
CA LYS B 377 -1.76 -14.75 21.38
C LYS B 377 -1.27 -15.25 22.74
N PRO B 378 -2.15 -15.84 23.55
CA PRO B 378 -1.68 -16.56 24.74
C PRO B 378 -1.33 -18.01 24.40
N ALA B 379 -0.44 -18.18 23.43
CA ALA B 379 -0.16 -19.46 22.81
C ALA B 379 1.11 -20.08 23.40
N ALA B 380 1.31 -21.37 23.11
CA ALA B 380 2.56 -22.05 23.44
C ALA B 380 3.69 -21.51 22.58
N GLN B 381 4.92 -21.99 22.78
CA GLN B 381 6.09 -21.36 22.11
C GLN B 381 6.07 -21.47 20.58
N GLY B 382 5.71 -22.63 20.05
CA GLY B 382 5.81 -22.83 18.60
C GLY B 382 7.19 -23.28 18.14
N MET B 383 8.03 -23.68 19.09
CA MET B 383 9.38 -24.22 18.77
C MET B 383 10.33 -23.14 18.22
N GLY B 384 11.27 -23.52 17.35
CA GLY B 384 12.31 -22.57 16.89
C GLY B 384 11.78 -21.35 16.17
N HIS B 385 10.68 -21.50 15.44
CA HIS B 385 10.02 -20.37 14.74
C HIS B 385 9.23 -19.47 15.70
N GLY B 386 9.02 -19.91 16.94
CA GLY B 386 8.21 -19.12 17.88
C GLY B 386 8.83 -17.81 18.33
N HIS B 387 8.00 -16.82 18.59
CA HIS B 387 8.49 -15.56 19.13
C HIS B 387 8.26 -15.51 20.64
N PHE B 388 9.07 -14.71 21.33
CA PHE B 388 9.00 -14.61 22.80
C PHE B 388 7.97 -13.54 23.19
N ASP B 389 6.68 -13.92 23.06
CA ASP B 389 5.64 -12.91 22.88
C ASP B 389 4.32 -13.27 23.57
N LYS B 390 4.37 -13.93 24.73
CA LYS B 390 3.15 -14.34 25.39
C LYS B 390 2.22 -13.16 25.65
N LEU B 391 0.93 -13.36 25.35
CA LEU B 391 -0.17 -12.43 25.55
C LEU B 391 -0.12 -11.21 24.63
N THR B 392 0.71 -11.23 23.60
CA THR B 392 0.71 -10.12 22.66
C THR B 392 -0.61 -10.07 21.89
N TRP B 393 -0.86 -8.93 21.24
CA TRP B 393 -2.06 -8.79 20.45
C TRP B 393 -1.79 -8.01 19.18
N GLN B 394 -2.73 -8.12 18.24
CA GLN B 394 -2.82 -7.29 17.04
C GLN B 394 -4.22 -6.77 16.91
N PHE B 395 -4.37 -5.72 16.10
CA PHE B 395 -5.70 -5.21 15.77
C PHE B 395 -5.74 -4.89 14.28
N TYR B 396 -6.76 -5.43 13.59
CA TYR B 396 -7.00 -5.19 12.18
C TYR B 396 -8.35 -4.50 12.01
N ASP B 397 -8.42 -3.58 11.05
CA ASP B 397 -9.63 -2.79 10.84
C ASP B 397 -9.62 -2.24 9.42
N ARG B 398 -10.75 -2.37 8.74
CA ARG B 398 -10.95 -1.74 7.44
C ARG B 398 -9.84 -2.14 6.48
N GLY B 399 -9.49 -3.44 6.48
CA GLY B 399 -8.55 -3.98 5.53
C GLY B 399 -7.07 -3.95 5.92
N GLU B 400 -6.70 -3.27 7.01
CA GLU B 400 -5.31 -2.98 7.32
C GLU B 400 -4.95 -3.46 8.73
N GLU B 401 -3.66 -3.79 8.91
CA GLU B 401 -3.10 -4.15 10.20
C GLU B 401 -2.81 -2.87 10.97
N ILE B 402 -3.51 -2.60 12.08
CA ILE B 402 -3.38 -1.31 12.76
C ILE B 402 -2.39 -1.37 13.91
N VAL B 403 -2.54 -2.38 14.76
CA VAL B 403 -1.61 -2.68 15.85
C VAL B 403 -0.88 -3.95 15.43
N THR B 404 0.46 -3.90 15.38
CA THR B 404 1.18 -4.78 14.48
C THR B 404 2.08 -5.80 15.17
N ASP B 405 2.33 -6.89 14.45
CA ASP B 405 3.36 -7.87 14.76
C ASP B 405 4.36 -7.84 13.62
N TYR B 406 5.66 -7.78 13.95
CA TYR B 406 6.68 -7.56 12.93
C TYR B 406 6.78 -8.73 11.96
N GLY B 407 6.49 -9.94 12.41
CA GLY B 407 6.83 -11.08 11.59
C GLY B 407 8.34 -11.32 11.67
N ALA B 408 8.90 -11.86 10.59
CA ALA B 408 10.29 -12.26 10.57
C ALA B 408 11.17 -11.22 9.90
N ALA B 409 12.42 -11.16 10.34
CA ALA B 409 13.43 -10.37 9.64
C ALA B 409 14.04 -11.34 8.63
N ARG B 410 13.52 -11.28 7.40
CA ARG B 410 13.83 -12.24 6.35
C ARG B 410 13.25 -11.68 5.07
N PHE B 411 14.00 -11.77 3.98
CA PHE B 411 13.52 -11.30 2.69
C PHE B 411 13.46 -12.54 1.80
N LEU B 412 12.25 -13.10 1.67
CA LEU B 412 12.08 -14.41 1.06
C LEU B 412 12.55 -14.41 -0.38
N ASN B 413 13.47 -15.31 -0.67
CA ASN B 413 13.97 -15.57 -2.02
C ASN B 413 14.63 -14.32 -2.61
N VAL B 414 15.22 -13.49 -1.74
CA VAL B 414 16.08 -12.39 -2.16
C VAL B 414 17.51 -12.78 -1.81
N GLU B 415 18.25 -13.29 -2.80
CA GLU B 415 19.59 -13.84 -2.58
C GLU B 415 20.54 -12.78 -2.02
N ALA B 416 20.38 -11.53 -2.45
CA ALA B 416 21.23 -10.45 -1.94
C ALA B 416 20.99 -10.19 -0.46
N LYS B 417 19.86 -10.63 0.09
CA LYS B 417 19.59 -10.51 1.52
C LYS B 417 19.88 -11.85 2.19
N ASN B 418 21.17 -12.20 2.22
CA ASN B 418 21.65 -13.41 2.88
C ASN B 418 20.93 -14.66 2.37
N GLY B 419 20.82 -14.78 1.05
CA GLY B 419 20.23 -15.96 0.45
C GLY B 419 18.79 -16.19 0.84
N GLY B 420 18.05 -15.13 1.12
CA GLY B 420 16.68 -15.24 1.54
C GLY B 420 16.48 -15.92 2.87
N ARG B 421 17.56 -16.09 3.65
CA ARG B 421 17.53 -16.79 4.92
C ARG B 421 17.08 -15.85 6.04
N TYR B 422 16.73 -16.45 7.17
CA TYR B 422 16.45 -15.65 8.35
C TYR B 422 17.70 -14.89 8.77
N LEU B 423 17.54 -13.59 8.98
CA LEU B 423 18.69 -12.74 9.21
C LEU B 423 19.06 -12.74 10.68
N GLN B 424 20.25 -12.20 11.00
CA GLN B 424 20.67 -12.12 12.39
C GLN B 424 19.64 -11.36 13.21
N GLU B 425 19.08 -10.30 12.63
CA GLU B 425 18.08 -9.50 13.33
C GLU B 425 16.76 -10.23 13.52
N ASN B 426 16.57 -11.42 12.96
CA ASN B 426 15.39 -12.18 13.34
C ASN B 426 15.48 -12.66 14.78
N GLU B 427 16.70 -13.02 15.21
CA GLU B 427 16.94 -13.34 16.61
C GLU B 427 17.01 -12.09 17.48
N THR B 428 17.80 -11.10 17.07
CA THR B 428 18.05 -9.98 17.97
C THR B 428 16.95 -8.93 17.99
N TRP B 429 16.11 -8.85 16.95
CA TRP B 429 14.91 -8.01 16.98
C TRP B 429 13.63 -8.84 16.95
N ALA B 430 13.37 -9.56 15.85
CA ALA B 430 12.00 -9.96 15.52
C ALA B 430 11.40 -10.89 16.58
N LYS B 431 12.22 -11.77 17.16
CA LYS B 431 11.75 -12.72 18.17
C LYS B 431 11.60 -12.11 19.55
N GLN B 432 12.23 -10.96 19.81
CA GLN B 432 12.26 -10.41 21.16
C GLN B 432 10.91 -9.84 21.57
N THR B 433 10.70 -9.80 22.89
CA THR B 433 9.42 -9.37 23.44
C THR B 433 9.16 -7.91 23.15
N ILE B 434 10.20 -7.06 23.28
CA ILE B 434 10.02 -5.62 23.04
C ILE B 434 9.52 -5.34 21.63
N ALA B 435 9.70 -6.28 20.70
CA ALA B 435 9.15 -6.12 19.37
C ALA B 435 7.67 -6.42 19.29
N HIS B 436 7.04 -6.85 20.38
CA HIS B 436 5.65 -7.23 20.38
C HIS B 436 4.87 -6.32 21.30
N ASN B 437 3.55 -6.49 21.28
CA ASN B 437 2.65 -5.64 22.06
C ASN B 437 2.25 -6.34 23.36
N THR B 438 3.23 -6.53 24.22
CA THR B 438 3.03 -7.22 25.49
C THR B 438 4.11 -6.76 26.47
N VAL B 439 3.93 -7.13 27.74
CA VAL B 439 4.73 -6.50 28.79
C VAL B 439 6.14 -7.07 28.79
N VAL B 440 7.12 -6.18 28.91
CA VAL B 440 8.53 -6.55 29.05
C VAL B 440 8.99 -6.12 30.44
N VAL B 441 9.53 -7.08 31.18
CA VAL B 441 10.01 -6.88 32.54
C VAL B 441 11.53 -6.71 32.51
N ASP B 442 12.00 -5.58 33.05
CA ASP B 442 13.44 -5.31 33.22
C ASP B 442 14.23 -5.46 31.92
N GLU B 443 13.69 -4.92 30.82
CA GLU B 443 14.34 -4.96 29.50
C GLU B 443 14.83 -6.37 29.16
N THR B 444 14.04 -7.37 29.53
CA THR B 444 14.38 -8.78 29.39
C THR B 444 13.23 -9.47 28.68
N SER B 445 13.56 -10.30 27.68
CA SER B 445 12.51 -10.99 26.96
C SER B 445 11.90 -12.08 27.82
N HIS B 446 10.67 -12.46 27.48
CA HIS B 446 10.03 -13.61 28.11
C HIS B 446 10.97 -14.80 28.10
N PHE B 447 11.00 -15.54 29.21
CA PHE B 447 11.83 -16.72 29.38
C PHE B 447 13.31 -16.42 29.27
N ASP B 448 13.68 -15.14 29.23
CA ASP B 448 15.06 -14.69 29.06
C ASP B 448 15.74 -15.37 27.88
N ASN B 449 14.99 -15.59 26.82
CA ASN B 449 15.49 -16.17 25.57
C ASN B 449 15.87 -17.64 25.69
N ASN B 450 15.31 -18.34 26.67
CA ASN B 450 15.66 -19.73 26.92
C ASN B 450 14.67 -20.62 26.20
N LEU B 451 15.10 -21.24 25.10
CA LEU B 451 14.18 -21.98 24.25
C LEU B 451 13.59 -23.18 24.97
N LYS B 452 14.41 -23.92 25.70
CA LYS B 452 13.91 -25.13 26.36
C LYS B 452 12.85 -24.79 27.39
N ILE B 453 13.08 -23.76 28.20
CA ILE B 453 12.08 -23.36 29.18
C ILE B 453 10.83 -22.83 28.47
N ALA B 454 11.03 -22.02 27.42
CA ALA B 454 9.89 -21.49 26.68
C ALA B 454 9.05 -22.61 26.07
N ASN B 455 9.71 -23.61 25.49
CA ASN B 455 9.02 -24.75 24.90
C ASN B 455 8.18 -25.50 25.92
N ARG B 456 8.49 -25.39 27.22
CA ARG B 456 7.80 -26.19 28.22
C ARG B 456 6.78 -25.39 29.01
N ASN B 457 6.63 -24.10 28.72
CA ASN B 457 5.74 -23.25 29.48
C ASN B 457 4.82 -22.50 28.53
N HIS B 458 3.59 -22.29 28.96
CA HIS B 458 2.55 -21.74 28.12
C HIS B 458 1.61 -20.94 29.00
N PRO B 459 0.91 -19.95 28.45
CA PRO B 459 -0.13 -19.29 29.24
C PRO B 459 -1.31 -20.22 29.41
N GLU B 460 -2.16 -19.87 30.36
CA GLU B 460 -3.42 -20.57 30.51
C GLU B 460 -4.55 -19.68 30.03
N LEU B 461 -5.36 -20.22 29.12
CA LEU B 461 -6.59 -19.56 28.66
C LEU B 461 -7.57 -19.57 29.81
N LEU B 462 -7.90 -18.40 30.34
CA LEU B 462 -8.86 -18.33 31.44
C LEU B 462 -10.28 -18.40 30.93
N PHE B 463 -10.59 -17.66 29.87
CA PHE B 463 -11.91 -17.76 29.28
C PHE B 463 -11.93 -17.09 27.92
N PHE B 464 -12.94 -17.45 27.15
CA PHE B 464 -13.23 -16.85 25.86
C PHE B 464 -14.74 -16.85 25.72
N HIS B 465 -15.27 -15.71 25.30
CA HIS B 465 -16.70 -15.60 25.02
C HIS B 465 -16.90 -14.61 23.90
N ALA B 466 -17.91 -14.86 23.07
CA ALA B 466 -18.20 -13.97 21.95
C ALA B 466 -19.70 -13.96 21.71
N ASP B 467 -20.30 -12.78 21.73
CA ASP B 467 -21.66 -12.61 21.27
C ASP B 467 -21.67 -11.44 20.30
N ASP B 468 -22.85 -10.92 19.98
CA ASP B 468 -22.95 -9.89 18.95
C ASP B 468 -22.30 -8.57 19.39
N GLN B 469 -22.30 -8.25 20.69
CA GLN B 469 -21.78 -6.96 21.13
C GLN B 469 -20.45 -7.03 21.86
N VAL B 470 -20.11 -8.16 22.47
CA VAL B 470 -18.89 -8.29 23.25
C VAL B 470 -18.19 -9.58 22.84
N LYS B 471 -16.94 -9.46 22.40
CA LYS B 471 -16.02 -10.59 22.29
C LYS B 471 -14.89 -10.34 23.27
N ILE B 472 -14.60 -11.32 24.11
CA ILE B 472 -13.67 -11.08 25.22
C ILE B 472 -12.93 -12.38 25.53
N SER B 473 -11.64 -12.25 25.89
CA SER B 473 -10.85 -13.38 26.32
C SER B 473 -9.82 -12.89 27.34
N ALA B 474 -9.44 -13.77 28.25
CA ALA B 474 -8.38 -13.47 29.20
C ALA B 474 -7.43 -14.66 29.29
N ALA B 475 -6.17 -14.35 29.57
CA ALA B 475 -5.22 -15.41 29.79
C ALA B 475 -4.16 -14.94 30.76
N GLU B 476 -3.37 -15.90 31.23
CA GLU B 476 -2.46 -15.71 32.37
C GLU B 476 -1.22 -16.56 32.15
N ILE B 477 -0.06 -16.06 32.57
CA ILE B 477 1.13 -16.87 32.58
C ILE B 477 2.04 -16.36 33.69
N ASP B 478 2.53 -17.26 34.54
CA ASP B 478 3.40 -16.88 35.65
C ASP B 478 4.85 -17.32 35.44
N SER B 479 5.18 -17.85 34.26
CA SER B 479 6.50 -18.43 34.03
C SER B 479 7.35 -17.62 33.06
N ALA B 480 6.79 -16.59 32.41
CA ALA B 480 7.59 -15.75 31.53
C ALA B 480 8.75 -15.11 32.28
N TYR B 481 8.51 -14.75 33.54
CA TYR B 481 9.46 -14.22 34.49
C TYR B 481 9.09 -14.81 35.84
N PRO B 482 9.86 -15.74 36.37
CA PRO B 482 9.49 -16.35 37.65
C PRO B 482 9.34 -15.31 38.75
N GLY B 483 8.26 -15.43 39.51
CA GLY B 483 7.91 -14.46 40.51
C GLY B 483 6.99 -13.38 40.00
N VAL B 484 6.78 -13.31 38.68
CA VAL B 484 5.90 -12.31 38.07
C VAL B 484 4.73 -13.03 37.45
N SER B 485 3.52 -12.61 37.79
CA SER B 485 2.31 -13.10 37.13
C SER B 485 1.87 -12.06 36.10
N LEU B 486 1.68 -12.49 34.87
CA LEU B 486 1.19 -11.65 33.78
C LEU B 486 -0.20 -12.13 33.41
N LYS B 487 -1.19 -11.25 33.53
CA LYS B 487 -2.56 -11.55 33.15
C LYS B 487 -3.12 -10.45 32.24
N ARG B 488 -3.76 -10.85 31.14
CA ARG B 488 -4.32 -9.87 30.21
C ARG B 488 -5.73 -10.30 29.83
N THR B 489 -6.64 -9.34 29.79
CA THR B 489 -7.94 -9.58 29.17
C THR B 489 -8.16 -8.50 28.12
N LEU B 490 -8.65 -8.92 26.96
CA LEU B 490 -8.86 -8.04 25.81
C LEU B 490 -10.28 -8.22 25.34
N ALA B 491 -10.95 -7.12 25.06
CA ALA B 491 -12.34 -7.16 24.60
C ALA B 491 -12.48 -6.35 23.33
N LEU B 492 -13.21 -6.90 22.38
CA LEU B 492 -13.62 -6.21 21.16
C LEU B 492 -15.12 -5.97 21.27
N VAL B 493 -15.52 -4.70 21.28
CA VAL B 493 -16.92 -4.37 21.56
C VAL B 493 -17.45 -3.41 20.51
N ASN B 494 -18.77 -3.37 20.39
CA ASN B 494 -19.40 -2.41 19.50
C ASN B 494 -20.71 -1.93 20.12
N ASN B 495 -21.08 -0.71 19.80
CA ASN B 495 -22.37 -0.14 20.27
C ASN B 495 -23.27 0.00 19.05
N PRO B 496 -24.39 -0.72 18.98
CA PRO B 496 -25.24 -0.67 17.81
C PRO B 496 -25.72 0.76 17.53
N GLU B 497 -26.12 1.47 18.57
CA GLU B 497 -26.70 2.82 18.37
C GLU B 497 -25.71 3.79 17.70
N SER B 498 -24.50 3.92 18.21
CA SER B 498 -23.44 4.80 17.62
C SER B 498 -22.87 4.25 16.33
N GLY B 499 -22.68 2.94 16.24
CA GLY B 499 -21.97 2.37 15.08
C GLY B 499 -20.49 2.31 15.40
N ASN B 500 -20.12 2.70 16.61
CA ASN B 500 -18.75 2.72 17.09
C ASN B 500 -18.30 1.40 17.73
N SER B 501 -16.99 1.23 17.80
CA SER B 501 -16.33 0.03 18.30
C SER B 501 -15.14 0.44 19.15
N PHE B 502 -14.77 -0.45 20.07
CA PHE B 502 -13.60 -0.23 20.91
C PHE B 502 -12.88 -1.56 21.11
N ALA B 503 -11.56 -1.50 21.21
CA ALA B 503 -10.75 -2.60 21.73
C ALA B 503 -10.30 -2.21 23.12
N ILE B 504 -10.57 -3.06 24.12
CA ILE B 504 -10.32 -2.73 25.51
C ILE B 504 -9.30 -3.71 26.07
N ASP B 505 -8.31 -3.17 26.79
CA ASP B 505 -7.12 -3.89 27.23
C ASP B 505 -6.93 -3.66 28.72
N VAL B 506 -6.87 -4.75 29.49
CA VAL B 506 -6.59 -4.70 30.92
C VAL B 506 -5.43 -5.65 31.17
N PHE B 507 -4.23 -5.10 31.40
CA PHE B 507 -3.02 -5.90 31.54
C PHE B 507 -2.50 -5.77 32.96
N GLY B 508 -2.71 -6.82 33.76
CA GLY B 508 -2.30 -6.82 35.17
C GLY B 508 -0.99 -7.53 35.37
N VAL B 509 -0.05 -6.84 36.03
CA VAL B 509 1.24 -7.41 36.43
C VAL B 509 1.26 -7.45 37.96
N GLU B 510 1.64 -8.61 38.50
CA GLU B 510 1.69 -8.84 39.94
C GLU B 510 2.99 -9.54 40.27
N SER B 511 3.80 -8.90 41.11
CA SER B 511 5.05 -9.45 41.60
C SER B 511 5.25 -9.02 43.04
N SER B 512 6.00 -9.83 43.80
CA SER B 512 6.42 -9.39 45.11
C SER B 512 7.66 -8.52 45.06
N GLN B 513 8.33 -8.42 43.90
CA GLN B 513 9.52 -7.60 43.76
C GLN B 513 9.28 -6.48 42.76
N LYS B 514 10.08 -5.42 42.86
CA LYS B 514 9.92 -4.25 42.00
C LYS B 514 10.62 -4.46 40.65
N HIS B 515 10.01 -3.96 39.59
CA HIS B 515 10.50 -4.22 38.24
C HIS B 515 10.30 -2.99 37.38
N GLN B 516 11.09 -2.88 36.33
CA GLN B 516 10.74 -1.99 35.24
C GLN B 516 9.75 -2.70 34.33
N LEU B 517 8.63 -2.04 34.04
CA LEU B 517 7.59 -2.60 33.19
C LEU B 517 7.44 -1.74 31.94
N ASP B 518 7.65 -2.34 30.76
CA ASP B 518 7.42 -1.71 29.47
C ASP B 518 6.22 -2.39 28.80
N LEU B 519 5.27 -1.60 28.31
CA LEU B 519 4.22 -2.12 27.43
C LEU B 519 4.25 -1.39 26.09
N PRO B 520 4.78 -2.01 25.04
CA PRO B 520 4.79 -1.37 23.73
C PRO B 520 3.45 -1.44 23.02
N LEU B 521 3.24 -0.47 22.15
CA LEU B 521 2.18 -0.47 21.15
C LEU B 521 2.86 -0.15 19.83
N HIS B 522 3.02 -1.15 18.97
CA HIS B 522 3.58 -0.94 17.63
C HIS B 522 2.42 -0.73 16.67
N TYR B 523 2.45 0.39 15.96
CA TYR B 523 1.28 0.81 15.21
C TYR B 523 1.67 1.09 13.77
N ASN B 524 0.66 1.10 12.93
CA ASN B 524 0.75 1.40 11.51
C ASN B 524 -0.07 2.65 11.26
N GLY B 525 0.57 3.72 10.83
CA GLY B 525 -0.10 4.99 10.58
C GLY B 525 0.83 6.15 10.89
N GLN B 526 0.29 7.36 10.81
CA GLN B 526 1.07 8.59 11.08
C GLN B 526 0.61 9.23 12.39
N LEU B 527 1.54 9.50 13.28
CA LEU B 527 1.21 10.15 14.57
C LEU B 527 0.64 11.53 14.24
N VAL B 528 -0.52 11.83 14.82
CA VAL B 528 -1.23 13.08 14.50
C VAL B 528 -1.39 13.99 15.73
N ASP B 529 -1.47 13.41 16.92
CA ASP B 529 -1.70 14.26 18.11
C ASP B 529 -1.44 13.53 19.42
N THR B 530 -1.18 14.30 20.48
CA THR B 530 -1.07 13.73 21.83
C THR B 530 -1.75 14.62 22.87
N ASN B 531 -2.24 14.02 23.93
CA ASN B 531 -2.78 14.64 25.12
C ASN B 531 -1.77 15.46 25.91
N PHE B 532 -0.49 15.28 25.64
CA PHE B 532 0.58 15.71 26.53
C PHE B 532 1.73 16.22 25.69
N ARG B 533 2.70 16.85 26.36
CA ARG B 533 3.80 17.49 25.66
C ARG B 533 4.76 16.44 25.12
N LEU B 534 5.07 16.55 23.84
CA LEU B 534 5.91 15.58 23.16
C LEU B 534 6.64 16.31 22.05
N GLN B 535 7.96 16.45 22.20
CA GLN B 535 8.81 16.99 21.15
C GLN B 535 9.92 15.97 20.87
N GLY B 536 10.08 15.62 19.59
CA GLY B 536 11.06 14.62 19.23
C GLY B 536 12.47 15.16 19.26
N PHE B 537 13.42 14.26 19.57
CA PHE B 537 14.84 14.56 19.44
C PHE B 537 15.16 15.00 18.03
N THR B 538 15.99 16.03 17.92
CA THR B 538 16.00 16.82 16.71
C THR B 538 17.30 16.74 15.92
N ASP B 539 18.45 16.56 16.57
CA ASP B 539 19.71 16.54 15.83
C ASP B 539 20.53 15.28 16.04
N SER B 540 20.11 14.38 16.92
CA SER B 540 20.77 13.08 17.02
C SER B 540 19.74 12.07 17.52
N LEU B 541 19.98 10.82 17.18
CA LEU B 541 19.15 9.70 17.65
C LEU B 541 20.08 8.65 18.24
N LYS B 542 19.68 8.07 19.36
CA LYS B 542 20.41 6.98 19.97
C LYS B 542 19.44 5.83 20.24
N ALA B 543 20.01 4.63 20.40
CA ALA B 543 19.20 3.44 20.62
C ALA B 543 18.59 3.46 22.01
N LEU B 544 17.42 2.83 22.14
CA LEU B 544 16.70 2.90 23.41
C LEU B 544 17.45 2.16 24.50
N GLY B 545 18.11 1.06 24.15
CA GLY B 545 18.71 0.21 25.14
C GLY B 545 19.82 -0.61 24.52
N THR B 546 20.29 -1.65 25.21
CA THR B 546 21.51 -2.33 24.82
C THR B 546 21.32 -3.80 24.42
N ASN B 547 20.25 -4.45 24.84
CA ASN B 547 20.08 -5.87 24.57
C ASN B 547 18.60 -6.20 24.41
N ASN B 548 18.33 -7.44 24.01
CA ASN B 548 16.98 -7.98 23.93
C ASN B 548 16.07 -7.16 23.02
N GLY B 549 16.62 -6.60 21.95
CA GLY B 549 15.87 -5.87 20.97
C GLY B 549 15.89 -4.38 21.17
N TYR B 550 16.14 -3.91 22.39
CA TYR B 550 16.17 -2.48 22.67
C TYR B 550 17.28 -1.77 21.90
N GLN B 551 18.31 -2.50 21.47
CA GLN B 551 19.40 -1.90 20.72
C GLN B 551 19.01 -1.57 19.29
N HIS B 552 17.87 -2.05 18.81
CA HIS B 552 17.41 -1.73 17.47
C HIS B 552 16.41 -0.59 17.42
N LEU B 553 15.97 -0.07 18.55
CA LEU B 553 14.96 0.98 18.59
C LEU B 553 15.65 2.31 18.77
N TRP B 554 15.47 3.22 17.82
CA TRP B 554 15.81 4.63 18.07
C TRP B 554 14.76 5.22 19.00
N LEU B 555 15.20 6.00 19.99
CA LEU B 555 14.27 6.78 20.80
C LEU B 555 14.05 8.12 20.08
N LYS B 556 12.84 8.34 19.57
CA LYS B 556 12.58 9.60 18.87
C LYS B 556 12.01 10.67 19.78
N ALA B 557 11.34 10.29 20.87
CA ALA B 557 10.72 11.28 21.74
C ALA B 557 10.34 10.64 23.07
N ARG B 558 10.20 11.48 24.08
CA ARG B 558 9.89 11.02 25.43
C ARG B 558 8.85 11.93 26.04
N GLY B 559 7.74 11.37 26.49
CA GLY B 559 6.73 12.13 27.19
C GLY B 559 6.46 11.52 28.54
N LYS B 560 5.99 12.35 29.47
CA LYS B 560 5.57 11.89 30.79
C LYS B 560 4.26 12.60 31.10
N PRO B 561 3.13 12.02 30.71
CA PRO B 561 1.84 12.67 30.96
C PRO B 561 1.57 12.78 32.45
N ASP B 562 0.91 13.88 32.84
CA ASP B 562 0.34 13.96 34.18
C ASP B 562 -0.67 12.84 34.40
N SER B 563 -0.82 12.43 35.66
CA SER B 563 -1.77 11.39 36.04
C SER B 563 -3.16 11.65 35.46
N GLY B 564 -3.83 10.59 35.03
CA GLY B 564 -5.14 10.72 34.40
C GLY B 564 -5.23 10.00 33.06
N LEU B 565 -5.75 10.66 32.03
CA LEU B 565 -5.95 10.05 30.72
C LEU B 565 -4.87 10.49 29.75
N ALA B 566 -4.07 9.55 29.26
CA ALA B 566 -3.14 9.80 28.16
C ALA B 566 -3.80 9.39 26.85
N GLN B 567 -3.58 10.18 25.81
CA GLN B 567 -4.19 9.90 24.52
C GLN B 567 -3.15 10.09 23.43
N VAL B 568 -3.04 9.08 22.57
CA VAL B 568 -2.13 9.07 21.43
C VAL B 568 -2.99 8.76 20.19
N THR B 569 -2.95 9.65 19.21
CA THR B 569 -3.82 9.55 18.05
C THR B 569 -2.97 9.44 16.80
N TRP B 570 -3.22 8.42 15.98
CA TRP B 570 -2.59 8.33 14.68
C TRP B 570 -3.64 8.12 13.60
N LEU B 571 -3.21 8.30 12.35
CA LEU B 571 -4.08 8.22 11.19
C LEU B 571 -3.59 7.14 10.25
N ASN B 572 -4.50 6.25 9.85
CA ASN B 572 -4.11 5.14 8.98
C ASN B 572 -4.53 5.38 7.52
N ASP B 573 -3.75 4.82 6.59
CA ASP B 573 -4.06 4.83 5.17
C ASP B 573 -5.49 4.41 4.87
N ASN B 574 -6.07 3.54 5.70
CA ASN B 574 -7.41 3.04 5.42
C ASN B 574 -8.51 4.09 5.64
N GLY B 575 -8.17 5.33 5.97
CA GLY B 575 -9.17 6.37 6.18
C GLY B 575 -9.66 6.52 7.60
N ARG B 576 -9.05 5.86 8.57
CA ARG B 576 -9.52 5.96 9.93
C ARG B 576 -8.46 6.56 10.85
N PHE B 577 -8.94 7.21 11.89
CA PHE B 577 -8.13 7.66 13.00
C PHE B 577 -8.21 6.61 14.10
N TYR B 578 -7.13 6.50 14.86
CA TYR B 578 -7.04 5.61 16.01
C TYR B 578 -6.48 6.38 17.19
N THR B 579 -7.18 6.31 18.31
CA THR B 579 -6.69 6.91 19.54
C THR B 579 -6.60 5.81 20.59
N GLN B 580 -5.43 5.61 21.16
CA GLN B 580 -5.32 4.83 22.39
C GLN B 580 -5.48 5.78 23.57
N SER B 581 -6.49 5.54 24.38
CA SER B 581 -6.67 6.24 25.64
C SER B 581 -6.22 5.31 26.75
N SER B 582 -5.25 5.74 27.55
CA SER B 582 -4.72 4.88 28.61
C SER B 582 -4.71 5.63 29.92
N LEU B 583 -4.89 4.89 31.02
CA LEU B 583 -4.81 5.46 32.35
C LEU B 583 -3.36 5.50 32.82
N VAL B 584 -2.88 6.68 33.16
CA VAL B 584 -1.51 6.84 33.63
C VAL B 584 -1.52 7.44 35.04
N ASP B 585 -0.53 7.04 35.84
CA ASP B 585 -0.44 7.41 37.23
C ASP B 585 0.51 8.58 37.47
N GLY B 586 1.04 9.18 36.42
CA GLY B 586 2.01 10.23 36.57
C GLY B 586 3.43 9.76 36.73
N LYS B 587 3.65 8.46 36.94
CA LYS B 587 4.99 7.91 36.94
C LYS B 587 5.27 7.07 35.69
N THR B 588 4.43 7.18 34.67
CA THR B 588 4.55 6.38 33.46
C THR B 588 5.06 7.28 32.34
N GLU B 589 6.18 6.88 31.75
CA GLU B 589 6.73 7.56 30.59
C GLU B 589 6.14 6.95 29.33
N LEU B 590 6.02 7.77 28.29
CA LEU B 590 5.67 7.25 26.97
C LEU B 590 6.86 7.51 26.06
N LEU B 591 7.47 6.44 25.57
CA LEU B 591 8.66 6.49 24.74
C LEU B 591 8.27 6.17 23.31
N PHE B 592 8.51 7.11 22.41
CA PHE B 592 8.15 6.94 21.00
C PHE B 592 9.38 6.50 20.23
N THR B 593 9.24 5.42 19.47
CA THR B 593 10.39 4.75 18.87
C THR B 593 10.24 4.65 17.36
N GLU B 594 11.39 4.45 16.71
CA GLU B 594 11.45 4.04 15.33
C GLU B 594 12.47 2.93 15.25
N LEU B 595 12.11 1.85 14.58
CA LEU B 595 13.01 0.72 14.42
C LEU B 595 14.13 1.08 13.44
N GLY B 596 15.36 0.65 13.74
CA GLY B 596 16.41 0.90 12.76
C GLY B 596 17.82 1.05 13.30
N ALA B 597 17.99 0.98 14.62
CA ALA B 597 19.32 1.08 15.19
C ALA B 597 19.98 -0.30 15.16
N ASN B 598 21.31 -0.28 15.27
CA ASN B 598 22.14 -1.49 15.18
C ASN B 598 21.72 -2.38 14.01
N ASP B 599 21.58 -1.75 12.86
CA ASP B 599 21.08 -2.38 11.64
C ASP B 599 22.01 -2.06 10.49
N PRO B 600 23.27 -2.53 10.57
CA PRO B 600 24.29 -2.11 9.58
C PRO B 600 23.99 -2.55 8.15
N ASN B 601 23.18 -3.61 7.95
CA ASN B 601 22.91 -4.15 6.62
C ASN B 601 21.56 -3.72 6.06
N PHE B 602 20.92 -2.71 6.64
CA PHE B 602 19.60 -2.24 6.19
C PHE B 602 18.59 -3.38 6.14
N ASN B 603 18.54 -4.17 7.22
CA ASN B 603 17.67 -5.35 7.29
C ASN B 603 16.32 -5.11 7.97
N LEU B 604 16.10 -3.95 8.61
CA LEU B 604 14.87 -3.73 9.36
C LEU B 604 14.03 -2.62 8.73
N ARG B 605 12.72 -2.74 8.88
CA ARG B 605 11.79 -1.70 8.43
C ARG B 605 11.70 -0.61 9.48
N SER B 606 11.42 0.61 9.02
CA SER B 606 11.33 1.78 9.91
C SER B 606 9.99 1.84 10.64
N GLU B 607 9.69 0.75 11.36
CA GLU B 607 8.40 0.64 12.04
C GLU B 607 8.33 1.55 13.28
N LYS B 608 7.14 2.04 13.58
CA LYS B 608 6.93 3.00 14.67
C LYS B 608 6.12 2.39 15.81
N GLY B 609 6.35 2.92 17.01
CA GLY B 609 5.65 2.47 18.19
C GLY B 609 5.81 3.49 19.31
N PHE B 610 5.07 3.26 20.39
CA PHE B 610 5.30 3.95 21.65
C PHE B 610 5.18 2.94 22.77
N ILE B 611 6.02 3.12 23.79
CA ILE B 611 6.11 2.22 24.94
C ILE B 611 5.72 2.98 26.18
N ALA B 612 4.82 2.39 26.96
CA ALA B 612 4.49 2.89 28.29
C ALA B 612 5.46 2.27 29.29
N ARG B 613 6.26 3.11 29.96
CA ARG B 613 7.32 2.65 30.85
C ARG B 613 6.99 3.06 32.28
N ARG B 614 6.83 2.06 33.16
CA ARG B 614 6.58 2.26 34.58
C ARG B 614 7.78 1.67 35.32
N ASN B 615 8.54 2.51 36.00
CA ASN B 615 9.69 2.03 36.74
C ASN B 615 9.32 1.68 38.17
N GLY B 616 9.98 0.64 38.69
CA GLY B 616 9.93 0.35 40.11
C GLY B 616 8.56 -0.02 40.65
N ALA B 617 7.80 -0.80 39.89
CA ALA B 617 6.47 -1.24 40.31
C ALA B 617 6.49 -2.70 40.70
N ARG B 618 5.85 -3.03 41.83
CA ARG B 618 5.61 -4.44 42.15
C ARG B 618 4.34 -4.93 41.48
N SER B 619 3.26 -4.21 41.68
CA SER B 619 1.99 -4.51 41.06
C SER B 619 1.54 -3.28 40.29
N HIS B 620 0.99 -3.51 39.10
CA HIS B 620 0.60 -2.45 38.19
C HIS B 620 -0.42 -3.02 37.23
N THR B 621 -1.40 -2.21 36.85
CA THR B 621 -2.34 -2.61 35.81
C THR B 621 -2.31 -1.55 34.72
N PHE B 622 -2.09 -2.01 33.49
CA PHE B 622 -2.17 -1.16 32.30
C PHE B 622 -3.58 -1.25 31.75
N VAL B 623 -4.30 -0.14 31.78
CA VAL B 623 -5.67 -0.09 31.30
C VAL B 623 -5.72 0.85 30.11
N SER B 624 -6.25 0.38 29.00
CA SER B 624 -6.28 1.25 27.82
C SER B 624 -7.42 0.83 26.91
N VAL B 625 -7.84 1.79 26.08
CA VAL B 625 -8.88 1.59 25.10
C VAL B 625 -8.33 2.06 23.76
N LEU B 626 -8.49 1.24 22.73
CA LEU B 626 -8.14 1.60 21.36
C LEU B 626 -9.44 1.95 20.62
N GLU B 627 -9.54 3.21 20.19
CA GLU B 627 -10.76 3.72 19.58
C GLU B 627 -10.54 4.00 18.09
N PRO B 628 -11.11 3.21 17.18
CA PRO B 628 -11.19 3.66 15.77
C PRO B 628 -12.31 4.68 15.67
N HIS B 629 -12.00 5.84 15.10
CA HIS B 629 -13.02 6.86 15.04
C HIS B 629 -12.81 7.68 13.77
N GLY B 630 -13.90 8.29 13.33
CA GLY B 630 -13.84 9.28 12.28
C GLY B 630 -13.72 8.69 10.89
N GLU B 631 -13.74 9.58 9.92
CA GLU B 631 -13.47 9.23 8.55
C GLU B 631 -12.54 10.28 7.97
N TYR B 632 -11.55 9.82 7.24
CA TYR B 632 -10.63 10.70 6.54
C TYR B 632 -10.65 10.28 5.09
N ASN B 633 -11.16 11.15 4.22
CA ASN B 633 -11.32 10.84 2.80
C ASN B 633 -10.58 11.93 2.04
N PRO B 634 -9.33 11.67 1.64
CA PRO B 634 -8.56 12.68 0.91
C PRO B 634 -8.97 12.79 -0.55
N SER B 635 -9.85 11.90 -1.03
CA SER B 635 -10.34 11.99 -2.40
C SER B 635 -11.51 12.97 -2.51
N LYS B 636 -12.52 12.84 -1.66
CA LYS B 636 -13.58 13.84 -1.59
C LYS B 636 -13.22 15.01 -0.69
N GLU B 637 -12.12 14.91 0.05
CA GLU B 637 -11.54 16.02 0.80
C GLU B 637 -12.45 16.46 1.96
N PHE B 638 -12.93 15.48 2.73
CA PHE B 638 -13.60 15.74 3.99
C PHE B 638 -12.96 14.93 5.09
N THR B 639 -13.14 15.40 6.33
CA THR B 639 -12.71 14.73 7.54
C THR B 639 -13.82 14.82 8.56
N LEU B 640 -14.10 13.72 9.23
CA LEU B 640 -15.12 13.70 10.26
C LEU B 640 -14.54 13.08 11.52
N GLU B 641 -14.86 13.69 12.66
CA GLU B 641 -14.55 13.14 13.98
C GLU B 641 -13.08 12.74 14.10
N ALA B 642 -12.20 13.62 13.63
CA ALA B 642 -10.77 13.35 13.73
C ALA B 642 -10.30 13.33 15.17
N GLU B 643 -11.00 14.03 16.05
CA GLU B 643 -10.63 14.06 17.45
C GLU B 643 -11.22 12.84 18.15
N SER B 644 -10.44 12.26 19.07
CA SER B 644 -10.96 11.16 19.85
C SER B 644 -12.24 11.59 20.56
N GLN B 645 -13.20 10.67 20.62
CA GLN B 645 -14.46 10.91 21.27
C GLN B 645 -14.46 10.46 22.72
N VAL B 646 -13.34 9.91 23.19
CA VAL B 646 -13.22 9.48 24.58
C VAL B 646 -12.84 10.68 25.44
N GLN B 647 -13.64 10.93 26.47
CA GLN B 647 -13.42 12.00 27.44
C GLN B 647 -12.85 11.50 28.75
N ALA B 648 -13.29 10.33 29.20
CA ALA B 648 -12.87 9.82 30.48
C ALA B 648 -12.80 8.30 30.40
N LEU B 649 -11.99 7.73 31.27
CA LEU B 649 -11.82 6.29 31.36
C LEU B 649 -11.71 5.93 32.83
N GLN B 650 -12.47 4.92 33.27
CA GLN B 650 -12.39 4.44 34.64
C GLN B 650 -12.37 2.93 34.65
N HIS B 651 -11.60 2.36 35.58
CA HIS B 651 -11.52 0.92 35.78
C HIS B 651 -11.79 0.62 37.25
N ARG B 652 -12.75 -0.26 37.52
CA ARG B 652 -13.13 -0.62 38.89
C ARG B 652 -13.30 -2.13 39.03
N GLN B 653 -12.99 -2.63 40.22
CA GLN B 653 -13.26 -4.02 40.58
C GLN B 653 -14.50 -4.07 41.47
N ALA B 654 -15.46 -4.94 41.11
CA ALA B 654 -16.71 -5.11 41.88
C ALA B 654 -16.90 -6.59 42.20
N GLY B 655 -16.26 -7.05 43.26
CA GLY B 655 -16.29 -8.46 43.60
C GLY B 655 -15.62 -9.28 42.52
N ASP B 656 -16.34 -10.20 41.89
CA ASP B 656 -15.77 -10.99 40.81
C ASP B 656 -15.88 -10.28 39.46
N LEU B 657 -16.34 -9.03 39.44
CA LEU B 657 -16.59 -8.30 38.21
C LEU B 657 -15.53 -7.23 37.99
N GLU B 658 -15.25 -6.96 36.72
CA GLU B 658 -14.39 -5.85 36.30
C GLU B 658 -15.25 -4.91 35.48
N LEU B 659 -15.10 -3.61 35.72
CA LEU B 659 -15.88 -2.60 35.06
C LEU B 659 -14.94 -1.63 34.38
N ILE B 660 -15.21 -1.32 33.12
CA ILE B 660 -14.45 -0.31 32.38
C ILE B 660 -15.46 0.69 31.86
N ALA B 661 -15.36 1.93 32.34
CA ALA B 661 -16.28 2.98 31.94
C ALA B 661 -15.56 3.93 30.99
N ILE B 662 -16.15 4.14 29.81
CA ILE B 662 -15.58 5.00 28.77
C ILE B 662 -16.56 6.15 28.60
N GLY B 663 -16.17 7.33 29.08
CA GLY B 663 -16.96 8.53 28.85
C GLY B 663 -16.77 9.04 27.44
N ILE B 664 -17.89 9.30 26.77
CA ILE B 664 -17.88 9.73 25.35
C ILE B 664 -18.32 11.19 25.24
N LYS B 665 -17.72 11.92 24.32
CA LYS B 665 -18.12 13.33 24.10
C LYS B 665 -19.53 13.36 23.50
N ASN B 666 -20.43 14.12 24.11
CA ASN B 666 -21.79 14.29 23.55
C ASN B 666 -22.38 12.91 23.37
N GLY B 667 -22.18 12.06 24.37
CA GLY B 667 -22.62 10.68 24.20
C GLY B 667 -22.77 9.95 25.51
N ALA B 668 -23.41 8.81 25.42
CA ALA B 668 -23.58 7.97 26.61
C ALA B 668 -22.26 7.30 26.99
N THR B 669 -22.06 7.13 28.28
CA THR B 669 -20.88 6.39 28.76
C THR B 669 -21.02 4.93 28.34
N GLN B 670 -19.98 4.35 27.76
CA GLN B 670 -19.89 2.93 27.45
C GLN B 670 -19.31 2.21 28.66
N LEU B 671 -20.05 1.25 29.19
CA LEU B 671 -19.63 0.55 30.39
C LEU B 671 -19.52 -0.94 30.07
N LEU B 672 -18.29 -1.43 29.97
CA LEU B 672 -18.02 -2.85 29.86
C LEU B 672 -17.98 -3.46 31.25
N ALA B 673 -18.84 -4.44 31.50
CA ALA B 673 -18.81 -5.22 32.73
C ALA B 673 -18.59 -6.69 32.37
N TYR B 674 -17.62 -7.33 33.00
CA TYR B 674 -17.44 -8.76 32.76
C TYR B 674 -17.07 -9.46 34.05
N ASN B 675 -17.44 -10.74 34.10
CA ASN B 675 -17.09 -11.62 35.20
C ASN B 675 -15.68 -12.17 34.98
N ARG B 676 -14.87 -12.12 36.04
CA ARG B 676 -13.45 -12.45 35.97
C ARG B 676 -13.13 -13.92 36.19
N SER B 677 -14.04 -14.70 36.77
CA SER B 677 -13.66 -16.00 37.27
C SER B 677 -13.74 -17.06 36.17
N SER B 678 -13.26 -18.27 36.51
CA SER B 678 -12.93 -19.28 35.50
C SER B 678 -14.16 -19.77 34.75
N ASN B 679 -15.08 -20.43 35.45
CA ASN B 679 -16.26 -20.98 34.81
C ASN B 679 -17.44 -20.07 35.12
N VAL B 680 -18.09 -19.60 34.06
CA VAL B 680 -19.25 -18.71 34.19
C VAL B 680 -20.34 -19.22 33.25
N PRO B 681 -21.35 -19.92 33.75
CA PRO B 681 -22.42 -20.44 32.87
C PRO B 681 -23.15 -19.30 32.15
N GLU B 682 -23.77 -19.66 31.02
CA GLU B 682 -24.37 -18.64 30.17
C GLU B 682 -25.46 -17.86 30.89
N GLU B 683 -26.20 -18.50 31.79
CA GLU B 683 -27.33 -17.82 32.44
C GLU B 683 -26.99 -17.32 33.84
N LEU B 684 -25.74 -17.42 34.28
CA LEU B 684 -25.35 -16.88 35.58
C LEU B 684 -25.70 -15.39 35.64
N GLU B 685 -26.29 -14.97 36.76
CA GLU B 685 -26.73 -13.58 36.92
C GLU B 685 -25.65 -12.78 37.62
N ASN B 686 -25.54 -11.50 37.26
CA ASN B 686 -24.62 -10.58 37.91
C ASN B 686 -25.29 -9.24 38.11
N ILE B 687 -25.01 -8.59 39.25
CA ILE B 687 -25.36 -7.20 39.44
C ILE B 687 -24.16 -6.45 40.00
N PHE B 688 -24.24 -5.13 39.88
CA PHE B 688 -23.25 -4.25 40.45
C PHE B 688 -23.84 -2.86 40.50
N GLU B 689 -23.17 -2.00 41.25
CA GLU B 689 -23.55 -0.61 41.39
C GLU B 689 -22.55 0.24 40.64
N TYR B 690 -23.03 1.14 39.80
CA TYR B 690 -22.18 2.12 39.15
C TYR B 690 -22.91 3.46 39.19
N ASP B 691 -22.28 4.45 39.82
CA ASP B 691 -22.79 5.82 39.84
C ASP B 691 -24.21 5.89 40.40
N GLY B 692 -24.48 5.10 41.44
CA GLY B 692 -25.75 5.17 42.14
C GLY B 692 -26.88 4.35 41.54
N ARG B 693 -26.71 3.78 40.35
CA ARG B 693 -27.73 2.92 39.75
C ARG B 693 -27.26 1.46 39.81
N LYS B 694 -28.21 0.57 39.54
CA LYS B 694 -27.96 -0.87 39.60
C LYS B 694 -28.05 -1.43 38.19
N TYR B 695 -27.07 -2.26 37.83
CA TYR B 695 -27.03 -2.88 36.51
C TYR B 695 -26.92 -4.38 36.70
N GLN B 696 -27.47 -5.11 35.75
CA GLN B 696 -27.60 -6.54 35.84
C GLN B 696 -27.34 -7.16 34.47
N PHE B 697 -26.68 -8.32 34.45
CA PHE B 697 -26.47 -8.99 33.17
C PHE B 697 -26.27 -10.49 33.40
N THR B 698 -26.56 -11.26 32.36
CA THR B 698 -26.43 -12.72 32.39
C THR B 698 -25.15 -13.16 31.69
N GLY B 699 -24.34 -13.95 32.39
CA GLY B 699 -23.21 -14.59 31.75
C GLY B 699 -21.87 -13.89 31.88
N ARG B 700 -21.05 -13.97 30.83
CA ARG B 700 -19.67 -13.52 30.93
C ARG B 700 -19.56 -12.00 31.03
N ALA B 701 -20.30 -11.30 30.19
CA ALA B 701 -19.98 -9.89 29.98
C ALA B 701 -21.15 -9.19 29.32
N LYS B 702 -21.20 -7.86 29.51
CA LYS B 702 -22.23 -7.05 28.89
C LYS B 702 -21.69 -5.63 28.76
N LEU B 703 -21.96 -5.01 27.61
CA LEU B 703 -21.68 -3.60 27.39
C LEU B 703 -22.96 -2.80 27.60
N PHE B 704 -22.93 -1.87 28.57
CA PHE B 704 -24.09 -1.04 28.87
C PHE B 704 -23.93 0.36 28.29
N GLN B 705 -25.06 0.98 27.96
CA GLN B 705 -25.15 2.38 27.58
C GLN B 705 -25.71 3.15 28.75
N ILE B 706 -24.93 4.06 29.32
CA ILE B 706 -25.40 4.92 30.41
C ILE B 706 -25.51 6.33 29.87
N THR B 707 -26.76 6.75 29.67
CA THR B 707 -27.05 8.05 29.10
C THR B 707 -26.97 9.15 30.16
#